data_6CZ9
#
_entry.id   6CZ9
#
_cell.length_a   232.512
_cell.length_b   86.306
_cell.length_c   147.367
_cell.angle_alpha   90.00
_cell.angle_beta   127.72
_cell.angle_gamma   90.00
#
_symmetry.space_group_name_H-M   'C 1 2 1'
#
loop_
_entity.id
_entity.type
_entity.pdbx_description
1 polymer ArrA
2 polymer '4Fe-4S ferredoxin, iron-sulfur binding domain protein'
3 non-polymer 'IRON/SULFUR CLUSTER'
4 non-polymer '2-AMINO-5,6-DIMERCAPTO-7-METHYL-3,7,8A,9-TETRAHYDRO-8-OXA-1,3,9,10-TETRAAZA-ANTHRACEN-4-ONE GUANOSINE DINUCLEOTIDE'
5 non-polymer 'MOLYBDENUM ATOM'
6 non-polymer ARSENITE
7 non-polymer 'FORMIC ACID'
8 non-polymer 1-METHOXY-2-[2-(2-METHOXY-ETHOXY]-ETHANE
9 non-polymer DI(HYDROXYETHYL)ETHER
10 water water
#
loop_
_entity_poly.entity_id
_entity_poly.type
_entity_poly.pdbx_seq_one_letter_code
_entity_poly.pdbx_strand_id
1 'polypeptide(L)'
;GAELPAPLRRTGVGEWLATTCQGCTSWCAKQIYVMDGRALKVRGNPNSGVHGMSSCPRQHLSLQQVYDPDRLRTPMMRTN
PKKGRDQDPKFVPISWDKALDMLADKIIALRVANEPHKYALLRGRYSHINDLLYKKMTNLIGSPNNISHSSVCAEAHKMG
PYYLDGNWGYNQYDVKNAKFILSFGADPIASNRQVSFYSQTWGDSLDHAKVVVVDPRLSASAAKAHKWIPIEPGQDSVLA
LAIAHVALVEGVWHKPFVGDFIEGKNLFKAGKTVSVESFKETHTYGLVEWWNQALKDYTPEWASKITGIDPKTIIAIAKD
MGAAAPAVQVWTSRGAVMQARGTYTSISCHALNGLFGGIDSKGGLFPGNKTPLLKEYPEAKAYMDEIAAKGVKKEKIDQR
GRLEFPALAKGKSGGGVITANAANGIRNQDPYEIKVMLAYFNNFNFSNPEGQRWDEALSKVDFMAHITTNVSEFSWFADV
LLPSSHHMFEKWGVLDSIGNGVAQISIQQPSIKRLWDTRIDESEIPYMLAKKLADKGFDAPWRYINEQIVDPETGKPAAD
EAEFAKLMVRYLTAPLWKEDASKYGDKLSSWDEFVQKGVWNSSPYKLEARWGKFKTETTKFEFYSKTLEKALQSHADKHK
VSIDEVMKACDYQARGHLAFIPHYEEPYRFGDESEFPLLLVDQKSRLNKEGRTANSPWYYEFKDVDPGDVANEDVAKFNP
IDGKKFGLKDGDEIRITSPVGMLTCKAKLWEGVRPGTVAKCFGQGHWAYGRYASAKFGVTPRGGSNNDLIADRYDRLSGA
SAFYGHIRVRVEKV
;
A,C
2 'polypeptide(L)'
;MRLGMVIDLQKCVGCGGCSLACKTENNTNDGIHWSHHIATTEGTFPDVKYTYIPTLCNHCDDAPCVKVCPTGAMHKDKRG
LTLQNNDECIGCKKCMNACPYGVISFNAATPHRRWQDDSEVVANGTVSPLMLLKRTGATATPNENPERGDTYPMIRPKRT
TEKCTFCDHRLDKGLNPACVDACPSEARVIGDLDDPQSKVSQLIKLHKPMQLKPEAGTGPRVFYIRSFGVKTAY
;
B,D
#
# COMPACT_ATOMS: atom_id res chain seq x y z
N GLY A 1 10.25 -24.47 -31.67
CA GLY A 1 8.95 -24.37 -32.38
C GLY A 1 8.47 -22.94 -32.44
N ALA A 2 7.43 -22.70 -33.24
CA ALA A 2 6.84 -21.38 -33.29
C ALA A 2 6.33 -21.00 -31.91
N GLU A 3 6.22 -19.70 -31.68
CA GLU A 3 5.55 -19.22 -30.47
C GLU A 3 4.10 -19.67 -30.49
N LEU A 4 3.56 -19.98 -29.31
CA LEU A 4 2.20 -20.47 -29.26
C LEU A 4 1.21 -19.31 -29.43
N PRO A 5 0.07 -19.55 -30.07
CA PRO A 5 -0.95 -18.50 -30.15
C PRO A 5 -1.56 -18.26 -28.79
N ALA A 6 -2.06 -17.04 -28.60
CA ALA A 6 -2.48 -16.63 -27.26
C ALA A 6 -3.46 -17.59 -26.61
N PRO A 7 -4.47 -18.13 -27.30
CA PRO A 7 -5.41 -19.05 -26.64
C PRO A 7 -4.76 -20.30 -26.09
N LEU A 8 -3.57 -20.67 -26.56
CA LEU A 8 -2.92 -21.90 -26.15
C LEU A 8 -1.71 -21.65 -25.26
N ARG A 9 -1.40 -20.40 -24.96
CA ARG A 9 -0.29 -20.11 -24.08
C ARG A 9 -0.64 -20.46 -22.63
N ARG A 10 0.38 -20.82 -21.87
CA ARG A 10 0.18 -21.31 -20.51
C ARG A 10 0.80 -20.45 -19.41
N THR A 11 1.65 -19.48 -19.74
CA THR A 11 2.27 -18.67 -18.70
C THR A 11 1.22 -17.98 -17.85
N GLY A 12 1.25 -18.22 -16.55
CA GLY A 12 0.44 -17.49 -15.60
C GLY A 12 -0.93 -18.04 -15.31
N VAL A 13 -1.34 -19.13 -15.95
CA VAL A 13 -2.71 -19.61 -15.80
C VAL A 13 -2.87 -20.72 -14.77
N GLY A 14 -1.78 -21.23 -14.20
CA GLY A 14 -1.86 -22.29 -13.21
C GLY A 14 -2.46 -21.80 -11.90
N GLU A 15 -2.45 -22.68 -10.89
CA GLU A 15 -3.11 -22.41 -9.62
C GLU A 15 -2.09 -22.29 -8.49
N TRP A 16 -2.31 -21.30 -7.64
CA TRP A 16 -1.49 -21.10 -6.45
C TRP A 16 -2.26 -21.60 -5.24
N LEU A 17 -1.64 -22.50 -4.46
CA LEU A 17 -2.24 -23.06 -3.26
C LEU A 17 -1.36 -22.76 -2.06
N ALA A 18 -1.98 -22.32 -0.96
CA ALA A 18 -1.23 -21.88 0.20
C ALA A 18 -0.69 -23.06 0.99
N THR A 19 0.53 -22.92 1.51
CA THR A 19 1.07 -23.88 2.46
C THR A 19 2.07 -23.15 3.34
N THR A 20 2.91 -23.91 4.04
CA THR A 20 3.95 -23.35 4.89
C THR A 20 5.25 -24.10 4.63
N CYS A 21 6.34 -23.36 4.46
CA CYS A 21 7.67 -23.91 4.37
C CYS A 21 8.24 -24.17 5.77
N GLN A 22 9.07 -25.22 5.88
CA GLN A 22 9.72 -25.51 7.17
C GLN A 22 11.20 -25.79 6.99
N GLY A 23 11.81 -25.19 5.96
CA GLY A 23 13.26 -25.23 5.82
C GLY A 23 13.98 -24.64 6.99
N CYS A 24 13.32 -23.77 7.75
CA CYS A 24 13.78 -23.36 9.06
C CYS A 24 12.57 -22.90 9.86
N THR A 25 12.82 -22.58 11.12
CA THR A 25 11.75 -22.17 12.03
C THR A 25 11.26 -20.76 11.76
N SER A 26 11.70 -20.16 10.66
CA SER A 26 10.99 -19.01 10.10
C SER A 26 9.56 -19.39 9.76
N TRP A 27 9.37 -20.62 9.29
CA TRP A 27 8.06 -21.19 8.99
C TRP A 27 7.23 -20.22 8.14
N CYS A 28 7.79 -19.87 6.99
CA CYS A 28 7.16 -18.89 6.11
C CYS A 28 5.88 -19.44 5.50
N ALA A 29 4.87 -18.59 5.43
CA ALA A 29 3.69 -18.88 4.63
C ALA A 29 4.05 -18.80 3.16
N LYS A 30 3.61 -19.80 2.39
CA LYS A 30 3.96 -19.93 0.99
C LYS A 30 2.70 -20.12 0.15
N GLN A 31 2.88 -19.96 -1.16
CA GLN A 31 1.96 -20.50 -2.14
C GLN A 31 2.74 -21.39 -3.11
N ILE A 32 2.11 -22.48 -3.52
CA ILE A 32 2.66 -23.42 -4.48
C ILE A 32 1.93 -23.27 -5.80
N TYR A 33 2.69 -23.11 -6.89
CA TYR A 33 2.13 -23.03 -8.22
C TYR A 33 2.04 -24.42 -8.83
N VAL A 34 0.84 -24.79 -9.27
CA VAL A 34 0.55 -26.15 -9.75
C VAL A 34 0.02 -26.09 -11.17
N MET A 35 0.60 -26.91 -12.04
CA MET A 35 0.19 -27.05 -13.42
C MET A 35 0.41 -28.50 -13.82
N ASP A 36 -0.56 -29.08 -14.52
CA ASP A 36 -0.50 -30.50 -14.91
C ASP A 36 -0.27 -31.39 -13.70
N GLY A 37 -0.84 -31.00 -12.56
CA GLY A 37 -0.73 -31.79 -11.35
C GLY A 37 0.61 -31.76 -10.67
N ARG A 38 1.54 -30.94 -11.13
CA ARG A 38 2.88 -30.88 -10.57
C ARG A 38 3.13 -29.52 -9.96
N ALA A 39 3.81 -29.52 -8.81
CA ALA A 39 4.29 -28.29 -8.18
C ALA A 39 5.51 -27.79 -8.94
N LEU A 40 5.46 -26.53 -9.39
CA LEU A 40 6.46 -25.96 -10.27
C LEU A 40 7.21 -24.78 -9.66
N LYS A 41 6.60 -24.08 -8.71
CA LYS A 41 7.20 -22.87 -8.15
CA LYS A 41 7.22 -22.90 -8.13
C LYS A 41 6.75 -22.74 -6.69
N VAL A 42 7.53 -22.01 -5.92
CA VAL A 42 7.20 -21.61 -4.57
C VAL A 42 7.42 -20.12 -4.49
N ARG A 43 6.49 -19.40 -3.85
CA ARG A 43 6.69 -18.00 -3.54
C ARG A 43 6.14 -17.72 -2.15
N GLY A 44 6.63 -16.65 -1.54
CA GLY A 44 6.05 -16.21 -0.28
C GLY A 44 4.59 -15.82 -0.46
N ASN A 45 3.79 -16.14 0.54
CA ASN A 45 2.37 -15.83 0.51
C ASN A 45 2.19 -14.32 0.62
N PRO A 46 1.67 -13.65 -0.42
CA PRO A 46 1.58 -12.18 -0.35
C PRO A 46 0.74 -11.66 0.81
N ASN A 47 -0.19 -12.44 1.34
CA ASN A 47 -1.02 -12.02 2.45
C ASN A 47 -0.30 -12.04 3.79
N SER A 48 0.90 -12.61 3.83
CA SER A 48 1.63 -12.70 5.08
C SER A 48 2.00 -11.32 5.58
N GLY A 49 1.66 -11.06 6.86
CA GLY A 49 2.04 -9.82 7.50
C GLY A 49 3.45 -9.79 8.04
N VAL A 50 4.07 -10.97 8.20
CA VAL A 50 5.45 -11.03 8.64
C VAL A 50 6.41 -10.74 7.50
N HIS A 51 6.27 -11.46 6.38
CA HIS A 51 7.26 -11.43 5.32
C HIS A 51 6.69 -11.11 3.94
N GLY A 52 5.38 -11.14 3.75
CA GLY A 52 4.85 -10.89 2.43
C GLY A 52 5.42 -11.87 1.41
N MET A 53 5.59 -11.40 0.19
CA MET A 53 6.14 -12.30 -0.83
C MET A 53 7.64 -12.55 -0.64
N SER A 54 8.31 -11.81 0.24
CA SER A 54 9.74 -12.00 0.45
C SER A 54 10.05 -13.44 0.88
N SER A 55 11.14 -13.98 0.34
CA SER A 55 11.58 -15.33 0.64
C SER A 55 13.09 -15.44 0.61
N CYS A 56 13.62 -16.35 1.42
CA CYS A 56 15.01 -16.79 1.30
C CYS A 56 15.12 -17.75 0.13
N PRO A 57 16.35 -18.11 -0.27
CA PRO A 57 16.51 -18.88 -1.52
C PRO A 57 16.08 -20.32 -1.40
N ARG A 58 15.94 -20.87 -0.19
CA ARG A 58 15.68 -22.29 -0.05
C ARG A 58 14.27 -22.67 -0.44
N GLN A 59 13.36 -21.70 -0.62
CA GLN A 59 12.00 -22.10 -0.99
C GLN A 59 12.01 -22.92 -2.27
N HIS A 60 12.93 -22.62 -3.19
CA HIS A 60 12.94 -23.32 -4.47
C HIS A 60 13.45 -24.74 -4.33
N LEU A 61 14.34 -25.00 -3.36
CA LEU A 61 14.82 -26.35 -3.14
C LEU A 61 13.72 -27.29 -2.68
N SER A 62 12.63 -26.75 -2.12
CA SER A 62 11.50 -27.57 -1.71
C SER A 62 11.06 -28.50 -2.83
N LEU A 63 11.17 -28.05 -4.07
CA LEU A 63 10.68 -28.79 -5.22
C LEU A 63 11.52 -30.03 -5.49
N GLN A 64 12.79 -30.04 -5.07
CA GLN A 64 13.62 -31.23 -5.15
C GLN A 64 13.53 -32.10 -3.91
N GLN A 65 12.71 -31.72 -2.94
CA GLN A 65 12.42 -32.57 -1.80
C GLN A 65 11.16 -33.40 -2.03
N VAL A 66 10.07 -32.78 -2.46
CA VAL A 66 8.86 -33.55 -2.71
C VAL A 66 9.09 -34.49 -3.90
N TYR A 67 9.82 -34.03 -4.90
CA TYR A 67 10.19 -34.82 -6.08
C TYR A 67 11.62 -35.36 -5.94
N ASP A 68 11.94 -35.81 -4.73
CA ASP A 68 13.21 -36.46 -4.45
C ASP A 68 13.10 -37.90 -4.94
N PRO A 69 14.00 -38.34 -5.83
CA PRO A 69 13.88 -39.69 -6.41
C PRO A 69 14.30 -40.80 -5.46
N ASP A 70 14.67 -40.47 -4.22
CA ASP A 70 15.02 -41.45 -3.21
C ASP A 70 14.03 -41.48 -2.07
N ARG A 71 12.86 -40.87 -2.22
CA ARG A 71 11.82 -41.00 -1.22
C ARG A 71 11.33 -42.45 -1.16
N LEU A 72 10.95 -42.87 0.03
CA LEU A 72 10.26 -44.15 0.24
C LEU A 72 8.84 -44.07 -0.31
N ARG A 73 8.40 -45.15 -0.96
CA ARG A 73 7.03 -45.23 -1.46
C ARG A 73 6.18 -46.25 -0.74
N THR A 74 6.73 -46.97 0.24
CA THR A 74 6.03 -48.06 0.90
C THR A 74 6.59 -48.26 2.29
N PRO A 75 5.79 -48.72 3.25
CA PRO A 75 6.36 -49.23 4.48
C PRO A 75 7.35 -50.35 4.18
N MET A 76 8.30 -50.53 5.09
CA MET A 76 9.29 -51.60 4.96
C MET A 76 9.60 -52.17 6.34
N MET A 77 10.15 -53.38 6.33
CA MET A 77 10.73 -53.97 7.54
C MET A 77 12.14 -54.44 7.21
N ARG A 78 13.05 -54.32 8.17
CA ARG A 78 14.39 -54.86 8.00
C ARG A 78 14.34 -56.37 8.11
N THR A 79 15.23 -57.05 7.40
CA THR A 79 15.36 -58.49 7.49
C THR A 79 16.72 -58.94 8.03
N ASN A 80 17.64 -58.00 8.25
CA ASN A 80 18.85 -58.28 9.00
C ASN A 80 18.54 -58.00 10.47
N PRO A 81 18.46 -59.02 11.34
CA PRO A 81 18.14 -58.76 12.75
C PRO A 81 19.22 -57.98 13.47
N LYS A 82 20.41 -57.89 12.90
CA LYS A 82 21.51 -57.12 13.47
C LYS A 82 21.41 -55.69 13.00
N LYS A 83 21.77 -54.76 13.88
CA LYS A 83 21.78 -53.34 13.59
C LYS A 83 23.17 -52.79 13.79
N GLY A 84 23.53 -51.80 12.99
CA GLY A 84 24.81 -51.15 13.10
C GLY A 84 25.17 -50.41 11.83
N ARG A 85 26.08 -49.46 11.98
CA ARG A 85 26.62 -48.73 10.84
C ARG A 85 27.15 -49.68 9.77
N ASP A 86 27.64 -50.86 10.19
CA ASP A 86 28.20 -51.85 9.28
C ASP A 86 27.19 -52.91 8.87
N GLN A 87 25.94 -52.80 9.29
CA GLN A 87 24.92 -53.82 9.06
C GLN A 87 23.90 -53.29 8.05
N ASP A 88 23.87 -53.92 6.89
CA ASP A 88 22.85 -53.61 5.89
C ASP A 88 21.50 -54.10 6.41
N PRO A 89 20.50 -53.22 6.58
CA PRO A 89 19.22 -53.67 7.14
C PRO A 89 18.45 -54.63 6.24
N LYS A 90 18.74 -54.65 4.94
CA LYS A 90 18.03 -55.49 3.99
C LYS A 90 16.52 -55.29 4.11
N PHE A 91 16.10 -54.03 3.94
CA PHE A 91 14.69 -53.69 4.02
C PHE A 91 13.91 -54.37 2.91
N VAL A 92 12.71 -54.82 3.24
CA VAL A 92 11.80 -55.36 2.24
C VAL A 92 10.44 -54.68 2.38
N PRO A 93 9.69 -54.50 1.31
CA PRO A 93 8.44 -53.76 1.40
C PRO A 93 7.36 -54.58 2.10
N ILE A 94 6.52 -53.87 2.87
CA ILE A 94 5.35 -54.46 3.50
C ILE A 94 4.21 -53.44 3.42
N SER A 95 3.03 -53.87 3.84
CA SER A 95 1.86 -53.01 3.83
C SER A 95 1.83 -52.14 5.09
N TRP A 96 1.04 -51.07 5.03
CA TRP A 96 0.80 -50.28 6.23
C TRP A 96 0.20 -51.14 7.34
N ASP A 97 -0.79 -51.97 7.00
CA ASP A 97 -1.43 -52.80 8.01
C ASP A 97 -0.41 -53.71 8.70
N LYS A 98 0.48 -54.32 7.93
CA LYS A 98 1.49 -55.18 8.54
C LYS A 98 2.48 -54.39 9.37
N ALA A 99 2.91 -53.23 8.86
CA ALA A 99 3.87 -52.41 9.60
C ALA A 99 3.29 -51.95 10.94
N LEU A 100 2.04 -51.50 10.94
CA LEU A 100 1.44 -51.05 12.19
C LEU A 100 1.06 -52.23 13.07
N ASP A 101 0.73 -53.37 12.47
CA ASP A 101 0.53 -54.58 13.26
C ASP A 101 1.77 -54.90 14.07
N MET A 102 2.94 -54.85 13.44
CA MET A 102 4.20 -55.15 14.14
C MET A 102 4.44 -54.15 15.26
N LEU A 103 4.32 -52.85 14.97
CA LEU A 103 4.51 -51.85 16.00
C LEU A 103 3.49 -52.02 17.12
N ALA A 104 2.24 -52.27 16.76
CA ALA A 104 1.17 -52.39 17.76
C ALA A 104 1.43 -53.56 18.70
N ASP A 105 1.85 -54.70 18.16
CA ASP A 105 2.11 -55.86 19.02
C ASP A 105 3.19 -55.53 20.06
N LYS A 106 4.24 -54.81 19.64
CA LYS A 106 5.33 -54.49 20.56
C LYS A 106 4.88 -53.51 21.65
N ILE A 107 4.00 -52.57 21.31
CA ILE A 107 3.51 -51.62 22.31
C ILE A 107 2.66 -52.36 23.33
N ILE A 108 1.74 -53.19 22.86
CA ILE A 108 0.84 -53.89 23.77
C ILE A 108 1.62 -54.83 24.68
N ALA A 109 2.67 -55.45 24.15
CA ALA A 109 3.51 -56.33 24.97
C ALA A 109 4.10 -55.57 26.15
N LEU A 110 4.53 -54.33 25.92
CA LEU A 110 5.03 -53.50 27.01
C LEU A 110 3.98 -53.35 28.10
N ARG A 111 2.74 -53.04 27.70
CA ARG A 111 1.68 -52.80 28.67
C ARG A 111 1.36 -54.07 29.45
N VAL A 112 1.25 -55.20 28.76
CA VAL A 112 0.99 -56.47 29.43
C VAL A 112 2.07 -56.78 30.46
N ALA A 113 3.32 -56.40 30.15
CA ALA A 113 4.44 -56.63 31.05
C ALA A 113 4.66 -55.49 32.04
N ASN A 114 3.73 -54.54 32.12
CA ASN A 114 3.82 -53.42 33.06
C ASN A 114 5.12 -52.64 32.88
N GLU A 115 5.53 -52.45 31.63
CA GLU A 115 6.72 -51.66 31.32
C GLU A 115 6.44 -50.67 30.19
N PRO A 116 5.31 -49.95 30.27
CA PRO A 116 5.00 -48.98 29.20
C PRO A 116 6.00 -47.84 29.11
N HIS A 117 6.69 -47.52 30.20
CA HIS A 117 7.68 -46.46 30.19
C HIS A 117 8.89 -46.78 29.33
N LYS A 118 9.07 -48.04 28.92
CA LYS A 118 10.14 -48.43 28.02
C LYS A 118 9.79 -48.16 26.57
N TYR A 119 8.68 -47.44 26.34
CA TYR A 119 8.36 -46.86 25.04
C TYR A 119 8.88 -45.43 24.99
N ALA A 120 9.34 -45.02 23.80
CA ALA A 120 9.82 -43.66 23.61
C ALA A 120 9.31 -43.12 22.27
N LEU A 121 8.92 -41.85 22.29
CA LEU A 121 8.51 -41.13 21.10
C LEU A 121 9.53 -40.02 20.89
N LEU A 122 10.22 -40.06 19.75
CA LEU A 122 11.21 -39.05 19.40
C LEU A 122 10.65 -38.13 18.32
N ARG A 123 10.76 -36.83 18.55
CA ARG A 123 10.23 -35.81 17.64
C ARG A 123 11.39 -34.93 17.19
N GLY A 124 11.55 -34.82 15.87
CA GLY A 124 12.46 -33.85 15.30
C GLY A 124 11.70 -32.60 14.94
N ARG A 125 11.53 -32.35 13.65
CA ARG A 125 10.62 -31.29 13.22
C ARG A 125 9.18 -31.76 13.41
N TYR A 126 8.25 -30.82 13.25
CA TYR A 126 6.89 -31.00 13.72
C TYR A 126 6.07 -29.80 13.25
N SER A 127 4.76 -29.90 13.45
CA SER A 127 3.85 -28.76 13.27
C SER A 127 3.04 -28.61 14.55
N HIS A 128 2.17 -27.61 14.60
CA HIS A 128 1.42 -27.37 15.82
C HIS A 128 0.27 -28.37 16.04
N ILE A 129 0.12 -29.40 15.19
CA ILE A 129 -0.83 -30.46 15.49
C ILE A 129 -0.14 -31.63 16.19
N ASN A 130 1.10 -31.43 16.64
CA ASN A 130 1.90 -32.55 17.14
C ASN A 130 1.39 -33.15 18.44
N ASP A 131 0.49 -32.47 19.16
CA ASP A 131 0.17 -32.87 20.53
C ASP A 131 -0.33 -34.32 20.59
N LEU A 132 -1.11 -34.76 19.61
CA LEU A 132 -1.63 -36.12 19.66
C LEU A 132 -0.52 -37.17 19.63
N LEU A 133 0.30 -37.14 18.58
CA LEU A 133 1.34 -38.17 18.42
C LEU A 133 2.43 -38.03 19.47
N TYR A 134 2.81 -36.79 19.77
CA TYR A 134 3.96 -36.51 20.62
C TYR A 134 3.64 -36.78 22.08
N LYS A 135 2.54 -36.24 22.57
CA LYS A 135 2.23 -36.24 24.00
C LYS A 135 1.11 -37.21 24.36
N LYS A 136 -0.06 -37.09 23.73
CA LYS A 136 -1.22 -37.83 24.18
C LYS A 136 -1.07 -39.33 23.94
N MET A 137 -0.72 -39.72 22.71
CA MET A 137 -0.48 -41.12 22.42
C MET A 137 0.54 -41.71 23.38
N THR A 138 1.62 -40.98 23.61
CA THR A 138 2.71 -41.47 24.45
C THR A 138 2.26 -41.68 25.89
N ASN A 139 1.56 -40.70 26.45
CA ASN A 139 1.11 -40.82 27.83
C ASN A 139 0.02 -41.87 27.96
N LEU A 140 -0.88 -41.97 26.98
CA LEU A 140 -1.92 -42.99 27.06
C LEU A 140 -1.31 -44.39 27.02
N ILE A 141 -0.28 -44.59 26.20
CA ILE A 141 0.47 -45.85 26.25
C ILE A 141 1.04 -46.05 27.65
N GLY A 142 1.55 -44.97 28.25
CA GLY A 142 2.00 -45.02 29.63
C GLY A 142 3.46 -44.67 29.80
N SER A 143 3.97 -43.77 28.95
CA SER A 143 5.38 -43.43 28.96
C SER A 143 5.58 -41.93 29.21
N PRO A 144 6.63 -41.57 29.96
CA PRO A 144 7.01 -40.16 30.07
C PRO A 144 8.00 -39.70 29.01
N ASN A 145 8.33 -40.56 28.06
CA ASN A 145 9.47 -40.33 27.17
C ASN A 145 9.03 -39.82 25.80
N ASN A 146 8.32 -38.70 25.81
CA ASN A 146 8.16 -37.91 24.59
C ASN A 146 9.36 -36.94 24.53
N ILE A 147 10.30 -37.23 23.65
CA ILE A 147 11.60 -36.55 23.60
C ILE A 147 11.64 -35.71 22.33
N SER A 148 11.54 -34.38 22.50
CA SER A 148 11.70 -33.45 21.40
C SER A 148 13.18 -33.27 21.07
N HIS A 149 13.50 -32.45 20.06
CA HIS A 149 14.88 -32.13 19.74
C HIS A 149 15.32 -30.77 20.28
N SER A 150 14.55 -30.16 21.19
CA SER A 150 14.76 -28.76 21.50
C SER A 150 16.16 -28.47 22.04
N SER A 151 16.75 -29.39 22.78
CA SER A 151 18.05 -29.08 23.40
C SER A 151 19.23 -29.19 22.44
N VAL A 152 19.07 -29.79 21.26
CA VAL A 152 20.12 -29.73 20.25
C VAL A 152 19.79 -28.56 19.32
N CYS A 153 18.79 -27.76 19.68
CA CYS A 153 18.43 -26.59 18.90
C CYS A 153 18.96 -25.30 19.52
N ALA A 154 18.24 -24.75 20.50
CA ALA A 154 18.60 -23.44 21.00
C ALA A 154 18.06 -23.12 22.40
N GLU A 155 17.92 -24.14 23.26
CA GLU A 155 17.34 -23.86 24.57
C GLU A 155 18.22 -22.91 25.37
N ALA A 156 19.54 -22.95 25.17
CA ALA A 156 20.41 -22.01 25.88
C ALA A 156 20.10 -20.57 25.48
N HIS A 157 19.62 -20.37 24.25
CA HIS A 157 19.25 -19.04 23.76
C HIS A 157 18.00 -18.49 24.45
N LYS A 158 17.23 -19.34 25.13
CA LYS A 158 16.05 -18.91 25.87
C LYS A 158 16.35 -18.59 27.33
N MET A 159 17.56 -18.90 27.83
CA MET A 159 17.84 -18.71 29.24
C MET A 159 17.86 -17.24 29.62
N GLY A 160 18.51 -16.41 28.81
CA GLY A 160 18.54 -15.00 29.09
C GLY A 160 17.15 -14.38 29.08
N PRO A 161 16.43 -14.54 27.96
CA PRO A 161 15.07 -13.98 27.91
C PRO A 161 14.16 -14.47 29.02
N TYR A 162 14.28 -15.74 29.44
CA TYR A 162 13.40 -16.21 30.51
C TYR A 162 13.81 -15.67 31.87
N TYR A 163 15.08 -15.83 32.23
CA TYR A 163 15.51 -15.48 33.58
C TYR A 163 15.73 -13.99 33.77
N LEU A 164 15.69 -13.20 32.69
CA LEU A 164 15.73 -11.74 32.78
C LEU A 164 14.37 -11.09 32.56
N ASP A 165 13.55 -11.57 31.60
CA ASP A 165 12.27 -10.92 31.38
C ASP A 165 11.11 -11.91 31.16
N GLY A 166 11.27 -13.17 31.56
CA GLY A 166 10.15 -14.06 31.67
C GLY A 166 9.69 -14.71 30.39
N ASN A 167 10.46 -14.63 29.32
CA ASN A 167 10.09 -15.18 28.02
C ASN A 167 10.89 -16.46 27.79
N TRP A 168 10.26 -17.62 28.01
CA TRP A 168 10.89 -18.87 27.59
C TRP A 168 10.55 -19.08 26.11
N GLY A 169 11.31 -18.41 25.27
CA GLY A 169 10.99 -18.37 23.86
C GLY A 169 11.88 -17.38 23.14
N TYR A 170 11.57 -17.18 21.86
CA TYR A 170 12.38 -16.33 21.01
C TYR A 170 11.82 -14.91 20.97
N ASN A 171 12.56 -14.02 20.31
CA ASN A 171 12.13 -12.65 20.08
C ASN A 171 12.10 -12.37 18.58
N GLN A 172 11.31 -11.37 18.21
CA GLN A 172 11.40 -10.74 16.91
C GLN A 172 12.15 -9.41 17.06
N TYR A 173 12.84 -9.01 16.00
CA TYR A 173 13.77 -7.89 16.05
C TYR A 173 13.27 -6.79 15.12
N ASP A 174 13.10 -5.58 15.67
CA ASP A 174 12.44 -4.48 14.96
C ASP A 174 13.46 -3.71 14.10
N VAL A 175 13.96 -4.42 13.08
CA VAL A 175 15.05 -3.91 12.25
C VAL A 175 14.67 -2.62 11.52
N LYS A 176 13.41 -2.48 11.12
CA LYS A 176 13.00 -1.31 10.34
C LYS A 176 13.20 -0.01 11.10
N ASN A 177 13.17 -0.08 12.44
CA ASN A 177 13.28 1.11 13.28
C ASN A 177 14.53 1.10 14.13
N ALA A 178 15.42 0.12 13.94
CA ALA A 178 16.63 0.04 14.75
C ALA A 178 17.59 1.17 14.41
N LYS A 179 18.29 1.67 15.42
CA LYS A 179 19.42 2.55 15.21
C LYS A 179 20.76 1.90 15.52
N PHE A 180 20.76 0.81 16.30
CA PHE A 180 21.98 0.05 16.51
C PHE A 180 21.63 -1.43 16.60
N ILE A 181 22.36 -2.24 15.83
CA ILE A 181 22.19 -3.68 15.82
C ILE A 181 23.53 -4.30 16.20
N LEU A 182 23.53 -5.08 17.29
CA LEU A 182 24.72 -5.79 17.76
C LEU A 182 24.38 -7.27 17.71
N SER A 183 25.07 -8.02 16.85
CA SER A 183 24.79 -9.43 16.67
C SER A 183 25.95 -10.26 17.20
N PHE A 184 25.67 -11.06 18.23
CA PHE A 184 26.61 -12.04 18.75
C PHE A 184 26.36 -13.35 18.02
N GLY A 185 26.96 -13.47 16.83
CA GLY A 185 26.95 -14.70 16.07
C GLY A 185 25.75 -14.91 15.18
N ALA A 186 24.75 -14.03 15.24
CA ALA A 186 23.56 -14.20 14.41
C ALA A 186 23.83 -13.66 13.01
N ASP A 187 23.22 -14.30 12.03
CA ASP A 187 23.50 -14.07 10.60
C ASP A 187 22.15 -14.04 9.90
N PRO A 188 21.33 -13.02 10.20
CA PRO A 188 19.89 -13.12 9.91
C PRO A 188 19.52 -13.05 8.43
N ILE A 189 20.44 -12.71 7.53
CA ILE A 189 20.14 -12.73 6.11
C ILE A 189 20.54 -14.09 5.52
N ALA A 190 20.84 -15.06 6.40
CA ALA A 190 21.20 -16.40 5.95
C ALA A 190 20.57 -17.48 6.83
N SER A 191 20.65 -17.34 8.15
CA SER A 191 19.96 -18.25 9.06
C SER A 191 19.22 -17.44 10.11
N ASN A 192 18.91 -18.08 11.26
CA ASN A 192 18.00 -17.54 12.27
C ASN A 192 16.55 -17.62 11.78
N ARG A 193 15.62 -16.87 12.39
CA ARG A 193 14.22 -17.30 12.42
C ARG A 193 13.25 -16.39 11.67
N GLN A 194 13.75 -15.51 10.81
CA GLN A 194 12.91 -14.99 9.74
C GLN A 194 13.82 -14.54 8.60
N VAL A 195 14.44 -15.50 7.91
CA VAL A 195 15.42 -15.15 6.90
C VAL A 195 14.78 -14.33 5.80
N SER A 196 13.51 -14.63 5.49
CA SER A 196 12.79 -13.91 4.43
C SER A 196 12.64 -12.44 4.80
N PHE A 197 12.15 -12.18 6.02
CA PHE A 197 11.88 -10.80 6.42
C PHE A 197 13.16 -10.03 6.71
N TYR A 198 14.13 -10.65 7.38
CA TYR A 198 15.36 -9.92 7.68
C TYR A 198 16.18 -9.71 6.41
N SER A 199 16.08 -10.62 5.43
CA SER A 199 16.70 -10.37 4.14
C SER A 199 16.01 -9.22 3.41
N GLN A 200 14.69 -9.13 3.55
CA GLN A 200 13.92 -8.04 2.94
C GLN A 200 14.41 -6.68 3.44
N THR A 201 14.79 -6.59 4.71
CA THR A 201 14.99 -5.31 5.37
C THR A 201 16.43 -4.94 5.66
N TRP A 202 17.36 -5.90 5.59
CA TRP A 202 18.70 -5.68 6.15
C TRP A 202 19.41 -4.53 5.44
N GLY A 203 19.50 -4.57 4.11
CA GLY A 203 20.24 -3.55 3.39
C GLY A 203 19.66 -2.17 3.58
N ASP A 204 18.33 -2.05 3.49
CA ASP A 204 17.68 -0.76 3.73
C ASP A 204 18.00 -0.23 5.13
N SER A 205 18.06 -1.12 6.13
CA SER A 205 18.25 -0.70 7.50
C SER A 205 19.61 -0.06 7.73
N LEU A 206 20.61 -0.38 6.89
CA LEU A 206 21.95 0.17 7.06
C LEU A 206 21.98 1.69 6.91
N ASP A 207 20.94 2.28 6.34
CA ASP A 207 20.90 3.74 6.23
C ASP A 207 20.48 4.42 7.51
N HIS A 208 19.93 3.69 8.49
CA HIS A 208 19.55 4.29 9.76
C HIS A 208 20.03 3.50 10.97
N ALA A 209 20.68 2.36 10.77
CA ALA A 209 21.18 1.56 11.87
C ALA A 209 22.67 1.34 11.66
N LYS A 210 23.42 1.46 12.75
CA LYS A 210 24.81 1.04 12.79
C LYS A 210 24.85 -0.42 13.24
N VAL A 211 25.56 -1.26 12.48
CA VAL A 211 25.44 -2.71 12.62
C VAL A 211 26.82 -3.29 12.88
N VAL A 212 26.93 -4.03 13.97
CA VAL A 212 28.17 -4.71 14.37
C VAL A 212 27.87 -6.19 14.49
N VAL A 213 28.65 -7.01 13.79
CA VAL A 213 28.47 -8.47 13.80
C VAL A 213 29.70 -9.11 14.40
N VAL A 214 29.49 -9.87 15.47
CA VAL A 214 30.53 -10.54 16.24
C VAL A 214 30.45 -12.02 15.90
N ASP A 215 31.42 -12.51 15.14
CA ASP A 215 31.38 -13.88 14.63
C ASP A 215 32.79 -14.30 14.26
N PRO A 216 33.24 -15.49 14.64
CA PRO A 216 34.59 -15.91 14.25
C PRO A 216 34.84 -15.93 12.76
N ARG A 217 33.79 -15.99 11.94
CA ARG A 217 33.89 -15.93 10.49
C ARG A 217 33.18 -14.69 9.96
N LEU A 218 33.59 -14.27 8.76
CA LEU A 218 32.93 -13.20 8.03
C LEU A 218 31.68 -13.78 7.39
N SER A 219 30.56 -13.66 8.10
CA SER A 219 29.27 -14.13 7.61
C SER A 219 28.72 -13.15 6.58
N ALA A 220 27.69 -13.61 5.86
CA ALA A 220 26.99 -12.72 4.94
C ALA A 220 26.57 -11.44 5.65
N SER A 221 26.01 -11.56 6.86
CA SER A 221 25.58 -10.39 7.60
C SER A 221 26.76 -9.49 7.96
N ALA A 222 27.85 -10.09 8.45
CA ALA A 222 29.04 -9.31 8.78
C ALA A 222 29.58 -8.60 7.55
N ALA A 223 29.51 -9.25 6.39
CA ALA A 223 29.96 -8.62 5.15
C ALA A 223 29.11 -7.42 4.77
N LYS A 224 27.86 -7.35 5.25
CA LYS A 224 26.99 -6.19 5.06
C LYS A 224 26.76 -5.46 6.39
N ALA A 225 27.84 -5.30 7.16
CA ALA A 225 27.78 -4.63 8.45
C ALA A 225 28.87 -3.56 8.51
N HIS A 226 28.70 -2.63 9.44
CA HIS A 226 29.68 -1.56 9.62
C HIS A 226 30.91 -2.02 10.39
N LYS A 227 30.83 -3.13 11.10
CA LYS A 227 31.98 -3.66 11.81
C LYS A 227 31.82 -5.17 11.96
N TRP A 228 32.86 -5.90 11.56
CA TRP A 228 32.98 -7.33 11.82
C TRP A 228 33.98 -7.51 12.95
N ILE A 229 33.53 -8.08 14.07
CA ILE A 229 34.40 -8.40 15.18
C ILE A 229 34.67 -9.91 15.13
N PRO A 230 35.88 -10.34 14.75
CA PRO A 230 36.13 -11.79 14.58
C PRO A 230 36.50 -12.43 15.92
N ILE A 231 35.49 -12.60 16.76
CA ILE A 231 35.71 -13.04 18.13
C ILE A 231 36.29 -14.44 18.17
N GLU A 232 37.18 -14.67 19.13
CA GLU A 232 37.59 -16.03 19.44
C GLU A 232 36.37 -16.81 19.94
N PRO A 233 36.12 -18.02 19.43
CA PRO A 233 34.96 -18.77 19.89
C PRO A 233 34.88 -18.86 21.41
N GLY A 234 33.70 -18.57 21.95
CA GLY A 234 33.44 -18.67 23.37
C GLY A 234 33.77 -17.44 24.21
N GLN A 235 34.20 -16.34 23.59
CA GLN A 235 34.57 -15.15 24.35
C GLN A 235 33.55 -14.00 24.20
N ASP A 236 32.38 -14.28 23.63
CA ASP A 236 31.40 -13.22 23.36
C ASP A 236 31.03 -12.43 24.61
N SER A 237 30.81 -13.13 25.72
CA SER A 237 30.31 -12.45 26.92
C SER A 237 31.29 -11.39 27.40
N VAL A 238 32.58 -11.55 27.10
CA VAL A 238 33.58 -10.55 27.52
C VAL A 238 33.23 -9.20 26.92
N LEU A 239 32.88 -9.17 25.63
CA LEU A 239 32.51 -7.92 24.97
C LEU A 239 31.19 -7.39 25.52
N ALA A 240 30.19 -8.26 25.66
CA ALA A 240 28.90 -7.82 26.15
C ALA A 240 29.01 -7.20 27.55
N LEU A 241 29.83 -7.80 28.41
CA LEU A 241 29.98 -7.30 29.77
C LEU A 241 30.72 -5.97 29.80
N ALA A 242 31.78 -5.83 28.99
CA ALA A 242 32.52 -4.58 28.94
C ALA A 242 31.68 -3.45 28.35
N ILE A 243 30.80 -3.76 27.39
CA ILE A 243 29.90 -2.74 26.87
C ILE A 243 29.01 -2.20 28.00
N ALA A 244 28.45 -3.11 28.80
CA ALA A 244 27.60 -2.69 29.91
C ALA A 244 28.37 -1.84 30.90
N HIS A 245 29.59 -2.27 31.23
CA HIS A 245 30.45 -1.50 32.13
C HIS A 245 30.61 -0.07 31.64
N VAL A 246 30.99 0.10 30.38
CA VAL A 246 31.20 1.43 29.83
C VAL A 246 29.91 2.24 29.86
N ALA A 247 28.79 1.58 29.55
CA ALA A 247 27.49 2.26 29.60
C ALA A 247 27.25 2.88 30.96
N LEU A 248 27.56 2.16 32.04
CA LEU A 248 27.35 2.71 33.37
C LEU A 248 28.35 3.83 33.67
N VAL A 249 29.63 3.63 33.34
CA VAL A 249 30.63 4.65 33.58
C VAL A 249 30.26 5.94 32.85
N GLU A 250 29.76 5.82 31.62
CA GLU A 250 29.41 6.97 30.81
C GLU A 250 28.00 7.50 31.11
N GLY A 251 27.21 6.76 31.87
CA GLY A 251 25.88 7.22 32.24
C GLY A 251 24.85 7.15 31.14
N VAL A 252 24.94 6.15 30.25
CA VAL A 252 24.13 6.13 29.04
C VAL A 252 23.23 4.89 28.97
N TRP A 253 22.95 4.27 30.10
CA TRP A 253 21.82 3.33 30.15
C TRP A 253 20.54 4.11 29.84
N HIS A 254 19.46 3.37 29.55
CA HIS A 254 18.19 4.00 29.16
C HIS A 254 17.39 4.28 30.43
N LYS A 255 17.45 5.52 30.90
CA LYS A 255 16.84 5.87 32.18
C LYS A 255 15.33 5.67 32.21
N PRO A 256 14.57 5.91 31.15
CA PRO A 256 13.13 5.65 31.23
C PRO A 256 12.79 4.20 31.54
N PHE A 257 13.68 3.26 31.21
CA PHE A 257 13.46 1.86 31.53
C PHE A 257 14.17 1.43 32.79
N VAL A 258 15.42 1.84 32.96
CA VAL A 258 16.28 1.33 34.03
C VAL A 258 16.07 2.11 35.32
N GLY A 259 15.95 3.43 35.22
CA GLY A 259 15.96 4.30 36.37
C GLY A 259 17.21 5.17 36.38
N ASP A 260 17.51 5.71 37.56
CA ASP A 260 18.61 6.67 37.71
C ASP A 260 18.96 6.80 39.18
N PHE A 261 20.11 7.42 39.44
CA PHE A 261 20.49 7.74 40.80
C PHE A 261 19.54 8.78 41.37
N ILE A 262 19.20 8.61 42.66
CA ILE A 262 18.23 9.49 43.29
C ILE A 262 18.69 10.94 43.24
N GLU A 263 19.98 11.17 43.44
CA GLU A 263 20.53 12.52 43.43
C GLU A 263 21.08 12.93 42.08
N GLY A 264 20.80 12.17 41.02
CA GLY A 264 21.17 12.58 39.68
C GLY A 264 22.59 12.28 39.27
N LYS A 265 23.55 12.51 40.17
CA LYS A 265 24.95 12.30 39.85
C LYS A 265 25.22 10.82 39.59
N ASN A 266 26.01 10.55 38.55
CA ASN A 266 26.39 9.19 38.20
C ASN A 266 27.51 8.73 39.13
N LEU A 267 27.21 7.76 39.99
CA LEU A 267 28.16 7.29 40.98
C LEU A 267 28.93 6.06 40.54
N PHE A 268 28.68 5.52 39.35
CA PHE A 268 29.39 4.34 38.87
C PHE A 268 30.79 4.75 38.44
N LYS A 269 31.77 4.45 39.27
CA LYS A 269 33.18 4.67 38.96
C LYS A 269 33.87 3.32 38.89
N ALA A 270 34.67 3.11 37.85
CA ALA A 270 35.26 1.80 37.58
C ALA A 270 35.95 1.24 38.81
N GLY A 271 35.63 -0.01 39.13
CA GLY A 271 36.27 -0.74 40.21
C GLY A 271 35.71 -0.48 41.59
N LYS A 272 34.85 0.52 41.75
CA LYS A 272 34.37 0.95 43.06
C LYS A 272 32.90 0.61 43.23
N THR A 273 32.55 0.10 44.41
CA THR A 273 31.17 -0.29 44.69
C THR A 273 30.28 0.93 44.87
N VAL A 274 28.99 0.72 44.71
CA VAL A 274 27.98 1.76 44.80
C VAL A 274 26.92 1.33 45.80
N SER A 275 26.38 2.29 46.55
CA SER A 275 25.31 2.00 47.49
C SER A 275 24.02 1.64 46.76
N VAL A 276 23.45 0.49 47.11
CA VAL A 276 22.20 0.06 46.47
C VAL A 276 21.11 1.10 46.67
N GLU A 277 21.09 1.75 47.85
CA GLU A 277 20.01 2.68 48.16
C GLU A 277 20.15 4.00 47.41
N SER A 278 21.29 4.24 46.75
CA SER A 278 21.48 5.49 46.02
C SER A 278 20.83 5.47 44.65
N PHE A 279 20.35 4.32 44.19
CA PHE A 279 19.77 4.17 42.86
C PHE A 279 18.32 3.72 42.99
N LYS A 280 17.46 4.28 42.15
CA LYS A 280 16.04 3.91 42.12
C LYS A 280 15.77 3.28 40.75
N GLU A 281 15.60 1.97 40.73
CA GLU A 281 15.28 1.27 39.49
C GLU A 281 13.80 1.40 39.16
N THR A 282 13.50 1.45 37.87
CA THR A 282 12.13 1.65 37.42
C THR A 282 11.50 0.31 37.04
N HIS A 283 11.94 -0.27 35.91
CA HIS A 283 11.39 -1.53 35.44
C HIS A 283 12.39 -2.68 35.53
N THR A 284 13.59 -2.42 36.06
CA THR A 284 14.62 -3.42 36.21
C THR A 284 14.85 -3.74 37.68
N TYR A 285 15.58 -4.82 37.93
CA TYR A 285 15.98 -5.15 39.29
C TYR A 285 17.42 -5.66 39.31
N GLY A 286 18.23 -5.11 40.19
CA GLY A 286 19.53 -5.65 40.48
C GLY A 286 20.71 -4.96 39.84
N LEU A 287 20.51 -3.76 39.29
CA LEU A 287 21.59 -3.08 38.58
C LEU A 287 22.81 -2.89 39.48
N VAL A 288 22.60 -2.34 40.68
CA VAL A 288 23.74 -2.01 41.53
C VAL A 288 24.41 -3.27 42.07
N GLU A 289 23.61 -4.27 42.48
CA GLU A 289 24.19 -5.54 42.92
C GLU A 289 25.03 -6.17 41.81
N TRP A 290 24.52 -6.14 40.57
CA TRP A 290 25.30 -6.62 39.43
C TRP A 290 26.62 -5.87 39.33
N TRP A 291 26.55 -4.54 39.41
CA TRP A 291 27.77 -3.72 39.39
C TRP A 291 28.72 -4.10 40.52
N ASN A 292 28.19 -4.16 41.75
CA ASN A 292 29.06 -4.39 42.90
C ASN A 292 29.71 -5.76 42.87
N GLN A 293 29.00 -6.78 42.38
CA GLN A 293 29.48 -8.15 42.44
C GLN A 293 30.35 -8.54 41.25
N ALA A 294 30.31 -7.81 40.15
CA ALA A 294 31.08 -8.20 38.99
C ALA A 294 31.32 -7.09 37.99
N LEU A 295 30.25 -6.38 37.59
CA LEU A 295 30.36 -5.52 36.42
C LEU A 295 31.32 -4.35 36.63
N LYS A 296 31.51 -3.92 37.88
CA LYS A 296 32.40 -2.80 38.15
C LYS A 296 33.83 -3.07 37.70
N ASP A 297 34.20 -4.34 37.54
CA ASP A 297 35.56 -4.71 37.17
C ASP A 297 35.68 -5.21 35.74
N TYR A 298 34.58 -5.28 34.99
CA TYR A 298 34.61 -5.73 33.60
C TYR A 298 34.92 -4.54 32.69
N THR A 299 36.14 -4.05 32.81
CA THR A 299 36.56 -2.84 32.09
C THR A 299 36.90 -3.13 30.63
N PRO A 300 36.97 -2.08 29.80
CA PRO A 300 37.42 -2.28 28.42
C PRO A 300 38.82 -2.86 28.33
N GLU A 301 39.71 -2.48 29.26
CA GLU A 301 41.06 -3.02 29.28
C GLU A 301 41.05 -4.49 29.67
N TRP A 302 40.26 -4.85 30.69
CA TRP A 302 40.08 -6.25 31.02
C TRP A 302 39.59 -7.05 29.82
N ALA A 303 38.63 -6.49 29.08
CA ALA A 303 38.08 -7.18 27.92
C ALA A 303 39.09 -7.25 26.78
N SER A 304 39.85 -6.17 26.57
CA SER A 304 40.82 -6.16 25.49
C SER A 304 41.90 -7.20 25.71
N LYS A 305 42.28 -7.43 26.97
CA LYS A 305 43.32 -8.41 27.25
C LYS A 305 42.89 -9.82 26.86
N ILE A 306 41.62 -10.14 27.08
CA ILE A 306 41.13 -11.48 26.77
C ILE A 306 40.88 -11.67 25.28
N THR A 307 40.24 -10.68 24.64
CA THR A 307 39.70 -10.83 23.30
C THR A 307 40.59 -10.23 22.20
N GLY A 308 41.49 -9.31 22.55
CA GLY A 308 42.24 -8.58 21.56
C GLY A 308 41.49 -7.42 20.94
N ILE A 309 40.24 -7.19 21.33
CA ILE A 309 39.47 -6.09 20.78
C ILE A 309 40.03 -4.78 21.31
N ASP A 310 40.16 -3.81 20.42
CA ASP A 310 40.61 -2.47 20.81
C ASP A 310 39.68 -1.90 21.88
N PRO A 311 40.20 -1.49 23.04
CA PRO A 311 39.28 -0.91 24.04
C PRO A 311 38.55 0.32 23.54
N LYS A 312 39.15 1.10 22.63
CA LYS A 312 38.45 2.24 22.06
C LYS A 312 37.23 1.80 21.26
N THR A 313 37.31 0.64 20.62
CA THR A 313 36.15 0.11 19.91
C THR A 313 35.05 -0.27 20.88
N ILE A 314 35.41 -0.94 21.97
CA ILE A 314 34.43 -1.26 23.01
C ILE A 314 33.76 0.01 23.51
N ILE A 315 34.57 1.02 23.83
CA ILE A 315 34.02 2.27 24.36
C ILE A 315 33.11 2.93 23.33
N ALA A 316 33.54 2.98 22.07
CA ALA A 316 32.76 3.65 21.04
C ALA A 316 31.43 2.93 20.81
N ILE A 317 31.45 1.59 20.81
CA ILE A 317 30.21 0.83 20.65
C ILE A 317 29.25 1.14 21.79
N ALA A 318 29.76 1.13 23.03
CA ALA A 318 28.91 1.40 24.18
C ALA A 318 28.26 2.77 24.07
N LYS A 319 29.02 3.78 23.65
CA LYS A 319 28.46 5.13 23.50
C LYS A 319 27.44 5.19 22.37
N ASP A 320 27.75 4.56 21.23
CA ASP A 320 26.80 4.55 20.11
C ASP A 320 25.48 3.92 20.53
N MET A 321 25.54 2.81 21.26
CA MET A 321 24.31 2.16 21.75
C MET A 321 23.57 3.08 22.72
N GLY A 322 24.31 3.77 23.58
CA GLY A 322 23.67 4.72 24.48
C GLY A 322 22.91 5.80 23.72
N ALA A 323 23.51 6.33 22.65
CA ALA A 323 22.86 7.41 21.89
C ALA A 323 21.70 6.89 21.05
N ALA A 324 21.74 5.62 20.66
CA ALA A 324 20.66 5.02 19.89
C ALA A 324 19.50 4.58 20.76
N ALA A 325 19.73 4.41 22.06
CA ALA A 325 18.71 3.87 22.95
C ALA A 325 17.43 4.68 22.84
N PRO A 326 16.25 4.03 22.88
CA PRO A 326 16.05 2.59 23.09
C PRO A 326 15.98 1.77 21.81
N ALA A 327 16.35 2.35 20.68
CA ALA A 327 16.31 1.65 19.39
C ALA A 327 17.57 0.81 19.20
N VAL A 328 17.75 -0.11 20.14
CA VAL A 328 18.95 -0.93 20.25
C VAL A 328 18.51 -2.38 20.41
N GLN A 329 19.11 -3.28 19.62
CA GLN A 329 18.76 -4.68 19.66
C GLN A 329 20.01 -5.53 19.62
N VAL A 330 20.09 -6.49 20.53
CA VAL A 330 21.22 -7.40 20.63
C VAL A 330 20.73 -8.81 20.31
N TRP A 331 21.32 -9.41 19.28
CA TRP A 331 21.02 -10.78 18.86
C TRP A 331 22.02 -11.75 19.48
N THR A 332 21.54 -12.92 19.87
CA THR A 332 22.43 -14.04 20.18
C THR A 332 22.08 -15.23 19.27
N SER A 333 23.12 -15.86 18.73
CA SER A 333 22.96 -17.08 17.95
C SER A 333 23.33 -18.31 18.79
N ARG A 334 22.96 -19.47 18.26
CA ARG A 334 23.46 -20.74 18.78
C ARG A 334 24.96 -20.69 19.00
N GLY A 335 25.70 -20.07 18.07
CA GLY A 335 27.15 -20.09 18.15
C GLY A 335 27.66 -19.48 19.43
N ALA A 336 27.03 -18.39 19.88
CA ALA A 336 27.49 -17.72 21.09
C ALA A 336 27.09 -18.47 22.34
N VAL A 337 25.96 -19.16 22.35
CA VAL A 337 25.35 -19.63 23.60
C VAL A 337 25.26 -21.14 23.72
N MET A 338 25.31 -21.91 22.64
CA MET A 338 25.23 -23.37 22.74
C MET A 338 26.62 -23.91 23.04
N GLN A 339 27.05 -23.63 24.27
CA GLN A 339 28.34 -24.03 24.81
C GLN A 339 28.11 -24.48 26.25
N ALA A 340 29.07 -25.25 26.77
CA ALA A 340 28.86 -25.92 28.05
C ALA A 340 28.60 -24.94 29.19
N ARG A 341 29.08 -23.71 29.07
CA ARG A 341 28.80 -22.67 30.07
C ARG A 341 27.98 -21.54 29.48
N GLY A 342 27.23 -21.82 28.40
CA GLY A 342 26.66 -20.78 27.57
C GLY A 342 25.42 -20.10 28.13
N THR A 343 24.75 -20.71 29.14
CA THR A 343 23.65 -20.01 29.79
C THR A 343 24.03 -18.58 30.12
N TYR A 344 25.25 -18.35 30.60
CA TYR A 344 25.64 -17.01 31.03
C TYR A 344 26.09 -16.13 29.89
N THR A 345 26.30 -16.68 28.71
CA THR A 345 26.45 -15.83 27.53
C THR A 345 25.10 -15.29 27.07
N SER A 346 24.07 -16.13 27.06
CA SER A 346 22.72 -15.64 26.78
C SER A 346 22.34 -14.52 27.74
N ILE A 347 22.61 -14.74 29.03
CA ILE A 347 22.25 -13.76 30.05
C ILE A 347 23.04 -12.47 29.85
N SER A 348 24.35 -12.60 29.61
CA SER A 348 25.21 -11.43 29.53
C SER A 348 24.88 -10.59 28.29
N CYS A 349 24.65 -11.24 27.16
CA CYS A 349 24.30 -10.51 25.95
C CYS A 349 22.90 -9.92 26.04
N HIS A 350 21.93 -10.71 26.53
CA HIS A 350 20.55 -10.24 26.58
C HIS A 350 20.36 -9.13 27.62
N ALA A 351 21.21 -9.10 28.66
CA ALA A 351 21.13 -8.01 29.63
C ALA A 351 21.24 -6.65 28.94
N LEU A 352 22.01 -6.57 27.84
CA LEU A 352 22.15 -5.32 27.12
C LEU A 352 20.81 -4.86 26.52
N ASN A 353 19.91 -5.79 26.21
CA ASN A 353 18.60 -5.40 25.70
C ASN A 353 17.77 -4.70 26.78
N GLY A 354 18.01 -5.00 28.05
CA GLY A 354 17.38 -4.28 29.12
C GLY A 354 18.11 -2.98 29.46
N LEU A 355 19.44 -3.02 29.47
CA LEU A 355 20.22 -1.87 29.89
C LEU A 355 20.02 -0.67 28.96
N PHE A 356 19.89 -0.92 27.66
CA PHE A 356 19.65 0.14 26.69
C PHE A 356 18.17 0.28 26.33
N GLY A 357 17.29 -0.43 27.03
CA GLY A 357 15.85 -0.23 26.90
C GLY A 357 15.22 -0.79 25.65
N GLY A 358 15.93 -1.64 24.90
CA GLY A 358 15.39 -2.16 23.65
C GLY A 358 14.28 -3.16 23.84
N ILE A 359 14.22 -3.82 24.99
CA ILE A 359 13.21 -4.84 25.21
C ILE A 359 11.83 -4.17 25.17
N ASP A 360 10.98 -4.67 24.27
CA ASP A 360 9.63 -4.16 24.05
C ASP A 360 9.59 -2.71 23.56
N SER A 361 10.66 -2.22 22.95
CA SER A 361 10.74 -0.84 22.46
C SER A 361 10.91 -0.77 20.94
N LYS A 362 10.55 0.39 20.40
CA LYS A 362 10.71 0.64 18.97
C LYS A 362 12.18 0.56 18.56
N GLY A 363 12.46 -0.27 17.56
CA GLY A 363 13.81 -0.52 17.14
C GLY A 363 14.52 -1.59 17.94
N GLY A 364 13.87 -2.13 18.98
CA GLY A 364 14.46 -3.16 19.81
C GLY A 364 14.00 -4.56 19.45
N LEU A 365 13.60 -5.35 20.46
CA LEU A 365 13.17 -6.71 20.22
C LEU A 365 12.10 -7.05 21.24
N PHE A 366 11.25 -8.02 20.92
CA PHE A 366 10.19 -8.41 21.83
C PHE A 366 9.62 -9.75 21.38
N PRO A 367 8.80 -10.39 22.21
CA PRO A 367 8.26 -11.71 21.88
C PRO A 367 7.22 -11.64 20.77
N GLY A 368 6.80 -12.83 20.36
CA GLY A 368 5.72 -12.93 19.38
C GLY A 368 4.42 -12.42 19.96
N ASN A 369 3.62 -11.81 19.08
CA ASN A 369 2.31 -11.32 19.45
C ASN A 369 1.40 -12.48 19.87
N LYS A 370 0.41 -12.18 20.69
CA LYS A 370 -0.57 -13.18 21.09
C LYS A 370 -1.49 -13.55 19.92
N THR A 371 -1.80 -14.83 19.79
CA THR A 371 -2.78 -15.32 18.84
C THR A 371 -3.70 -16.31 19.55
N PRO A 372 -4.89 -16.57 19.01
CA PRO A 372 -5.79 -17.55 19.62
C PRO A 372 -5.61 -18.98 19.13
N LEU A 373 -4.53 -19.29 18.43
CA LEU A 373 -4.29 -20.67 18.00
C LEU A 373 -4.20 -21.59 19.20
N LEU A 374 -4.92 -22.71 19.13
CA LEU A 374 -4.80 -23.76 20.13
C LEU A 374 -3.59 -24.63 19.82
N LYS A 375 -2.94 -25.12 20.87
CA LYS A 375 -1.71 -25.90 20.73
C LYS A 375 -1.84 -27.31 21.30
N GLU A 376 -2.96 -27.64 21.93
CA GLU A 376 -3.16 -28.95 22.53
C GLU A 376 -4.57 -29.43 22.24
N TYR A 377 -4.71 -30.74 22.09
CA TYR A 377 -6.03 -31.35 22.06
C TYR A 377 -6.49 -31.54 23.51
N PRO A 378 -7.74 -31.96 23.72
CA PRO A 378 -8.27 -32.01 25.09
C PRO A 378 -7.45 -32.90 26.00
N GLU A 379 -7.55 -32.63 27.31
CA GLU A 379 -6.83 -33.43 28.29
C GLU A 379 -7.24 -34.89 28.18
N ALA A 380 -6.30 -35.78 28.46
CA ALA A 380 -6.51 -37.21 28.31
C ALA A 380 -6.56 -37.95 29.65
N LYS A 381 -6.74 -37.22 30.75
CA LYS A 381 -6.67 -37.84 32.08
C LYS A 381 -7.70 -38.96 32.24
N ALA A 382 -8.92 -38.75 31.72
CA ALA A 382 -9.98 -39.73 31.89
C ALA A 382 -9.71 -41.03 31.12
N TYR A 383 -8.76 -41.02 30.20
CA TYR A 383 -8.44 -42.19 29.38
C TYR A 383 -7.17 -42.88 29.84
N MET A 384 -6.55 -42.39 30.91
CA MET A 384 -5.37 -43.03 31.49
C MET A 384 -5.82 -44.17 32.40
N ASP A 385 -5.40 -45.39 32.09
CA ASP A 385 -5.65 -46.51 32.99
C ASP A 385 -4.54 -46.56 34.03
N GLU A 386 -4.63 -47.53 34.94
CA GLU A 386 -3.66 -47.61 36.03
C GLU A 386 -2.26 -47.91 35.51
N ILE A 387 -2.15 -48.73 34.46
CA ILE A 387 -0.85 -48.98 33.85
C ILE A 387 -0.24 -47.68 33.36
N ALA A 388 -1.04 -46.87 32.64
CA ALA A 388 -0.52 -45.63 32.10
C ALA A 388 -0.20 -44.63 33.20
N ALA A 389 -1.08 -44.53 34.20
CA ALA A 389 -0.88 -43.56 35.27
C ALA A 389 0.43 -43.81 36.00
N LYS A 390 0.80 -45.09 36.17
CA LYS A 390 2.06 -45.43 36.84
C LYS A 390 3.25 -45.17 35.94
N GLY A 391 3.13 -45.50 34.64
CA GLY A 391 4.27 -45.38 33.76
C GLY A 391 4.73 -43.95 33.56
N VAL A 392 3.79 -43.01 33.42
CA VAL A 392 4.13 -41.64 33.11
C VAL A 392 4.86 -40.93 34.25
N LYS A 393 4.93 -41.55 35.43
CA LYS A 393 5.64 -40.99 36.56
C LYS A 393 7.11 -41.41 36.61
N LYS A 394 7.53 -42.32 35.73
CA LYS A 394 8.91 -42.77 35.75
C LYS A 394 9.86 -41.65 35.32
N GLU A 395 11.11 -41.75 35.77
CA GLU A 395 12.13 -40.83 35.32
C GLU A 395 12.26 -40.90 33.81
N LYS A 396 12.45 -39.73 33.17
CA LYS A 396 12.64 -39.69 31.73
C LYS A 396 13.97 -40.32 31.34
N ILE A 397 14.00 -40.91 30.14
CA ILE A 397 15.19 -41.61 29.64
C ILE A 397 16.36 -40.68 29.46
N ASP A 398 16.13 -39.37 29.32
CA ASP A 398 17.21 -38.41 29.15
C ASP A 398 17.74 -37.88 30.48
N GLN A 399 17.28 -38.42 31.61
CA GLN A 399 17.84 -38.14 32.93
C GLN A 399 17.65 -36.69 33.36
N ARG A 400 16.74 -35.97 32.74
CA ARG A 400 16.51 -34.59 33.14
C ARG A 400 16.14 -34.53 34.62
N GLY A 401 16.65 -33.52 35.31
CA GLY A 401 16.35 -33.30 36.71
C GLY A 401 17.37 -33.87 37.67
N ARG A 402 18.28 -34.72 37.21
CA ARG A 402 19.35 -35.17 38.08
C ARG A 402 20.22 -33.99 38.47
N LEU A 403 21.05 -34.20 39.50
CA LEU A 403 21.87 -33.12 40.04
C LEU A 403 22.65 -32.43 38.92
N GLU A 404 23.31 -33.21 38.07
CA GLU A 404 24.14 -32.66 37.01
C GLU A 404 23.38 -32.33 35.73
N PHE A 405 22.05 -32.48 35.72
CA PHE A 405 21.24 -32.13 34.56
C PHE A 405 20.02 -31.34 35.01
N PRO A 406 20.22 -30.15 35.58
CA PRO A 406 19.08 -29.34 36.02
C PRO A 406 18.07 -29.08 34.91
N ALA A 407 18.55 -28.67 33.72
CA ALA A 407 17.69 -28.42 32.56
C ALA A 407 16.48 -27.57 32.97
N LEU A 408 16.79 -26.35 33.42
CA LEU A 408 15.83 -25.50 34.11
C LEU A 408 14.91 -24.74 33.17
N ALA A 409 14.24 -25.46 32.28
CA ALA A 409 13.28 -24.82 31.39
C ALA A 409 12.11 -24.26 32.19
N LYS A 410 11.81 -22.98 31.99
CA LYS A 410 10.69 -22.34 32.66
C LYS A 410 10.82 -22.43 34.19
N GLY A 411 12.04 -22.52 34.68
CA GLY A 411 12.28 -22.46 36.11
C GLY A 411 12.13 -23.76 36.86
N LYS A 412 11.97 -24.88 36.17
CA LYS A 412 11.66 -26.15 36.80
C LYS A 412 12.85 -27.09 36.70
N SER A 413 13.22 -27.68 37.83
CA SER A 413 14.24 -28.74 37.83
C SER A 413 13.73 -29.92 37.02
N GLY A 414 14.53 -30.36 36.05
CA GLY A 414 14.07 -31.39 35.15
C GLY A 414 12.95 -30.93 34.24
N GLY A 415 12.85 -29.63 34.00
CA GLY A 415 11.76 -29.12 33.17
C GLY A 415 12.01 -29.23 31.68
N GLY A 416 13.27 -29.32 31.27
CA GLY A 416 13.65 -29.28 29.87
C GLY A 416 14.11 -30.62 29.34
N VAL A 417 13.90 -30.83 28.05
CA VAL A 417 14.41 -32.01 27.37
C VAL A 417 15.94 -31.97 27.35
N ILE A 418 16.54 -33.16 27.27
CA ILE A 418 17.98 -33.27 27.04
C ILE A 418 18.16 -34.29 25.92
N THR A 419 17.85 -33.85 24.70
CA THR A 419 17.75 -34.72 23.54
C THR A 419 18.97 -35.61 23.39
N ALA A 420 20.16 -35.00 23.34
CA ALA A 420 21.37 -35.78 23.07
C ALA A 420 21.64 -36.79 24.18
N ASN A 421 21.21 -36.50 25.41
CA ASN A 421 21.47 -37.42 26.51
C ASN A 421 20.54 -38.62 26.50
N ALA A 422 19.42 -38.55 25.78
CA ALA A 422 18.58 -39.73 25.64
C ALA A 422 19.37 -40.90 25.04
N ALA A 423 20.29 -40.62 24.11
CA ALA A 423 21.14 -41.68 23.57
C ALA A 423 21.97 -42.32 24.66
N ASN A 424 22.43 -41.52 25.63
CA ASN A 424 23.27 -42.07 26.69
C ASN A 424 22.44 -42.92 27.64
N GLY A 425 21.24 -42.44 28.00
CA GLY A 425 20.36 -43.26 28.82
C GLY A 425 20.01 -44.58 28.15
N ILE A 426 19.69 -44.54 26.85
CA ILE A 426 19.41 -45.76 26.12
C ILE A 426 20.64 -46.66 26.10
N ARG A 427 21.79 -46.09 25.70
CA ARG A 427 23.08 -46.77 25.70
C ARG A 427 23.32 -47.56 26.98
N ASN A 428 23.07 -46.92 28.11
CA ASN A 428 23.39 -47.47 29.42
C ASN A 428 22.20 -48.05 30.14
N GLN A 429 21.03 -48.08 29.50
CA GLN A 429 19.80 -48.55 30.16
C GLN A 429 19.66 -47.90 31.52
N ASP A 430 19.91 -46.60 31.57
CA ASP A 430 19.83 -45.80 32.80
C ASP A 430 19.00 -44.56 32.48
N PRO A 431 17.80 -44.41 33.05
CA PRO A 431 17.18 -45.16 34.16
C PRO A 431 16.70 -46.58 33.84
N TYR A 432 16.50 -46.91 32.57
CA TYR A 432 16.02 -48.24 32.22
C TYR A 432 16.18 -48.42 30.71
N GLU A 433 15.87 -49.62 30.24
CA GLU A 433 15.97 -49.95 28.82
C GLU A 433 14.80 -49.35 28.06
N ILE A 434 15.06 -48.90 26.84
CA ILE A 434 14.00 -48.56 25.89
C ILE A 434 13.83 -49.76 24.97
N LYS A 435 12.61 -50.30 24.94
CA LYS A 435 12.32 -51.49 24.16
C LYS A 435 11.53 -51.20 22.89
N VAL A 436 10.77 -50.12 22.86
CA VAL A 436 9.96 -49.78 21.69
C VAL A 436 10.09 -48.29 21.46
N MET A 437 10.47 -47.91 20.24
CA MET A 437 10.68 -46.50 19.91
C MET A 437 9.93 -46.18 18.62
N LEU A 438 9.18 -45.08 18.67
CA LEU A 438 8.61 -44.46 17.48
C LEU A 438 9.24 -43.08 17.34
N ALA A 439 9.71 -42.76 16.14
CA ALA A 439 10.41 -41.50 15.90
C ALA A 439 9.91 -40.93 14.58
N TYR A 440 9.80 -39.60 14.50
CA TYR A 440 9.37 -38.98 13.26
C TYR A 440 10.12 -37.68 13.00
N PHE A 441 10.44 -37.46 11.72
CA PHE A 441 10.90 -36.15 11.24
C PHE A 441 12.24 -35.77 11.86
N ASN A 442 13.08 -36.76 12.16
CA ASN A 442 14.29 -36.57 12.95
C ASN A 442 15.41 -37.43 12.41
N ASN A 443 16.65 -37.01 12.68
CA ASN A 443 17.83 -37.74 12.23
C ASN A 443 18.98 -37.54 13.21
N PHE A 444 18.79 -37.98 14.45
CA PHE A 444 19.68 -37.62 15.53
C PHE A 444 21.08 -38.22 15.38
N ASN A 445 21.23 -39.33 14.66
CA ASN A 445 22.57 -39.87 14.41
C ASN A 445 23.45 -38.85 13.69
N PHE A 446 22.83 -37.96 12.93
CA PHE A 446 23.51 -36.97 12.10
C PHE A 446 23.48 -35.57 12.69
N SER A 447 22.40 -35.22 13.40
CA SER A 447 22.17 -33.86 13.87
C SER A 447 22.59 -33.64 15.32
N ASN A 448 22.81 -34.71 16.09
CA ASN A 448 23.26 -34.60 17.47
C ASN A 448 24.78 -34.66 17.53
N PRO A 449 25.43 -33.94 18.45
CA PRO A 449 26.89 -34.10 18.60
C PRO A 449 27.25 -35.53 18.91
N GLU A 450 28.38 -35.98 18.35
CA GLU A 450 28.86 -37.34 18.57
C GLU A 450 27.73 -38.34 18.37
N GLY A 451 27.10 -38.27 17.19
CA GLY A 451 25.94 -39.07 16.88
C GLY A 451 26.19 -40.56 16.81
N GLN A 452 27.46 -40.99 16.77
CA GLN A 452 27.73 -42.42 16.88
C GLN A 452 27.11 -42.99 18.15
N ARG A 453 26.90 -42.16 19.18
CA ARG A 453 26.21 -42.63 20.36
C ARG A 453 24.78 -43.04 20.04
N TRP A 454 24.18 -42.41 19.03
CA TRP A 454 22.85 -42.83 18.59
C TRP A 454 22.94 -44.11 17.75
N ASP A 455 24.01 -44.27 16.96
CA ASP A 455 24.25 -45.56 16.32
C ASP A 455 24.18 -46.66 17.36
N GLU A 456 24.93 -46.47 18.46
CA GLU A 456 25.01 -47.48 19.50
C GLU A 456 23.68 -47.67 20.21
N ALA A 457 23.05 -46.55 20.59
CA ALA A 457 21.79 -46.65 21.33
C ALA A 457 20.73 -47.37 20.53
N LEU A 458 20.54 -46.99 19.26
CA LEU A 458 19.48 -47.58 18.45
C LEU A 458 19.74 -49.06 18.17
N SER A 459 21.01 -49.45 18.03
CA SER A 459 21.34 -50.85 17.81
C SER A 459 20.95 -51.71 19.00
N LYS A 460 20.67 -51.10 20.15
CA LYS A 460 20.29 -51.79 21.38
C LYS A 460 18.79 -51.70 21.68
N VAL A 461 18.00 -51.16 20.78
CA VAL A 461 16.56 -51.02 21.00
C VAL A 461 15.85 -52.17 20.30
N ASP A 462 15.03 -52.90 21.06
CA ASP A 462 14.37 -54.10 20.52
C ASP A 462 13.58 -53.79 19.26
N PHE A 463 12.79 -52.72 19.27
CA PHE A 463 11.95 -52.40 18.14
C PHE A 463 11.86 -50.90 17.94
N MET A 464 12.23 -50.43 16.75
CA MET A 464 12.12 -49.02 16.43
C MET A 464 11.46 -48.84 15.08
N ALA A 465 10.60 -47.83 14.98
CA ALA A 465 9.96 -47.46 13.73
C ALA A 465 10.23 -45.99 13.48
N HIS A 466 10.56 -45.66 12.23
CA HIS A 466 10.93 -44.30 11.84
C HIS A 466 9.93 -43.79 10.83
N ILE A 467 9.31 -42.65 11.12
CA ILE A 467 8.38 -41.96 10.23
C ILE A 467 9.18 -40.91 9.49
N THR A 468 9.39 -41.10 8.18
CA THR A 468 10.37 -40.35 7.43
C THR A 468 10.04 -40.41 5.95
N THR A 469 10.51 -39.40 5.22
CA THR A 469 10.36 -39.39 3.76
C THR A 469 11.48 -40.18 3.09
N ASN A 470 12.70 -40.08 3.64
CA ASN A 470 13.89 -40.70 3.09
C ASN A 470 14.47 -41.69 4.09
N VAL A 471 15.25 -42.63 3.58
CA VAL A 471 16.03 -43.51 4.45
C VAL A 471 17.27 -42.73 4.87
N SER A 472 17.19 -42.04 6.00
CA SER A 472 18.30 -41.27 6.50
C SER A 472 19.14 -42.13 7.44
N GLU A 473 20.17 -41.51 8.02
CA GLU A 473 21.10 -42.25 8.89
C GLU A 473 20.36 -42.89 10.06
N PHE A 474 19.42 -42.16 10.67
CA PHE A 474 18.60 -42.71 11.74
C PHE A 474 17.79 -43.91 11.24
N SER A 475 17.28 -43.83 10.01
CA SER A 475 16.44 -44.89 9.47
C SER A 475 17.19 -46.21 9.36
N TRP A 476 18.51 -46.15 9.16
CA TRP A 476 19.34 -47.34 9.02
C TRP A 476 19.15 -48.32 10.15
N PHE A 477 18.77 -47.83 11.32
CA PHE A 477 18.66 -48.63 12.53
C PHE A 477 17.23 -49.01 12.85
N ALA A 478 16.30 -48.72 11.94
CA ALA A 478 14.89 -48.99 12.19
C ALA A 478 14.55 -50.44 11.85
N ASP A 479 13.62 -51.00 12.62
CA ASP A 479 13.01 -52.28 12.25
C ASP A 479 11.93 -52.09 11.21
N VAL A 480 11.21 -50.96 11.29
CA VAL A 480 10.10 -50.66 10.40
C VAL A 480 10.25 -49.22 9.93
N LEU A 481 10.02 -49.01 8.64
CA LEU A 481 9.97 -47.68 8.05
C LEU A 481 8.53 -47.37 7.72
N LEU A 482 8.08 -46.18 8.12
CA LEU A 482 6.72 -45.73 7.87
C LEU A 482 6.83 -44.45 7.04
N PRO A 483 6.64 -44.52 5.73
CA PRO A 483 6.97 -43.36 4.89
C PRO A 483 5.97 -42.24 5.07
N SER A 484 6.50 -41.04 5.30
CA SER A 484 5.67 -39.87 5.54
C SER A 484 5.33 -39.16 4.24
N SER A 485 4.08 -38.72 4.13
CA SER A 485 3.72 -37.73 3.13
C SER A 485 4.50 -36.45 3.42
N HIS A 486 4.98 -35.79 2.38
CA HIS A 486 5.87 -34.66 2.57
C HIS A 486 5.15 -33.50 3.22
N HIS A 487 5.78 -32.93 4.25
CA HIS A 487 5.10 -31.96 5.11
C HIS A 487 4.62 -30.74 4.34
N MET A 488 5.31 -30.35 3.27
CA MET A 488 5.05 -29.08 2.61
C MET A 488 4.10 -29.19 1.44
N PHE A 489 3.92 -30.38 0.87
CA PHE A 489 3.15 -30.55 -0.36
C PHE A 489 2.02 -31.56 -0.24
N GLU A 490 2.06 -32.46 0.75
CA GLU A 490 1.11 -33.55 0.84
C GLU A 490 0.48 -33.66 2.23
N LYS A 491 0.48 -32.58 3.01
CA LYS A 491 0.10 -32.65 4.42
C LYS A 491 -0.81 -31.50 4.83
N TRP A 492 -1.76 -31.81 5.72
CA TRP A 492 -2.49 -30.79 6.47
C TRP A 492 -1.75 -30.50 7.78
N GLY A 493 -1.43 -29.22 8.00
CA GLY A 493 -0.75 -28.80 9.22
C GLY A 493 -1.03 -27.33 9.47
N VAL A 494 -0.43 -26.81 10.54
CA VAL A 494 -0.52 -25.39 10.86
C VAL A 494 0.74 -24.98 11.62
N LEU A 495 1.26 -23.80 11.29
CA LEU A 495 2.49 -23.26 11.86
C LEU A 495 2.26 -21.78 12.19
N ASP A 496 3.28 -21.15 12.76
CA ASP A 496 3.26 -19.73 13.04
C ASP A 496 4.62 -19.12 12.73
N SER A 497 4.65 -17.79 12.66
CA SER A 497 5.89 -17.06 12.46
C SER A 497 5.73 -15.69 13.10
N ILE A 498 6.87 -15.10 13.48
CA ILE A 498 6.86 -13.78 14.08
C ILE A 498 7.92 -12.93 13.41
N GLY A 499 7.64 -11.65 13.33
CA GLY A 499 8.50 -10.65 12.72
C GLY A 499 7.64 -9.52 12.18
N ASN A 500 8.31 -8.39 11.92
CA ASN A 500 7.65 -7.22 11.35
C ASN A 500 6.56 -6.68 12.28
N GLY A 501 6.71 -6.96 13.58
CA GLY A 501 5.76 -6.51 14.57
C GLY A 501 4.49 -7.31 14.66
N VAL A 502 4.41 -8.46 13.99
CA VAL A 502 3.21 -9.28 14.02
C VAL A 502 3.57 -10.74 14.23
N ALA A 503 2.56 -11.51 14.60
CA ALA A 503 2.60 -12.96 14.59
C ALA A 503 1.54 -13.43 13.59
N GLN A 504 1.88 -14.43 12.82
CA GLN A 504 0.97 -14.99 11.84
C GLN A 504 0.80 -16.48 12.08
N ILE A 505 -0.36 -16.98 11.69
CA ILE A 505 -0.68 -18.41 11.71
C ILE A 505 -0.93 -18.82 10.26
N SER A 506 -0.23 -19.85 9.80
CA SER A 506 -0.34 -20.25 8.40
C SER A 506 -0.72 -21.73 8.28
N ILE A 507 -1.41 -22.03 7.20
CA ILE A 507 -1.90 -23.37 6.91
C ILE A 507 -0.83 -24.14 6.14
N GLN A 508 -0.82 -25.45 6.36
CA GLN A 508 -0.20 -26.41 5.48
C GLN A 508 -1.31 -27.26 4.87
N GLN A 509 -1.29 -27.44 3.56
CA GLN A 509 -2.33 -28.25 2.92
C GLN A 509 -1.73 -28.99 1.76
N PRO A 510 -2.29 -30.13 1.37
CA PRO A 510 -1.83 -30.80 0.16
C PRO A 510 -2.06 -29.94 -1.07
N SER A 511 -1.02 -29.79 -1.90
CA SER A 511 -1.13 -29.07 -3.16
C SER A 511 -1.01 -29.98 -4.38
N ILE A 512 -0.69 -31.25 -4.18
CA ILE A 512 -0.61 -32.23 -5.25
C ILE A 512 -1.31 -33.50 -4.80
N LYS A 513 -1.67 -34.33 -5.77
CA LYS A 513 -2.14 -35.67 -5.45
C LYS A 513 -1.00 -36.46 -4.82
N ARG A 514 -1.30 -37.19 -3.75
CA ARG A 514 -0.25 -37.90 -3.04
C ARG A 514 0.53 -38.79 -4.00
N LEU A 515 1.85 -38.69 -3.96
CA LEU A 515 2.69 -39.38 -4.94
C LEU A 515 2.71 -40.89 -4.68
N TRP A 516 2.96 -41.28 -3.44
CA TRP A 516 3.27 -42.67 -3.12
C TRP A 516 2.37 -43.15 -1.98
N ASP A 517 2.60 -44.39 -1.55
CA ASP A 517 1.79 -45.00 -0.50
C ASP A 517 2.29 -44.55 0.87
N THR A 518 2.13 -43.25 1.13
CA THR A 518 2.60 -42.61 2.34
C THR A 518 1.42 -42.16 3.19
N ARG A 519 1.72 -41.75 4.43
CA ARG A 519 0.72 -41.22 5.34
C ARG A 519 1.30 -40.02 6.07
N ILE A 520 0.41 -39.14 6.53
CA ILE A 520 0.84 -37.94 7.23
C ILE A 520 1.28 -38.29 8.64
N ASP A 521 2.50 -37.89 9.00
CA ASP A 521 3.11 -38.28 10.26
C ASP A 521 2.23 -37.99 11.47
N GLU A 522 1.74 -36.76 11.60
CA GLU A 522 1.15 -36.31 12.86
C GLU A 522 -0.35 -36.56 12.97
N SER A 523 -0.99 -37.08 11.94
CA SER A 523 -2.44 -37.28 12.00
C SER A 523 -2.83 -38.68 11.57
N GLU A 524 -2.64 -39.00 10.28
CA GLU A 524 -3.09 -40.29 9.77
C GLU A 524 -2.41 -41.46 10.48
N ILE A 525 -1.11 -41.37 10.73
CA ILE A 525 -0.38 -42.50 11.32
C ILE A 525 -0.83 -42.74 12.76
N PRO A 526 -0.88 -41.74 13.64
CA PRO A 526 -1.41 -42.02 14.99
C PRO A 526 -2.85 -42.51 14.95
N TYR A 527 -3.66 -41.99 14.02
CA TYR A 527 -5.03 -42.47 13.83
C TYR A 527 -5.03 -43.95 13.45
N MET A 528 -4.22 -44.33 12.47
CA MET A 528 -4.19 -45.73 12.04
C MET A 528 -3.63 -46.63 13.13
N LEU A 529 -2.63 -46.14 13.86
CA LEU A 529 -2.06 -46.93 14.96
C LEU A 529 -3.07 -47.12 16.08
N ALA A 530 -3.83 -46.07 16.41
CA ALA A 530 -4.85 -46.21 17.45
C ALA A 530 -5.88 -47.27 17.06
N LYS A 531 -6.30 -47.27 15.79
CA LYS A 531 -7.23 -48.29 15.31
C LYS A 531 -6.62 -49.68 15.50
N LYS A 532 -5.35 -49.85 15.11
CA LYS A 532 -4.71 -51.15 15.24
C LYS A 532 -4.59 -51.55 16.70
N LEU A 533 -4.23 -50.61 17.58
CA LEU A 533 -4.15 -50.93 18.99
C LEU A 533 -5.51 -51.33 19.54
N ALA A 534 -6.57 -50.64 19.11
CA ALA A 534 -7.92 -51.00 19.54
C ALA A 534 -8.31 -52.39 19.06
N ASP A 535 -7.96 -52.73 17.81
CA ASP A 535 -8.20 -54.08 17.31
C ASP A 535 -7.55 -55.13 18.20
N LYS A 536 -6.42 -54.79 18.84
CA LYS A 536 -5.64 -55.73 19.61
C LYS A 536 -5.92 -55.63 21.12
N GLY A 537 -6.93 -54.87 21.53
CA GLY A 537 -7.38 -54.88 22.90
C GLY A 537 -7.01 -53.67 23.73
N PHE A 538 -6.40 -52.65 23.15
CA PHE A 538 -6.01 -51.44 23.86
C PHE A 538 -6.64 -50.29 23.08
N ASP A 539 -7.84 -49.89 23.47
CA ASP A 539 -8.62 -48.93 22.69
C ASP A 539 -8.64 -47.54 23.30
N ALA A 540 -7.84 -47.28 24.33
CA ALA A 540 -7.84 -45.96 24.96
C ALA A 540 -7.42 -44.87 23.97
N PRO A 541 -6.33 -45.01 23.21
CA PRO A 541 -6.03 -43.97 22.21
C PRO A 541 -7.16 -43.77 21.22
N TRP A 542 -7.75 -44.86 20.74
CA TRP A 542 -8.84 -44.76 19.78
C TRP A 542 -10.04 -44.05 20.38
N ARG A 543 -10.41 -44.42 21.61
CA ARG A 543 -11.53 -43.74 22.26
C ARG A 543 -11.24 -42.28 22.50
N TYR A 544 -10.02 -41.96 22.94
CA TYR A 544 -9.64 -40.56 23.11
C TYR A 544 -9.81 -39.77 21.81
N ILE A 545 -9.28 -40.30 20.71
CA ILE A 545 -9.35 -39.60 19.44
C ILE A 545 -10.80 -39.40 19.01
N ASN A 546 -11.59 -40.47 19.09
CA ASN A 546 -12.94 -40.43 18.54
C ASN A 546 -13.89 -39.61 19.39
N GLU A 547 -13.64 -39.50 20.69
CA GLU A 547 -14.52 -38.76 21.59
C GLU A 547 -14.07 -37.34 21.85
N GLN A 548 -12.76 -37.07 21.77
CA GLN A 548 -12.23 -35.75 22.09
C GLN A 548 -11.80 -34.95 20.87
N ILE A 549 -11.35 -35.60 19.80
CA ILE A 549 -10.93 -34.87 18.61
C ILE A 549 -12.04 -34.99 17.57
N VAL A 550 -13.03 -34.10 17.67
CA VAL A 550 -14.20 -34.09 16.81
C VAL A 550 -14.28 -32.73 16.13
N ASP A 551 -15.06 -32.67 15.07
CA ASP A 551 -15.05 -31.47 14.23
C ASP A 551 -15.59 -30.27 15.01
N PRO A 552 -14.93 -29.11 14.93
CA PRO A 552 -15.42 -27.95 15.69
C PRO A 552 -16.76 -27.43 15.22
N GLU A 553 -17.18 -27.74 14.00
CA GLU A 553 -18.48 -27.32 13.50
C GLU A 553 -19.56 -28.38 13.66
N THR A 554 -19.26 -29.62 13.26
CA THR A 554 -20.27 -30.67 13.26
C THR A 554 -20.30 -31.48 14.55
N GLY A 555 -19.25 -31.40 15.37
CA GLY A 555 -19.15 -32.23 16.54
C GLY A 555 -18.87 -33.69 16.25
N LYS A 556 -18.68 -34.07 15.00
CA LYS A 556 -18.52 -35.47 14.65
C LYS A 556 -17.04 -35.83 14.57
N PRO A 557 -16.67 -37.05 14.94
CA PRO A 557 -15.31 -37.53 14.71
C PRO A 557 -15.06 -37.73 13.23
N ALA A 558 -13.78 -37.87 12.89
CA ALA A 558 -13.41 -38.12 11.50
C ALA A 558 -13.98 -39.44 11.02
N ALA A 559 -14.40 -39.48 9.76
CA ALA A 559 -14.89 -40.70 9.16
C ALA A 559 -13.78 -41.58 8.63
N ASP A 560 -12.63 -41.00 8.31
CA ASP A 560 -11.54 -41.77 7.72
C ASP A 560 -10.24 -40.99 7.89
N GLU A 561 -9.14 -41.60 7.42
CA GLU A 561 -7.81 -41.01 7.55
C GLU A 561 -7.76 -39.62 6.96
N ALA A 562 -8.19 -39.47 5.71
CA ALA A 562 -8.07 -38.19 5.03
C ALA A 562 -8.85 -37.10 5.75
N GLU A 563 -10.06 -37.42 6.22
CA GLU A 563 -10.84 -36.44 6.95
C GLU A 563 -10.15 -36.07 8.26
N PHE A 564 -9.58 -37.06 8.94
CA PHE A 564 -8.92 -36.80 10.22
C PHE A 564 -7.74 -35.85 10.05
N ALA A 565 -6.98 -36.01 8.95
CA ALA A 565 -5.83 -35.16 8.72
C ALA A 565 -6.23 -33.69 8.71
N LYS A 566 -7.33 -33.37 8.03
CA LYS A 566 -7.80 -31.99 7.98
C LYS A 566 -8.45 -31.59 9.30
N LEU A 567 -9.16 -32.53 9.93
CA LEU A 567 -9.84 -32.23 11.19
C LEU A 567 -8.85 -31.80 12.26
N MET A 568 -7.67 -32.43 12.31
CA MET A 568 -6.65 -32.05 13.29
CA MET A 568 -6.69 -32.05 13.31
C MET A 568 -6.31 -30.57 13.19
N VAL A 569 -6.25 -30.05 11.96
CA VAL A 569 -5.97 -28.63 11.78
C VAL A 569 -7.22 -27.79 12.05
N ARG A 570 -8.38 -28.22 11.54
CA ARG A 570 -9.61 -27.47 11.79
C ARG A 570 -9.83 -27.25 13.27
N TYR A 571 -9.56 -28.28 14.09
CA TYR A 571 -9.83 -28.21 15.52
C TYR A 571 -9.02 -27.11 16.19
N LEU A 572 -7.69 -27.08 15.96
CA LEU A 572 -6.85 -26.12 16.65
C LEU A 572 -7.00 -24.70 16.11
N THR A 573 -7.38 -24.55 14.85
CA THR A 573 -7.49 -23.22 14.25
C THR A 573 -8.90 -22.65 14.34
N ALA A 574 -9.86 -23.40 14.88
CA ALA A 574 -11.24 -22.90 14.96
C ALA A 574 -11.34 -21.52 15.59
N PRO A 575 -10.55 -21.16 16.61
CA PRO A 575 -10.63 -19.79 17.13
C PRO A 575 -10.34 -18.71 16.10
N LEU A 576 -9.69 -19.05 14.99
CA LEU A 576 -9.38 -18.06 13.97
C LEU A 576 -10.49 -17.86 12.94
N TRP A 577 -11.20 -18.93 12.57
CA TRP A 577 -12.14 -18.87 11.46
C TRP A 577 -13.58 -19.18 11.85
N LYS A 578 -13.80 -19.94 12.92
CA LYS A 578 -15.17 -20.21 13.37
C LYS A 578 -15.64 -19.12 14.32
N GLU A 579 -14.74 -18.62 15.16
CA GLU A 579 -15.02 -17.54 16.08
C GLU A 579 -14.44 -16.24 15.52
N ASP A 580 -14.73 -15.15 16.20
CA ASP A 580 -14.26 -13.83 15.80
C ASP A 580 -12.93 -13.56 16.50
N ALA A 581 -11.85 -13.56 15.72
CA ALA A 581 -10.51 -13.31 16.26
C ALA A 581 -10.13 -11.83 16.20
N SER A 582 -11.11 -10.94 15.97
CA SER A 582 -10.84 -9.52 15.78
C SER A 582 -10.02 -8.92 16.90
N LYS A 583 -10.19 -9.39 18.13
CA LYS A 583 -9.46 -8.82 19.26
C LYS A 583 -7.96 -9.01 19.09
N TYR A 584 -7.54 -10.06 18.37
CA TYR A 584 -6.12 -10.37 18.23
C TYR A 584 -5.55 -9.98 16.87
N GLY A 585 -6.40 -9.80 15.86
CA GLY A 585 -5.93 -9.55 14.51
C GLY A 585 -7.00 -9.74 13.47
N ASP A 586 -6.69 -10.47 12.40
CA ASP A 586 -7.61 -10.60 11.28
C ASP A 586 -8.93 -11.23 11.70
N LYS A 587 -10.00 -10.79 11.07
CA LYS A 587 -11.30 -11.43 11.17
C LYS A 587 -11.49 -12.31 9.93
N LEU A 588 -11.62 -13.61 10.16
CA LEU A 588 -11.83 -14.57 9.07
C LEU A 588 -13.28 -15.02 9.10
N SER A 589 -13.89 -15.13 7.93
CA SER A 589 -15.31 -15.44 7.86
C SER A 589 -15.57 -16.94 7.83
N SER A 590 -14.59 -17.76 7.46
CA SER A 590 -14.85 -19.18 7.30
C SER A 590 -13.54 -19.95 7.20
N TRP A 591 -13.65 -21.26 7.40
CA TRP A 591 -12.53 -22.16 7.15
C TRP A 591 -12.05 -22.03 5.71
N ASP A 592 -12.97 -21.94 4.75
CA ASP A 592 -12.57 -21.80 3.35
C ASP A 592 -11.77 -20.52 3.12
N GLU A 593 -12.16 -19.41 3.76
CA GLU A 593 -11.40 -18.18 3.62
C GLU A 593 -10.01 -18.32 4.23
N PHE A 594 -9.92 -18.97 5.39
CA PHE A 594 -8.61 -19.25 5.99
C PHE A 594 -7.74 -20.03 5.03
N VAL A 595 -8.30 -21.07 4.38
CA VAL A 595 -7.51 -21.89 3.48
C VAL A 595 -7.10 -21.10 2.24
N GLN A 596 -7.99 -20.27 1.71
CA GLN A 596 -7.71 -19.51 0.50
C GLN A 596 -6.64 -18.44 0.74
N LYS A 597 -6.79 -17.64 1.79
CA LYS A 597 -5.75 -16.69 2.14
C LYS A 597 -4.49 -17.42 2.59
N GLY A 598 -4.66 -18.51 3.31
CA GLY A 598 -3.56 -19.32 3.75
C GLY A 598 -2.86 -18.83 4.99
N VAL A 599 -3.25 -17.68 5.54
CA VAL A 599 -2.52 -17.11 6.65
C VAL A 599 -3.43 -16.15 7.40
N TRP A 600 -3.26 -16.11 8.72
CA TRP A 600 -3.92 -15.18 9.62
C TRP A 600 -2.84 -14.31 10.25
N ASN A 601 -3.05 -13.00 10.27
CA ASN A 601 -2.09 -12.06 10.82
C ASN A 601 -2.64 -11.42 12.09
N SER A 602 -1.77 -11.26 13.08
CA SER A 602 -2.16 -10.50 14.25
C SER A 602 -2.12 -9.01 13.96
N SER A 603 -2.64 -8.24 14.92
CA SER A 603 -2.45 -6.79 14.91
C SER A 603 -1.00 -6.47 15.22
N PRO A 604 -0.56 -5.25 14.96
CA PRO A 604 0.83 -4.88 15.31
C PRO A 604 1.07 -4.91 16.80
N TYR A 605 2.32 -5.18 17.17
CA TYR A 605 2.71 -5.26 18.56
C TYR A 605 2.56 -3.91 19.26
N LYS A 606 2.01 -3.95 20.47
CA LYS A 606 1.86 -2.75 21.30
C LYS A 606 3.16 -2.54 22.07
N LEU A 607 3.94 -1.54 21.68
CA LEU A 607 5.24 -1.33 22.30
C LEU A 607 5.08 -1.05 23.79
N GLU A 608 6.08 -1.51 24.55
CA GLU A 608 6.14 -1.41 26.01
C GLU A 608 5.05 -2.21 26.71
N ALA A 609 4.41 -3.15 26.01
CA ALA A 609 3.33 -3.92 26.61
C ALA A 609 3.77 -4.63 27.89
N ARG A 610 4.99 -5.17 27.91
CA ARG A 610 5.41 -5.97 29.05
C ARG A 610 6.13 -5.15 30.13
N TRP A 611 6.43 -3.89 29.87
CA TRP A 611 7.08 -3.06 30.87
C TRP A 611 6.27 -3.07 32.16
N GLY A 612 6.94 -3.33 33.28
CA GLY A 612 6.27 -3.35 34.56
C GLY A 612 5.51 -4.62 34.87
N LYS A 613 5.52 -5.61 33.98
CA LYS A 613 4.71 -6.81 34.17
C LYS A 613 5.40 -8.03 33.56
N PHE A 614 6.71 -8.12 33.73
CA PHE A 614 7.42 -9.30 33.27
C PHE A 614 7.07 -10.51 34.13
N LYS A 615 7.13 -11.69 33.51
CA LYS A 615 6.79 -12.93 34.21
C LYS A 615 8.01 -13.49 34.96
N THR A 616 8.66 -12.61 35.68
CA THR A 616 9.81 -12.92 36.52
C THR A 616 9.38 -12.90 37.98
N GLU A 617 10.27 -13.40 38.85
CA GLU A 617 9.97 -13.42 40.27
C GLU A 617 9.65 -12.03 40.80
N THR A 618 10.37 -11.00 40.32
CA THR A 618 10.14 -9.64 40.77
C THR A 618 9.14 -8.89 39.90
N THR A 619 8.79 -9.42 38.73
CA THR A 619 8.06 -8.74 37.66
C THR A 619 8.91 -7.67 36.97
N LYS A 620 10.19 -7.55 37.33
CA LYS A 620 11.11 -6.61 36.71
C LYS A 620 11.99 -7.33 35.70
N PHE A 621 12.70 -6.54 34.89
CA PHE A 621 13.79 -7.06 34.07
C PHE A 621 14.99 -7.26 35.00
N GLU A 622 15.38 -8.51 35.22
CA GLU A 622 16.26 -8.86 36.34
C GLU A 622 17.70 -8.95 35.88
N PHE A 623 18.48 -7.90 36.17
CA PHE A 623 19.93 -8.00 36.08
C PHE A 623 20.47 -8.93 37.15
N TYR A 624 19.83 -8.96 38.32
CA TYR A 624 20.08 -9.96 39.36
C TYR A 624 18.86 -10.87 39.34
N SER A 625 19.03 -12.06 38.77
CA SER A 625 17.89 -12.92 38.46
C SER A 625 17.48 -13.69 39.70
N LYS A 626 16.60 -13.08 40.50
CA LYS A 626 15.88 -13.82 41.54
C LYS A 626 15.12 -14.99 40.93
N THR A 627 14.69 -14.86 39.68
CA THR A 627 14.00 -15.95 39.02
C THR A 627 14.91 -17.17 38.91
N LEU A 628 16.17 -16.95 38.50
CA LEU A 628 17.11 -18.05 38.35
C LEU A 628 17.56 -18.58 39.71
N GLU A 629 17.73 -17.70 40.70
CA GLU A 629 18.05 -18.16 42.04
C GLU A 629 16.98 -19.11 42.56
N LYS A 630 15.71 -18.75 42.38
CA LYS A 630 14.63 -19.61 42.84
C LYS A 630 14.68 -20.97 42.17
N ALA A 631 14.92 -20.99 40.86
CA ALA A 631 15.00 -22.27 40.15
C ALA A 631 16.19 -23.08 40.64
N LEU A 632 17.34 -22.42 40.81
CA LEU A 632 18.51 -23.13 41.33
C LEU A 632 18.29 -23.59 42.75
N GLN A 633 17.65 -22.76 43.58
CA GLN A 633 17.34 -23.18 44.95
C GLN A 633 16.46 -24.42 44.95
N SER A 634 15.45 -24.45 44.07
CA SER A 634 14.58 -25.61 43.96
C SER A 634 15.39 -26.86 43.62
N HIS A 635 16.28 -26.75 42.64
CA HIS A 635 17.09 -27.88 42.24
C HIS A 635 18.03 -28.31 43.36
N ALA A 636 18.64 -27.33 44.03
CA ALA A 636 19.55 -27.61 45.14
C ALA A 636 18.82 -28.34 46.27
N ASP A 637 17.65 -27.83 46.66
CA ASP A 637 16.89 -28.44 47.74
C ASP A 637 16.47 -29.86 47.36
N LYS A 638 16.10 -30.07 46.10
CA LYS A 638 15.73 -31.40 45.63
C LYS A 638 16.85 -32.41 45.87
N HIS A 639 18.09 -31.99 45.68
CA HIS A 639 19.24 -32.88 45.79
C HIS A 639 20.02 -32.68 47.08
N LYS A 640 19.46 -31.95 48.05
CA LYS A 640 20.03 -31.82 49.39
C LYS A 640 21.46 -31.28 49.33
N VAL A 641 21.67 -30.28 48.47
CA VAL A 641 22.97 -29.62 48.34
C VAL A 641 22.73 -28.11 48.27
N SER A 642 23.83 -27.36 48.31
CA SER A 642 23.79 -25.92 48.15
C SER A 642 23.80 -25.57 46.66
N ILE A 643 23.46 -24.32 46.35
CA ILE A 643 23.50 -23.87 44.96
C ILE A 643 24.92 -23.93 44.42
N ASP A 644 25.89 -23.50 45.23
CA ASP A 644 27.29 -23.60 44.82
C ASP A 644 27.66 -25.04 44.45
N GLU A 645 27.18 -26.01 45.21
CA GLU A 645 27.46 -27.41 44.87
C GLU A 645 26.80 -27.79 43.55
N VAL A 646 25.63 -27.22 43.25
CA VAL A 646 25.03 -27.43 41.93
C VAL A 646 25.96 -26.87 40.86
N MET A 647 26.44 -25.65 41.06
CA MET A 647 27.34 -25.04 40.08
C MET A 647 28.57 -25.91 39.86
N LYS A 648 29.16 -26.39 40.95
CA LYS A 648 30.33 -27.25 40.83
C LYS A 648 29.98 -28.53 40.08
N ALA A 649 28.86 -29.16 40.46
CA ALA A 649 28.46 -30.41 39.81
C ALA A 649 28.18 -30.22 38.33
N CYS A 650 27.83 -29.00 37.91
CA CYS A 650 27.50 -28.70 36.52
C CYS A 650 28.65 -28.02 35.77
N ASP A 651 29.84 -28.00 36.36
CA ASP A 651 31.06 -27.46 35.74
CA ASP A 651 31.05 -27.47 35.72
C ASP A 651 30.90 -26.00 35.31
N TYR A 652 30.22 -25.20 36.13
CA TYR A 652 30.22 -23.76 35.97
C TYR A 652 31.23 -23.17 36.96
N GLN A 653 31.80 -22.02 36.59
CA GLN A 653 32.74 -21.32 37.47
C GLN A 653 32.04 -20.45 38.51
N ALA A 654 30.78 -20.05 38.26
CA ALA A 654 30.09 -19.17 39.17
C ALA A 654 29.95 -19.77 40.56
N ARG A 655 30.20 -18.95 41.58
CA ARG A 655 29.90 -19.28 42.97
C ARG A 655 29.23 -18.07 43.61
N GLY A 656 28.41 -18.33 44.62
CA GLY A 656 27.75 -17.24 45.31
C GLY A 656 26.86 -16.44 44.38
N HIS A 657 26.95 -15.11 44.53
CA HIS A 657 26.09 -14.20 43.77
C HIS A 657 26.27 -14.35 42.26
N LEU A 658 27.47 -14.74 41.82
CA LEU A 658 27.75 -14.80 40.40
C LEU A 658 26.81 -15.77 39.68
N ALA A 659 26.22 -16.72 40.41
CA ALA A 659 25.28 -17.64 39.78
C ALA A 659 24.05 -16.93 39.22
N PHE A 660 23.77 -15.71 39.68
CA PHE A 660 22.52 -15.04 39.34
C PHE A 660 22.69 -13.76 38.54
N ILE A 661 23.90 -13.39 38.16
CA ILE A 661 24.12 -12.13 37.45
C ILE A 661 24.91 -12.40 36.18
N PRO A 662 24.84 -11.48 35.21
CA PRO A 662 25.74 -11.57 34.06
C PRO A 662 27.18 -11.54 34.53
N HIS A 663 27.96 -12.52 34.09
CA HIS A 663 29.35 -12.62 34.50
C HIS A 663 30.10 -13.47 33.48
N TYR A 664 31.42 -13.44 33.58
CA TYR A 664 32.28 -14.12 32.61
C TYR A 664 32.55 -15.55 33.05
N GLU A 665 32.13 -16.51 32.24
CA GLU A 665 32.54 -17.89 32.37
C GLU A 665 33.61 -18.16 31.32
N GLU A 666 34.79 -18.58 31.75
CA GLU A 666 35.80 -18.98 30.76
C GLU A 666 35.20 -20.09 29.90
N PRO A 667 35.31 -20.02 28.57
CA PRO A 667 34.68 -21.05 27.74
C PRO A 667 35.30 -22.42 28.00
N TYR A 668 34.44 -23.42 28.13
CA TYR A 668 34.91 -24.80 28.25
C TYR A 668 35.60 -25.22 26.96
N ARG A 669 36.70 -25.96 27.10
CA ARG A 669 37.46 -26.48 25.98
C ARG A 669 37.79 -27.94 26.23
N PHE A 670 37.77 -28.77 25.19
CA PHE A 670 38.09 -30.19 25.33
C PHE A 670 39.23 -30.57 24.40
N GLY A 671 40.25 -31.19 24.95
CA GLY A 671 41.38 -31.65 24.18
C GLY A 671 42.62 -30.82 24.44
N ASP A 672 43.76 -31.43 24.15
CA ASP A 672 45.05 -30.76 24.33
C ASP A 672 45.27 -29.80 23.16
N GLU A 673 45.44 -28.51 23.49
CA GLU A 673 45.58 -27.50 22.43
C GLU A 673 46.84 -27.71 21.61
N SER A 674 47.87 -28.33 22.20
CA SER A 674 49.08 -28.60 21.45
C SER A 674 48.85 -29.65 20.37
N GLU A 675 48.01 -30.65 20.67
CA GLU A 675 47.69 -31.67 19.67
C GLU A 675 46.58 -31.23 18.74
N PHE A 676 45.64 -30.41 19.23
CA PHE A 676 44.46 -29.98 18.47
C PHE A 676 44.45 -28.45 18.45
N PRO A 677 45.21 -27.84 17.54
CA PRO A 677 45.48 -26.39 17.66
C PRO A 677 44.39 -25.48 17.11
N LEU A 678 43.34 -26.01 16.47
CA LEU A 678 42.33 -25.17 15.83
C LEU A 678 40.98 -25.34 16.51
N LEU A 679 40.25 -24.23 16.62
CA LEU A 679 38.89 -24.25 17.16
C LEU A 679 37.89 -24.36 16.02
N LEU A 680 37.03 -25.38 16.07
CA LEU A 680 36.01 -25.53 15.05
C LEU A 680 34.99 -24.40 15.15
N VAL A 681 34.66 -23.81 14.00
CA VAL A 681 33.58 -22.85 13.91
C VAL A 681 32.52 -23.47 13.02
N ASP A 682 31.60 -24.21 13.65
CA ASP A 682 30.46 -24.82 12.96
C ASP A 682 29.50 -23.72 12.51
N GLN A 683 28.96 -23.88 11.30
CA GLN A 683 28.00 -22.94 10.73
C GLN A 683 26.98 -23.73 9.92
N LYS A 684 25.85 -23.10 9.68
CA LYS A 684 24.85 -23.64 8.76
C LYS A 684 25.09 -23.09 7.36
N SER A 685 24.73 -23.89 6.37
CA SER A 685 24.65 -23.38 5.00
C SER A 685 23.35 -22.60 4.83
N ARG A 686 23.43 -21.47 4.13
CA ARG A 686 22.21 -20.73 3.84
C ARG A 686 21.32 -21.47 2.85
N LEU A 687 21.76 -22.62 2.34
CA LEU A 687 20.91 -23.47 1.53
C LEU A 687 20.49 -24.76 2.27
N ASN A 688 20.89 -24.92 3.53
CA ASN A 688 20.37 -26.00 4.36
C ASN A 688 18.91 -25.75 4.71
N LYS A 689 18.00 -26.62 4.26
CA LYS A 689 16.68 -26.74 4.89
C LYS A 689 16.88 -27.75 6.02
N GLU A 690 17.38 -27.25 7.15
CA GLU A 690 17.87 -28.06 8.26
C GLU A 690 18.75 -29.18 7.67
N GLY A 691 18.54 -30.44 8.05
CA GLY A 691 19.36 -31.50 7.49
C GLY A 691 18.72 -32.18 6.28
N ARG A 692 17.98 -31.42 5.47
CA ARG A 692 17.08 -32.02 4.51
C ARG A 692 17.23 -31.54 3.06
N THR A 693 18.29 -30.79 2.73
CA THR A 693 18.54 -30.48 1.32
C THR A 693 19.84 -31.08 0.78
N ALA A 694 20.50 -31.98 1.52
CA ALA A 694 21.72 -32.58 1.02
C ALA A 694 21.48 -33.56 -0.12
N ASN A 695 20.23 -33.94 -0.38
CA ASN A 695 19.90 -34.75 -1.54
C ASN A 695 19.27 -33.92 -2.65
N SER A 696 19.53 -32.61 -2.66
CA SER A 696 19.00 -31.72 -3.68
CA SER A 696 19.00 -31.71 -3.68
C SER A 696 20.14 -31.24 -4.57
N PRO A 697 20.19 -31.63 -5.84
CA PRO A 697 21.32 -31.18 -6.68
C PRO A 697 21.47 -29.68 -6.77
N TRP A 698 20.37 -28.91 -6.70
CA TRP A 698 20.49 -27.46 -6.79
C TRP A 698 21.26 -26.90 -5.59
N TYR A 699 21.18 -27.58 -4.44
CA TYR A 699 21.97 -27.18 -3.26
C TYR A 699 23.44 -27.09 -3.61
N TYR A 700 23.98 -28.14 -4.22
CA TYR A 700 25.39 -28.17 -4.56
C TYR A 700 25.70 -27.20 -5.70
N GLU A 701 24.79 -27.07 -6.66
CA GLU A 701 25.04 -26.20 -7.81
C GLU A 701 25.31 -24.75 -7.35
N PHE A 702 24.69 -24.32 -6.25
CA PHE A 702 24.82 -22.94 -5.79
C PHE A 702 25.47 -22.85 -4.41
N LYS A 703 26.23 -23.87 -4.02
CA LYS A 703 26.71 -23.93 -2.65
C LYS A 703 27.61 -22.76 -2.28
N ASP A 704 28.23 -22.10 -3.27
CA ASP A 704 29.12 -20.99 -2.97
C ASP A 704 28.36 -19.69 -2.63
N VAL A 705 27.02 -19.73 -2.56
CA VAL A 705 26.34 -18.56 -1.99
C VAL A 705 26.68 -18.43 -0.51
N ASP A 706 27.19 -19.49 0.12
CA ASP A 706 27.78 -19.38 1.44
C ASP A 706 29.14 -18.69 1.32
N PRO A 707 29.32 -17.50 1.90
CA PRO A 707 30.55 -16.73 1.64
C PRO A 707 31.78 -17.55 1.98
N GLY A 708 32.69 -17.67 1.00
CA GLY A 708 33.91 -18.43 1.14
C GLY A 708 33.84 -19.87 0.70
N ASP A 709 32.65 -20.44 0.50
CA ASP A 709 32.51 -21.85 0.17
C ASP A 709 32.59 -22.07 -1.34
N VAL A 710 32.43 -23.33 -1.76
CA VAL A 710 32.77 -23.77 -3.10
C VAL A 710 31.64 -24.62 -3.66
N ALA A 711 31.19 -24.30 -4.88
CA ALA A 711 30.10 -25.04 -5.48
C ALA A 711 30.47 -26.51 -5.61
N ASN A 712 29.50 -27.38 -5.35
CA ASN A 712 29.65 -28.82 -5.58
C ASN A 712 30.76 -29.45 -4.74
N GLU A 713 31.10 -28.81 -3.60
CA GLU A 713 32.11 -29.33 -2.69
C GLU A 713 31.64 -29.18 -1.24
N ASP A 714 32.33 -29.90 -0.36
CA ASP A 714 32.28 -29.64 1.08
C ASP A 714 33.67 -29.15 1.47
N VAL A 715 33.78 -27.89 1.86
CA VAL A 715 35.08 -27.32 2.21
C VAL A 715 35.06 -26.88 3.66
N ALA A 716 36.22 -27.00 4.30
CA ALA A 716 36.53 -26.35 5.57
C ALA A 716 37.44 -25.16 5.29
N LYS A 717 37.10 -24.01 5.87
CA LYS A 717 37.77 -22.76 5.55
C LYS A 717 38.81 -22.43 6.60
N PHE A 718 40.05 -22.22 6.15
CA PHE A 718 41.16 -21.86 7.02
C PHE A 718 41.68 -20.49 6.61
N ASN A 719 42.09 -19.68 7.58
CA ASN A 719 42.83 -18.47 7.24
C ASN A 719 44.12 -18.85 6.52
N PRO A 720 44.54 -18.09 5.50
CA PRO A 720 45.79 -18.43 4.82
C PRO A 720 46.98 -18.58 5.75
N ILE A 721 46.99 -17.92 6.91
CA ILE A 721 48.07 -18.09 7.87
C ILE A 721 48.17 -19.55 8.31
N ASP A 722 47.03 -20.15 8.66
CA ASP A 722 47.02 -21.55 9.08
C ASP A 722 47.20 -22.48 7.90
N GLY A 723 46.72 -22.08 6.72
CA GLY A 723 46.99 -22.86 5.53
C GLY A 723 48.48 -23.03 5.28
N LYS A 724 49.23 -21.93 5.38
CA LYS A 724 50.69 -22.01 5.25
C LYS A 724 51.30 -22.83 6.39
N LYS A 725 50.78 -22.65 7.60
CA LYS A 725 51.32 -23.37 8.75
C LYS A 725 51.17 -24.87 8.60
N PHE A 726 50.04 -25.33 8.04
CA PHE A 726 49.73 -26.75 7.94
C PHE A 726 49.92 -27.30 6.53
N GLY A 727 50.49 -26.52 5.63
CA GLY A 727 50.79 -27.00 4.29
C GLY A 727 49.57 -27.30 3.45
N LEU A 728 48.51 -26.50 3.59
CA LEU A 728 47.25 -26.72 2.90
C LEU A 728 47.12 -25.76 1.72
N LYS A 729 46.50 -26.25 0.66
CA LYS A 729 46.17 -25.45 -0.51
C LYS A 729 44.73 -25.71 -0.88
N ASP A 730 44.10 -24.73 -1.54
CA ASP A 730 42.74 -24.89 -2.02
C ASP A 730 42.60 -26.19 -2.79
N GLY A 731 41.55 -26.94 -2.46
CA GLY A 731 41.26 -28.18 -3.15
C GLY A 731 41.90 -29.41 -2.57
N ASP A 732 42.83 -29.25 -1.61
CA ASP A 732 43.46 -30.39 -0.98
C ASP A 732 42.44 -31.24 -0.22
N GLU A 733 42.49 -32.54 -0.43
CA GLU A 733 41.75 -33.46 0.43
C GLU A 733 42.38 -33.48 1.81
N ILE A 734 41.58 -33.21 2.83
CA ILE A 734 42.08 -33.11 4.20
C ILE A 734 41.26 -34.00 5.12
N ARG A 735 41.90 -34.39 6.22
CA ARG A 735 41.23 -35.03 7.35
C ARG A 735 41.29 -34.09 8.54
N ILE A 736 40.14 -33.85 9.16
CA ILE A 736 40.05 -33.05 10.38
C ILE A 736 39.72 -34.01 11.51
N THR A 737 40.52 -33.96 12.56
CA THR A 737 40.41 -34.91 13.66
C THR A 737 40.25 -34.15 14.97
N SER A 738 39.30 -34.60 15.79
CA SER A 738 39.14 -34.09 17.15
C SER A 738 39.38 -35.23 18.13
N PRO A 739 39.32 -34.98 19.44
CA PRO A 739 39.48 -36.09 20.39
C PRO A 739 38.43 -37.18 20.26
N VAL A 740 37.27 -36.91 19.65
CA VAL A 740 36.18 -37.90 19.62
C VAL A 740 35.92 -38.47 18.24
N GLY A 741 36.51 -37.93 17.19
CA GLY A 741 36.22 -38.45 15.87
C GLY A 741 36.94 -37.67 14.79
N MET A 742 36.59 -38.00 13.55
CA MET A 742 37.25 -37.37 12.41
C MET A 742 36.25 -37.28 11.26
N LEU A 743 36.60 -36.46 10.28
CA LEU A 743 35.90 -36.40 9.01
C LEU A 743 36.91 -36.04 7.94
N THR A 744 36.53 -36.27 6.67
CA THR A 744 37.32 -35.83 5.54
C THR A 744 36.48 -34.89 4.69
N CYS A 745 37.14 -33.87 4.13
CA CYS A 745 36.51 -32.90 3.24
C CYS A 745 37.64 -32.26 2.44
N LYS A 746 37.39 -31.08 1.88
CA LYS A 746 38.40 -30.35 1.13
C LYS A 746 38.76 -29.04 1.82
N ALA A 747 39.96 -28.56 1.52
CA ALA A 747 40.47 -27.35 2.13
C ALA A 747 40.17 -26.12 1.26
N LYS A 748 39.87 -25.01 1.93
CA LYS A 748 39.70 -23.72 1.27
C LYS A 748 40.39 -22.67 2.13
N LEU A 749 41.25 -21.87 1.53
CA LEU A 749 41.92 -20.79 2.25
C LEU A 749 41.09 -19.53 2.06
N TRP A 750 40.76 -18.85 3.16
CA TRP A 750 39.87 -17.71 3.09
C TRP A 750 40.20 -16.73 4.21
N GLU A 751 40.41 -15.45 3.84
CA GLU A 751 40.81 -14.46 4.84
C GLU A 751 39.67 -14.11 5.80
N GLY A 752 38.43 -14.47 5.48
CA GLY A 752 37.31 -14.25 6.38
C GLY A 752 37.22 -15.20 7.55
N VAL A 753 38.27 -15.99 7.77
CA VAL A 753 38.36 -16.93 8.89
C VAL A 753 39.33 -16.37 9.93
N ARG A 754 38.89 -16.31 11.18
CA ARG A 754 39.80 -15.90 12.24
C ARG A 754 40.95 -16.89 12.33
N PRO A 755 42.21 -16.43 12.35
CA PRO A 755 43.32 -17.37 12.53
C PRO A 755 43.15 -18.17 13.81
N GLY A 756 43.54 -19.44 13.75
CA GLY A 756 43.34 -20.35 14.86
C GLY A 756 41.99 -21.04 14.89
N THR A 757 41.13 -20.77 13.90
CA THR A 757 39.84 -21.44 13.80
C THR A 757 39.70 -22.03 12.40
N VAL A 758 38.70 -22.90 12.25
CA VAL A 758 38.34 -23.47 10.95
C VAL A 758 36.83 -23.43 10.86
N ALA A 759 36.32 -22.75 9.84
CA ALA A 759 34.89 -22.52 9.67
C ALA A 759 34.36 -23.48 8.61
N LYS A 760 33.44 -24.36 9.01
CA LYS A 760 32.91 -25.36 8.10
C LYS A 760 31.42 -25.54 8.29
N CYS A 761 30.69 -25.54 7.19
CA CYS A 761 29.25 -25.77 7.23
C CYS A 761 28.93 -27.20 7.69
N PHE A 762 28.02 -27.28 8.66
CA PHE A 762 27.22 -28.47 8.87
C PHE A 762 26.29 -28.67 7.68
N GLY A 763 26.03 -29.93 7.35
CA GLY A 763 24.97 -30.24 6.40
C GLY A 763 25.33 -31.33 5.43
N GLN A 764 26.60 -31.46 5.10
CA GLN A 764 27.08 -32.55 4.27
C GLN A 764 27.63 -33.65 5.19
N GLY A 765 28.20 -34.69 4.58
CA GLY A 765 28.65 -35.83 5.35
C GLY A 765 27.62 -36.92 5.54
N HIS A 766 26.48 -36.83 4.85
CA HIS A 766 25.52 -37.92 4.84
C HIS A 766 26.15 -39.16 4.20
N TRP A 767 25.92 -40.32 4.82
CA TRP A 767 26.20 -41.61 4.20
C TRP A 767 24.93 -42.34 3.80
N ALA A 768 23.76 -41.76 4.09
CA ALA A 768 22.49 -42.29 3.61
C ALA A 768 21.69 -41.15 2.96
N TYR A 769 20.39 -41.10 3.26
CA TYR A 769 19.45 -40.08 2.76
C TYR A 769 19.11 -40.27 1.29
N GLY A 770 20.10 -40.30 0.41
CA GLY A 770 19.82 -40.47 -1.00
C GLY A 770 21.09 -40.54 -1.81
N ARG A 771 20.90 -40.67 -3.13
CA ARG A 771 22.05 -40.89 -4.01
C ARG A 771 22.86 -39.63 -4.22
N TYR A 772 22.24 -38.44 -4.10
CA TYR A 772 23.01 -37.22 -4.28
C TYR A 772 23.73 -36.83 -3.00
N ALA A 773 23.15 -37.15 -1.85
CA ALA A 773 23.71 -36.77 -0.56
C ALA A 773 24.84 -37.67 -0.10
N SER A 774 24.98 -38.86 -0.69
CA SER A 774 26.01 -39.81 -0.30
C SER A 774 26.86 -40.20 -1.50
N ALA A 775 28.06 -40.73 -1.20
CA ALA A 775 28.88 -41.28 -2.28
C ALA A 775 28.39 -42.67 -2.66
N LYS A 776 28.36 -43.59 -1.70
CA LYS A 776 27.76 -44.90 -1.88
C LYS A 776 26.74 -45.08 -0.76
N PHE A 777 25.46 -45.06 -1.14
CA PHE A 777 24.38 -45.07 -0.18
C PHE A 777 24.54 -46.19 0.85
N GLY A 778 24.51 -45.83 2.13
CA GLY A 778 24.65 -46.76 3.22
C GLY A 778 26.06 -47.09 3.61
N VAL A 779 27.06 -46.59 2.89
CA VAL A 779 28.44 -47.02 3.09
C VAL A 779 29.39 -45.83 3.25
N THR A 780 29.42 -44.96 2.24
CA THR A 780 30.43 -43.94 2.13
C THR A 780 29.81 -42.56 2.00
N PRO A 781 30.23 -41.58 2.80
CA PRO A 781 29.59 -40.26 2.78
C PRO A 781 30.08 -39.36 1.66
N ARG A 782 29.25 -38.38 1.34
CA ARG A 782 29.66 -37.23 0.52
C ARG A 782 30.01 -36.09 1.48
N GLY A 783 31.23 -35.58 1.39
CA GLY A 783 31.65 -34.56 2.34
C GLY A 783 31.93 -35.16 3.72
N GLY A 784 31.85 -34.29 4.73
CA GLY A 784 32.22 -34.67 6.09
C GLY A 784 31.20 -34.24 7.10
N SER A 785 30.93 -35.11 8.07
CA SER A 785 29.86 -34.92 9.04
C SER A 785 30.42 -34.18 10.26
N ASN A 786 30.05 -32.90 10.39
CA ASN A 786 30.60 -32.07 11.45
C ASN A 786 30.40 -32.69 12.82
N ASN A 787 29.24 -33.27 13.07
CA ASN A 787 28.93 -33.71 14.42
C ASN A 787 29.75 -34.89 14.88
N ASP A 788 30.41 -35.59 13.95
CA ASP A 788 31.37 -36.61 14.36
C ASP A 788 32.59 -35.99 15.05
N LEU A 789 32.81 -34.68 14.90
CA LEU A 789 33.92 -34.01 15.54
C LEU A 789 33.58 -33.46 16.92
N ILE A 790 32.29 -33.30 17.23
CA ILE A 790 31.84 -32.47 18.33
C ILE A 790 31.56 -33.36 19.54
N ALA A 791 32.40 -33.23 20.56
CA ALA A 791 32.23 -34.06 21.76
C ALA A 791 30.90 -33.77 22.43
N ASP A 792 30.27 -34.83 22.93
CA ASP A 792 28.96 -34.80 23.58
C ASP A 792 29.05 -34.06 24.90
N ARG A 793 28.62 -32.78 24.90
CA ARG A 793 28.74 -31.89 26.04
C ARG A 793 27.48 -31.05 26.15
N TYR A 794 27.23 -30.51 27.35
CA TYR A 794 25.95 -29.89 27.68
C TYR A 794 26.11 -28.58 28.43
N ASP A 795 25.24 -27.61 28.11
CA ASP A 795 24.92 -26.48 28.98
C ASP A 795 23.92 -27.01 30.00
N ARG A 796 24.43 -27.49 31.14
CA ARG A 796 23.59 -28.31 32.01
C ARG A 796 22.47 -27.52 32.67
N LEU A 797 22.64 -26.20 32.85
CA LEU A 797 21.54 -25.41 33.39
C LEU A 797 20.33 -25.38 32.45
N SER A 798 20.57 -25.45 31.14
CA SER A 798 19.46 -25.43 30.18
C SER A 798 19.13 -26.79 29.61
N GLY A 799 20.06 -27.75 29.69
CA GLY A 799 19.93 -29.01 29.00
C GLY A 799 20.47 -29.01 27.59
N ALA A 800 20.91 -27.86 27.09
CA ALA A 800 21.32 -27.75 25.69
C ALA A 800 22.60 -28.52 25.43
N SER A 801 22.69 -29.09 24.24
CA SER A 801 23.94 -29.63 23.73
C SER A 801 24.83 -28.49 23.27
N ALA A 802 26.14 -28.66 23.47
CA ALA A 802 27.12 -27.69 23.00
C ALA A 802 27.61 -28.09 21.61
N PHE A 803 27.55 -27.15 20.68
CA PHE A 803 28.09 -27.35 19.33
C PHE A 803 29.26 -26.42 19.03
N TYR A 804 29.63 -25.56 19.97
CA TYR A 804 30.57 -24.49 19.66
C TYR A 804 31.52 -24.28 20.82
N GLY A 805 32.66 -23.68 20.53
CA GLY A 805 33.57 -23.23 21.58
C GLY A 805 34.50 -24.27 22.14
N HIS A 806 34.01 -25.48 22.43
CA HIS A 806 34.84 -26.49 23.09
C HIS A 806 35.54 -27.42 22.12
N ILE A 807 35.30 -27.31 20.81
CA ILE A 807 35.78 -28.29 19.85
C ILE A 807 37.15 -27.85 19.34
N ARG A 808 38.19 -28.55 19.76
CA ARG A 808 39.54 -28.40 19.22
C ARG A 808 39.79 -29.48 18.19
N VAL A 809 40.43 -29.11 17.07
CA VAL A 809 40.73 -30.05 16.00
C VAL A 809 42.15 -29.86 15.48
N ARG A 810 42.62 -30.87 14.78
CA ARG A 810 43.82 -30.77 13.97
C ARG A 810 43.44 -31.15 12.54
N VAL A 811 44.32 -30.80 11.61
CA VAL A 811 44.08 -31.03 10.19
C VAL A 811 45.36 -31.59 9.56
N GLU A 812 45.17 -32.44 8.56
CA GLU A 812 46.28 -32.99 7.79
C GLU A 812 45.76 -33.33 6.40
N LYS A 813 46.67 -33.42 5.44
CA LYS A 813 46.29 -33.76 4.08
C LYS A 813 45.99 -35.25 3.94
N VAL A 814 45.14 -35.57 2.96
CA VAL A 814 44.80 -36.93 2.58
C VAL A 814 43.95 -37.59 3.66
N MET B 1 12.19 1.24 -27.66
CA MET B 1 12.09 0.52 -26.36
C MET B 1 13.40 -0.23 -26.12
N ARG B 2 13.92 -0.09 -24.90
CA ARG B 2 15.17 -0.76 -24.50
C ARG B 2 14.97 -1.26 -23.07
N LEU B 3 14.43 -2.47 -22.96
CA LEU B 3 14.23 -3.04 -21.64
C LEU B 3 15.57 -3.33 -20.98
N GLY B 4 15.62 -3.14 -19.67
CA GLY B 4 16.82 -3.40 -18.91
C GLY B 4 16.48 -3.56 -17.45
N MET B 5 17.51 -3.81 -16.66
CA MET B 5 17.35 -4.11 -15.25
C MET B 5 18.30 -3.26 -14.44
N VAL B 6 17.83 -2.82 -13.27
CA VAL B 6 18.68 -2.16 -12.30
C VAL B 6 18.72 -3.04 -11.05
N ILE B 7 19.93 -3.30 -10.55
CA ILE B 7 20.14 -4.15 -9.39
C ILE B 7 20.78 -3.31 -8.29
N ASP B 8 20.11 -3.25 -7.15
CA ASP B 8 20.54 -2.47 -5.99
C ASP B 8 21.42 -3.35 -5.11
N LEU B 9 22.74 -3.11 -5.12
CA LEU B 9 23.64 -3.98 -4.38
C LEU B 9 23.54 -3.79 -2.87
N GLN B 10 23.02 -2.65 -2.40
CA GLN B 10 22.83 -2.50 -0.96
C GLN B 10 21.70 -3.39 -0.48
N LYS B 11 20.63 -3.51 -1.28
CA LYS B 11 19.52 -4.38 -0.94
C LYS B 11 19.89 -5.85 -1.09
N CYS B 12 20.78 -6.17 -2.02
CA CYS B 12 21.13 -7.55 -2.30
C CYS B 12 21.84 -8.18 -1.10
N VAL B 13 21.44 -9.41 -0.75
CA VAL B 13 22.08 -10.15 0.34
C VAL B 13 22.88 -11.35 -0.18
N GLY B 14 23.00 -11.50 -1.50
CA GLY B 14 23.84 -12.53 -2.09
C GLY B 14 23.38 -13.95 -1.85
N CYS B 15 22.08 -14.19 -1.88
CA CYS B 15 21.49 -15.47 -1.46
C CYS B 15 21.30 -16.45 -2.61
N GLY B 16 21.30 -15.97 -3.86
CA GLY B 16 21.09 -16.83 -5.00
C GLY B 16 19.65 -17.18 -5.27
N GLY B 17 18.70 -16.56 -4.56
CA GLY B 17 17.29 -16.89 -4.78
C GLY B 17 16.86 -16.59 -6.20
N CYS B 18 17.39 -15.52 -6.79
CA CYS B 18 17.12 -15.20 -8.18
C CYS B 18 17.57 -16.32 -9.10
N SER B 19 18.76 -16.86 -8.87
CA SER B 19 19.28 -17.91 -9.74
C SER B 19 18.49 -19.19 -9.60
N LEU B 20 18.09 -19.53 -8.37
CA LEU B 20 17.25 -20.71 -8.16
C LEU B 20 15.87 -20.51 -8.77
N ALA B 21 15.29 -19.32 -8.66
CA ALA B 21 14.03 -19.07 -9.35
C ALA B 21 14.19 -19.27 -10.85
N CYS B 22 15.33 -18.84 -11.40
CA CYS B 22 15.56 -19.02 -12.83
C CYS B 22 15.59 -20.50 -13.19
N LYS B 23 16.20 -21.34 -12.33
CA LYS B 23 16.19 -22.78 -12.55
C LYS B 23 14.76 -23.31 -12.67
N THR B 24 13.89 -22.94 -11.73
CA THR B 24 12.52 -23.45 -11.75
C THR B 24 11.72 -22.89 -12.91
N GLU B 25 12.04 -21.66 -13.34
CA GLU B 25 11.27 -21.03 -14.40
C GLU B 25 11.61 -21.64 -15.76
N ASN B 26 12.88 -21.91 -16.02
CA ASN B 26 13.37 -22.10 -17.38
C ASN B 26 13.90 -23.50 -17.66
N ASN B 27 13.88 -24.39 -16.67
CA ASN B 27 14.18 -25.80 -16.88
CA ASN B 27 14.18 -25.81 -16.86
C ASN B 27 15.57 -26.02 -17.44
N THR B 28 16.51 -25.19 -17.02
CA THR B 28 17.89 -25.36 -17.40
C THR B 28 18.45 -26.67 -16.86
N ASN B 29 19.29 -27.30 -17.66
CA ASN B 29 19.91 -28.55 -17.24
C ASN B 29 20.71 -28.34 -15.95
N ASP B 30 20.97 -29.45 -15.27
CA ASP B 30 21.87 -29.42 -14.13
C ASP B 30 23.20 -28.83 -14.55
N GLY B 31 23.68 -27.87 -13.76
CA GLY B 31 24.92 -27.19 -14.04
C GLY B 31 24.81 -25.96 -14.93
N ILE B 32 23.67 -25.75 -15.59
CA ILE B 32 23.43 -24.58 -16.43
C ILE B 32 22.60 -23.59 -15.64
N HIS B 33 23.12 -22.38 -15.45
CA HIS B 33 22.43 -21.36 -14.68
C HIS B 33 22.49 -20.04 -15.45
N TRP B 34 21.34 -19.66 -16.04
CA TRP B 34 21.26 -18.42 -16.80
C TRP B 34 21.54 -17.23 -15.91
N SER B 35 20.90 -17.21 -14.76
CA SER B 35 21.24 -16.30 -13.68
C SER B 35 22.37 -16.90 -12.86
N HIS B 36 23.40 -16.12 -12.59
CA HIS B 36 24.49 -16.61 -11.75
C HIS B 36 25.05 -15.41 -10.98
N HIS B 37 26.35 -15.40 -10.70
CA HIS B 37 26.89 -14.34 -9.86
C HIS B 37 28.39 -14.26 -10.04
N ILE B 38 28.94 -13.13 -9.59
CA ILE B 38 30.38 -12.93 -9.44
C ILE B 38 30.60 -12.48 -8.00
N ALA B 39 31.27 -13.31 -7.21
CA ALA B 39 31.58 -12.98 -5.83
C ALA B 39 33.08 -12.78 -5.69
N THR B 40 33.48 -11.82 -4.87
CA THR B 40 34.89 -11.53 -4.63
C THR B 40 35.13 -11.34 -3.14
N THR B 41 36.28 -11.81 -2.67
CA THR B 41 36.77 -11.53 -1.32
C THR B 41 38.05 -10.73 -1.47
N GLU B 42 38.14 -9.61 -0.75
CA GLU B 42 39.28 -8.71 -0.85
C GLU B 42 39.80 -8.38 0.54
N GLY B 43 41.11 -8.24 0.66
CA GLY B 43 41.71 -7.80 1.89
C GLY B 43 42.31 -8.94 2.70
N THR B 44 43.12 -8.56 3.66
CA THR B 44 43.75 -9.50 4.58
C THR B 44 43.14 -9.37 5.96
N PHE B 45 42.93 -10.50 6.62
CA PHE B 45 42.33 -10.50 7.94
C PHE B 45 43.02 -9.48 8.83
N PRO B 46 42.28 -8.69 9.62
CA PRO B 46 40.83 -8.74 9.82
C PRO B 46 40.03 -7.82 8.90
N ASP B 47 40.70 -7.18 7.94
CA ASP B 47 40.08 -6.15 7.10
C ASP B 47 39.62 -6.76 5.78
N VAL B 48 38.55 -7.55 5.87
CA VAL B 48 38.11 -8.40 4.77
C VAL B 48 36.76 -7.91 4.26
N LYS B 49 36.66 -7.79 2.94
CA LYS B 49 35.45 -7.38 2.25
C LYS B 49 34.96 -8.52 1.37
N TYR B 50 33.68 -8.87 1.49
CA TYR B 50 33.05 -9.84 0.61
C TYR B 50 31.92 -9.15 -0.15
N THR B 51 31.88 -9.37 -1.46
CA THR B 51 30.87 -8.76 -2.34
CA THR B 51 30.82 -8.79 -2.28
C THR B 51 30.29 -9.82 -3.26
N TYR B 52 28.98 -9.76 -3.51
CA TYR B 52 28.25 -10.62 -4.43
C TYR B 52 27.58 -9.74 -5.48
N ILE B 53 27.81 -10.04 -6.74
CA ILE B 53 27.19 -9.31 -7.85
C ILE B 53 26.34 -10.30 -8.65
N PRO B 54 25.03 -10.17 -8.65
CA PRO B 54 24.21 -11.06 -9.50
C PRO B 54 24.42 -10.73 -10.97
N THR B 55 24.44 -11.78 -11.79
CA THR B 55 24.67 -11.59 -13.22
C THR B 55 23.61 -12.32 -14.04
N LEU B 56 23.40 -11.82 -15.25
CA LEU B 56 22.49 -12.41 -16.21
C LEU B 56 22.89 -11.90 -17.59
N CYS B 57 22.07 -12.18 -18.59
CA CYS B 57 22.30 -11.59 -19.90
C CYS B 57 22.01 -10.10 -19.82
N ASN B 58 22.89 -9.30 -20.41
CA ASN B 58 22.75 -7.85 -20.33
C ASN B 58 21.92 -7.28 -21.47
N HIS B 59 21.42 -8.13 -22.36
CA HIS B 59 20.54 -7.72 -23.46
C HIS B 59 21.02 -6.42 -24.10
N CYS B 60 22.25 -6.53 -24.62
CA CYS B 60 23.08 -5.38 -24.96
C CYS B 60 22.49 -4.58 -26.12
N ASP B 61 22.79 -3.28 -26.10
CA ASP B 61 22.41 -2.40 -27.20
C ASP B 61 23.09 -2.80 -28.50
N ASP B 62 24.34 -3.23 -28.42
CA ASP B 62 25.12 -3.64 -29.60
CA ASP B 62 25.15 -3.63 -29.58
C ASP B 62 25.71 -5.02 -29.28
N ALA B 63 24.88 -6.04 -29.45
CA ALA B 63 25.18 -7.41 -29.02
C ALA B 63 26.08 -8.14 -29.99
N PRO B 64 27.33 -8.44 -29.61
CA PRO B 64 28.20 -9.22 -30.51
C PRO B 64 27.70 -10.63 -30.78
N CYS B 65 26.99 -11.22 -29.83
CA CYS B 65 26.42 -12.55 -30.04
C CYS B 65 25.46 -12.57 -31.21
N VAL B 66 24.74 -11.47 -31.43
CA VAL B 66 23.85 -11.37 -32.58
C VAL B 66 24.66 -11.22 -33.87
N LYS B 67 25.70 -10.37 -33.84
CA LYS B 67 26.42 -10.04 -35.06
C LYS B 67 27.18 -11.24 -35.63
N VAL B 68 27.67 -12.14 -34.77
CA VAL B 68 28.45 -13.28 -35.26
C VAL B 68 27.60 -14.50 -35.60
N CYS B 69 26.33 -14.52 -35.23
CA CYS B 69 25.53 -15.73 -35.41
C CYS B 69 25.31 -15.99 -36.90
N PRO B 70 25.80 -17.11 -37.45
CA PRO B 70 25.72 -17.30 -38.91
C PRO B 70 24.32 -17.61 -39.41
N THR B 71 23.43 -18.11 -38.55
CA THR B 71 22.09 -18.49 -38.99
C THR B 71 21.02 -17.44 -38.70
N GLY B 72 21.35 -16.40 -37.96
CA GLY B 72 20.34 -15.47 -37.51
C GLY B 72 19.50 -15.98 -36.35
N ALA B 73 19.83 -17.13 -35.77
CA ALA B 73 19.06 -17.63 -34.65
C ALA B 73 19.06 -16.65 -33.49
N MET B 74 20.23 -16.08 -33.18
CA MET B 74 20.33 -15.06 -32.16
C MET B 74 19.97 -13.70 -32.76
N HIS B 75 19.00 -13.01 -32.14
CA HIS B 75 18.44 -11.81 -32.75
C HIS B 75 17.91 -10.87 -31.68
N LYS B 76 17.72 -9.61 -32.05
CA LYS B 76 17.08 -8.63 -31.19
C LYS B 76 15.59 -8.54 -31.53
N ASP B 77 14.75 -8.39 -30.52
CA ASP B 77 13.33 -8.15 -30.76
C ASP B 77 13.03 -6.68 -30.53
N LYS B 78 11.76 -6.31 -30.71
CA LYS B 78 11.37 -4.91 -30.68
C LYS B 78 11.41 -4.31 -29.28
N ARG B 79 11.58 -5.12 -28.25
CA ARG B 79 11.75 -4.64 -26.89
C ARG B 79 13.20 -4.41 -26.54
N GLY B 80 14.12 -4.64 -27.47
CA GLY B 80 15.53 -4.61 -27.17
C GLY B 80 16.10 -5.88 -26.57
N LEU B 81 15.29 -6.93 -26.45
CA LEU B 81 15.79 -8.18 -25.89
C LEU B 81 16.62 -8.94 -26.92
N THR B 82 17.65 -9.64 -26.46
CA THR B 82 18.39 -10.59 -27.28
C THR B 82 17.78 -11.97 -27.05
N LEU B 83 17.11 -12.49 -28.07
CA LEU B 83 16.44 -13.78 -27.98
C LEU B 83 17.04 -14.72 -29.03
N GLN B 84 16.61 -15.98 -28.95
CA GLN B 84 17.16 -17.01 -29.83
C GLN B 84 16.04 -17.87 -30.40
N ASN B 85 16.03 -18.05 -31.71
CA ASN B 85 15.25 -19.10 -32.35
CA ASN B 85 15.24 -19.10 -32.33
C ASN B 85 16.06 -20.39 -32.23
N ASN B 86 15.83 -21.12 -31.14
CA ASN B 86 16.61 -22.31 -30.86
C ASN B 86 16.57 -23.30 -32.01
N ASP B 87 15.46 -23.33 -32.76
CA ASP B 87 15.30 -24.24 -33.88
C ASP B 87 16.34 -24.00 -34.97
N GLU B 88 16.85 -22.79 -35.10
CA GLU B 88 17.84 -22.46 -36.11
C GLU B 88 19.27 -22.48 -35.60
N CYS B 89 19.47 -22.87 -34.34
CA CYS B 89 20.81 -22.92 -33.76
C CYS B 89 21.52 -24.18 -34.23
N ILE B 90 22.69 -24.00 -34.85
CA ILE B 90 23.48 -25.13 -35.33
C ILE B 90 24.62 -25.46 -34.38
N GLY B 91 24.65 -24.84 -33.20
CA GLY B 91 25.64 -25.19 -32.19
C GLY B 91 27.05 -24.81 -32.56
N CYS B 92 27.24 -23.73 -33.31
CA CYS B 92 28.59 -23.35 -33.74
C CYS B 92 29.41 -22.71 -32.63
N LYS B 93 28.76 -22.23 -31.57
CA LYS B 93 29.38 -21.62 -30.40
C LYS B 93 29.99 -20.25 -30.66
N LYS B 94 29.78 -19.66 -31.83
CA LYS B 94 30.39 -18.37 -32.10
C LYS B 94 29.86 -17.31 -31.14
N CYS B 95 28.58 -17.40 -30.77
CA CYS B 95 28.01 -16.45 -29.82
C CYS B 95 28.73 -16.48 -28.49
N MET B 96 29.08 -17.68 -28.01
CA MET B 96 29.78 -17.78 -26.73
C MET B 96 31.12 -17.06 -26.76
N ASN B 97 31.84 -17.18 -27.87
CA ASN B 97 33.14 -16.53 -27.96
C ASN B 97 32.97 -15.02 -28.09
N ALA B 98 31.90 -14.59 -28.74
CA ALA B 98 31.69 -13.16 -28.92
C ALA B 98 31.17 -12.47 -27.66
N CYS B 99 30.41 -13.18 -26.84
CA CYS B 99 29.84 -12.56 -25.63
C CYS B 99 30.95 -12.29 -24.61
N PRO B 100 31.17 -11.03 -24.22
CA PRO B 100 32.21 -10.77 -23.23
C PRO B 100 31.88 -11.27 -21.82
N TYR B 101 30.63 -11.65 -21.55
CA TYR B 101 30.19 -11.89 -20.18
C TYR B 101 30.07 -13.35 -19.77
N GLY B 102 30.27 -14.29 -20.69
CA GLY B 102 30.19 -15.70 -20.33
C GLY B 102 28.84 -16.14 -19.80
N VAL B 103 27.75 -15.61 -20.36
CA VAL B 103 26.41 -15.92 -19.87
C VAL B 103 25.69 -16.93 -20.74
N ILE B 104 26.32 -17.38 -21.83
CA ILE B 104 25.74 -18.36 -22.72
C ILE B 104 26.29 -19.74 -22.37
N SER B 105 25.41 -20.74 -22.34
CA SER B 105 25.81 -22.11 -22.10
C SER B 105 25.51 -22.94 -23.34
N PHE B 106 26.29 -24.01 -23.51
CA PHE B 106 26.14 -24.92 -24.64
C PHE B 106 25.67 -26.25 -24.10
N ASN B 107 24.60 -26.80 -24.69
CA ASN B 107 24.07 -28.08 -24.27
C ASN B 107 24.88 -29.22 -24.92
N ALA B 108 26.12 -29.38 -24.44
CA ALA B 108 26.88 -30.57 -24.82
C ALA B 108 26.26 -31.81 -24.23
N ALA B 109 25.74 -31.71 -23.01
CA ALA B 109 25.11 -32.85 -22.36
C ALA B 109 23.65 -32.92 -22.76
N THR B 110 23.14 -34.14 -22.83
CA THR B 110 21.73 -34.36 -23.03
C THR B 110 20.97 -33.81 -21.83
N PRO B 111 20.12 -32.80 -21.99
CA PRO B 111 19.48 -32.21 -20.80
C PRO B 111 18.71 -33.24 -19.99
N HIS B 112 18.91 -33.18 -18.68
CA HIS B 112 18.10 -33.93 -17.72
C HIS B 112 18.34 -35.44 -17.82
N ARG B 113 19.51 -35.84 -18.32
CA ARG B 113 19.80 -37.25 -18.47
C ARG B 113 19.78 -38.00 -17.14
N ARG B 114 20.08 -37.32 -16.02
CA ARG B 114 20.08 -38.02 -14.75
C ARG B 114 18.70 -38.55 -14.40
N TRP B 115 17.64 -38.02 -15.00
CA TRP B 115 16.30 -38.51 -14.70
C TRP B 115 15.96 -39.82 -15.41
N GLN B 116 16.84 -40.31 -16.27
CA GLN B 116 16.64 -41.60 -16.93
C GLN B 116 17.17 -42.76 -16.08
N ASP B 117 17.79 -42.47 -14.95
CA ASP B 117 18.30 -43.50 -14.06
C ASP B 117 17.13 -44.18 -13.35
N ASP B 118 17.05 -45.51 -13.44
CA ASP B 118 15.97 -46.25 -12.79
C ASP B 118 16.43 -47.06 -11.60
N SER B 119 17.66 -46.86 -11.15
CA SER B 119 18.17 -47.56 -9.97
C SER B 119 17.54 -46.98 -8.70
N GLU B 120 17.46 -47.82 -7.67
CA GLU B 120 16.81 -47.49 -6.41
C GLU B 120 17.80 -47.71 -5.28
N VAL B 121 17.91 -46.75 -4.37
CA VAL B 121 18.88 -46.91 -3.28
C VAL B 121 18.42 -48.01 -2.33
N VAL B 122 17.12 -48.24 -2.21
CA VAL B 122 16.57 -49.38 -1.48
C VAL B 122 15.57 -50.05 -2.42
N ALA B 123 15.95 -51.22 -2.95
CA ALA B 123 15.15 -51.87 -3.98
C ALA B 123 13.72 -52.07 -3.52
N ASN B 124 12.78 -51.75 -4.40
CA ASN B 124 11.35 -51.94 -4.13
C ASN B 124 10.90 -51.23 -2.86
N GLY B 125 11.65 -50.20 -2.45
CA GLY B 125 11.35 -49.46 -1.25
C GLY B 125 11.37 -47.96 -1.54
N THR B 126 12.53 -47.43 -1.89
CA THR B 126 12.60 -46.07 -2.41
C THR B 126 12.36 -46.11 -3.92
N VAL B 127 12.13 -44.93 -4.49
CA VAL B 127 11.75 -44.83 -5.89
C VAL B 127 13.00 -44.59 -6.74
N SER B 128 12.82 -44.01 -7.91
CA SER B 128 13.96 -43.74 -8.78
C SER B 128 13.64 -42.51 -9.61
N PRO B 129 14.65 -41.87 -10.21
CA PRO B 129 14.35 -40.73 -11.08
C PRO B 129 13.39 -41.10 -12.21
N LEU B 130 13.61 -42.24 -12.86
CA LEU B 130 12.74 -42.61 -13.96
C LEU B 130 11.32 -42.87 -13.49
N MET B 131 11.17 -43.54 -12.34
CA MET B 131 9.85 -43.84 -11.82
C MET B 131 9.11 -42.58 -11.41
N LEU B 132 9.83 -41.64 -10.80
CA LEU B 132 9.23 -40.36 -10.43
C LEU B 132 8.80 -39.61 -11.68
N LEU B 133 9.61 -39.68 -12.73
CA LEU B 133 9.23 -39.12 -14.02
C LEU B 133 7.93 -39.72 -14.53
N LYS B 134 7.81 -41.05 -14.49
CA LYS B 134 6.59 -41.70 -14.96
C LYS B 134 5.41 -41.36 -14.07
N ARG B 135 5.61 -41.32 -12.76
CA ARG B 135 4.52 -41.05 -11.83
C ARG B 135 3.91 -39.67 -12.09
N THR B 136 4.74 -38.66 -12.29
CA THR B 136 4.27 -37.29 -12.42
C THR B 136 3.79 -36.92 -13.82
N GLY B 137 4.11 -37.73 -14.82
CA GLY B 137 3.75 -37.41 -16.18
C GLY B 137 4.66 -36.43 -16.87
N ALA B 138 5.79 -36.09 -16.28
CA ALA B 138 6.72 -35.16 -16.90
C ALA B 138 7.50 -35.85 -18.02
N THR B 139 8.04 -35.04 -18.93
CA THR B 139 8.77 -35.54 -20.08
C THR B 139 10.25 -35.74 -19.76
N ALA B 140 10.88 -34.76 -19.12
CA ALA B 140 12.31 -34.79 -18.86
C ALA B 140 12.67 -34.74 -17.39
N THR B 141 11.95 -33.93 -16.62
CA THR B 141 12.20 -33.80 -15.20
C THR B 141 10.88 -33.44 -14.53
N PRO B 142 10.62 -33.97 -13.33
CA PRO B 142 9.38 -33.61 -12.64
C PRO B 142 9.29 -32.11 -12.34
N ASN B 143 10.39 -31.38 -12.43
CA ASN B 143 10.43 -29.95 -12.13
C ASN B 143 10.27 -29.08 -13.37
N GLU B 144 9.94 -29.67 -14.51
CA GLU B 144 9.88 -28.90 -15.75
C GLU B 144 8.66 -27.99 -15.78
N ASN B 145 8.89 -26.74 -16.18
CA ASN B 145 7.83 -25.75 -16.24
C ASN B 145 7.26 -25.68 -17.66
N PRO B 146 6.01 -26.10 -17.89
CA PRO B 146 5.46 -26.02 -19.25
C PRO B 146 5.29 -24.61 -19.76
N GLU B 147 5.19 -23.60 -18.89
CA GLU B 147 5.01 -22.23 -19.34
C GLU B 147 6.10 -21.82 -20.31
N ARG B 148 7.33 -22.32 -20.09
CA ARG B 148 8.48 -21.94 -20.89
C ARG B 148 8.24 -22.17 -22.37
N GLY B 149 7.50 -23.22 -22.73
CA GLY B 149 7.25 -23.55 -24.12
C GLY B 149 6.40 -22.54 -24.88
N ASP B 150 5.89 -21.52 -24.21
CA ASP B 150 5.11 -20.51 -24.91
C ASP B 150 5.94 -19.87 -26.02
N THR B 151 7.23 -19.66 -25.79
CA THR B 151 8.07 -18.94 -26.72
C THR B 151 9.43 -19.58 -26.96
N TYR B 152 9.75 -20.70 -26.33
CA TYR B 152 11.11 -21.23 -26.33
C TYR B 152 11.00 -22.68 -25.90
N PRO B 153 11.90 -23.56 -26.36
CA PRO B 153 11.75 -24.98 -25.97
C PRO B 153 11.75 -25.13 -24.45
N MET B 154 10.73 -25.83 -23.94
CA MET B 154 10.75 -26.20 -22.52
C MET B 154 12.00 -26.99 -22.19
N ILE B 155 12.39 -27.90 -23.08
CA ILE B 155 13.61 -28.69 -22.98
C ILE B 155 14.41 -28.42 -24.22
N ARG B 156 15.60 -27.87 -24.07
CA ARG B 156 16.33 -27.55 -25.30
C ARG B 156 17.00 -28.80 -25.85
N PRO B 157 17.21 -28.86 -27.15
CA PRO B 157 17.96 -29.99 -27.72
C PRO B 157 19.44 -29.89 -27.40
N LYS B 158 20.08 -31.05 -27.32
CA LYS B 158 21.54 -31.09 -27.27
C LYS B 158 22.12 -30.36 -28.48
N ARG B 159 23.31 -29.79 -28.28
CA ARG B 159 24.06 -29.10 -29.33
C ARG B 159 23.44 -27.76 -29.72
N THR B 160 22.69 -27.14 -28.82
CA THR B 160 22.30 -25.75 -28.98
C THR B 160 22.80 -24.94 -27.79
N THR B 161 22.97 -23.65 -28.00
CA THR B 161 23.27 -22.74 -26.90
C THR B 161 21.98 -22.20 -26.29
N GLU B 162 22.11 -21.61 -25.12
CA GLU B 162 20.97 -20.99 -24.44
C GLU B 162 21.48 -20.02 -23.39
N LYS B 163 20.59 -19.09 -23.02
CA LYS B 163 20.93 -18.03 -22.07
C LYS B 163 19.64 -17.38 -21.57
N CYS B 164 19.79 -16.47 -20.63
CA CYS B 164 18.69 -15.67 -20.11
C CYS B 164 17.91 -15.04 -21.25
N THR B 165 16.59 -15.22 -21.23
CA THR B 165 15.69 -14.63 -22.19
C THR B 165 14.94 -13.43 -21.62
N PHE B 166 15.37 -12.93 -20.46
CA PHE B 166 14.66 -11.88 -19.73
C PHE B 166 13.23 -12.29 -19.41
N CYS B 167 12.99 -13.60 -19.27
CA CYS B 167 11.66 -14.14 -19.02
C CYS B 167 10.64 -13.53 -20.00
N ASP B 168 11.03 -13.52 -21.27
CA ASP B 168 10.19 -12.96 -22.32
C ASP B 168 8.78 -13.54 -22.30
N HIS B 169 8.65 -14.84 -21.98
CA HIS B 169 7.33 -15.46 -21.95
C HIS B 169 6.46 -14.87 -20.84
N ARG B 170 7.06 -14.41 -19.75
CA ARG B 170 6.30 -13.75 -18.69
C ARG B 170 5.95 -12.31 -19.07
N LEU B 171 6.91 -11.59 -19.66
CA LEU B 171 6.63 -10.24 -20.14
C LEU B 171 5.47 -10.23 -21.12
N ASP B 172 5.39 -11.25 -21.98
CA ASP B 172 4.29 -11.36 -22.94
C ASP B 172 2.94 -11.40 -22.25
N LYS B 173 2.89 -11.91 -21.03
CA LYS B 173 1.67 -12.03 -20.26
C LYS B 173 1.47 -10.87 -19.29
N GLY B 174 2.34 -9.87 -19.34
CA GLY B 174 2.26 -8.74 -18.43
C GLY B 174 2.81 -9.04 -17.06
N LEU B 175 3.58 -10.11 -16.92
CA LEU B 175 4.11 -10.54 -15.64
C LEU B 175 5.59 -10.17 -15.54
N ASN B 176 6.16 -10.42 -14.37
CA ASN B 176 7.53 -10.05 -14.05
C ASN B 176 8.49 -11.21 -14.28
N PRO B 177 9.76 -10.93 -14.53
CA PRO B 177 10.75 -12.01 -14.51
C PRO B 177 10.75 -12.75 -13.19
N ALA B 178 11.00 -14.07 -13.26
CA ALA B 178 10.98 -14.89 -12.05
C ALA B 178 12.00 -14.40 -11.03
N CYS B 179 13.19 -14.00 -11.49
CA CYS B 179 14.22 -13.53 -10.56
C CYS B 179 13.80 -12.23 -9.88
N VAL B 180 13.02 -11.39 -10.56
CA VAL B 180 12.55 -10.15 -9.96
C VAL B 180 11.54 -10.45 -8.85
N ASP B 181 10.56 -11.32 -9.13
CA ASP B 181 9.59 -11.73 -8.12
C ASP B 181 10.25 -12.47 -6.97
N ALA B 182 11.37 -13.15 -7.22
CA ALA B 182 11.99 -14.01 -6.23
C ALA B 182 12.86 -13.27 -5.23
N CYS B 183 13.17 -12.00 -5.47
CA CYS B 183 14.14 -11.29 -4.65
C CYS B 183 13.50 -10.77 -3.37
N PRO B 184 13.98 -11.16 -2.19
CA PRO B 184 13.26 -10.78 -0.96
C PRO B 184 13.29 -9.29 -0.68
N SER B 185 14.31 -8.59 -1.17
CA SER B 185 14.49 -7.18 -0.88
C SER B 185 14.11 -6.29 -2.06
N GLU B 186 13.51 -6.85 -3.11
CA GLU B 186 13.15 -6.09 -4.29
C GLU B 186 14.37 -5.36 -4.86
N ALA B 187 15.53 -6.04 -4.83
CA ALA B 187 16.75 -5.42 -5.32
C ALA B 187 16.77 -5.27 -6.83
N ARG B 188 15.92 -6.02 -7.54
CA ARG B 188 15.93 -6.08 -9.00
C ARG B 188 14.68 -5.39 -9.54
N VAL B 189 14.88 -4.46 -10.46
CA VAL B 189 13.79 -3.72 -11.10
C VAL B 189 14.06 -3.69 -12.59
N ILE B 190 13.01 -3.92 -13.40
CA ILE B 190 13.14 -3.84 -14.84
C ILE B 190 12.22 -2.75 -15.38
N GLY B 191 12.50 -2.33 -16.60
CA GLY B 191 11.68 -1.33 -17.25
C GLY B 191 12.30 -0.88 -18.54
N ASP B 192 11.63 0.09 -19.16
CA ASP B 192 12.05 0.63 -20.45
C ASP B 192 12.98 1.81 -20.18
N LEU B 193 14.26 1.64 -20.51
CA LEU B 193 15.24 2.71 -20.33
C LEU B 193 15.04 3.85 -21.29
N ASP B 194 14.24 3.66 -22.35
CA ASP B 194 13.87 4.75 -23.25
C ASP B 194 12.72 5.58 -22.71
N ASP B 195 12.09 5.16 -21.61
CA ASP B 195 11.04 5.96 -20.97
C ASP B 195 11.67 6.72 -19.83
N PRO B 196 11.81 8.05 -19.92
CA PRO B 196 12.48 8.78 -18.83
C PRO B 196 11.76 8.68 -17.51
N GLN B 197 10.48 8.30 -17.51
CA GLN B 197 9.71 8.20 -16.28
C GLN B 197 9.66 6.79 -15.70
N SER B 198 10.24 5.80 -16.37
CA SER B 198 10.27 4.46 -15.81
C SER B 198 11.10 4.44 -14.53
N LYS B 199 10.80 3.49 -13.65
CA LYS B 199 11.57 3.34 -12.42
C LYS B 199 13.05 3.12 -12.74
N VAL B 200 13.37 2.28 -13.71
CA VAL B 200 14.78 2.04 -14.01
C VAL B 200 15.45 3.32 -14.51
N SER B 201 14.77 4.08 -15.37
CA SER B 201 15.38 5.31 -15.85
C SER B 201 15.65 6.27 -14.71
N GLN B 202 14.73 6.35 -13.75
CA GLN B 202 14.91 7.26 -12.62
C GLN B 202 15.98 6.77 -11.67
N LEU B 203 16.09 5.44 -11.49
CA LEU B 203 17.08 4.92 -10.55
C LEU B 203 18.50 5.28 -10.97
N ILE B 204 18.81 5.20 -12.27
CA ILE B 204 20.18 5.46 -12.70
C ILE B 204 20.46 6.94 -12.84
N LYS B 205 19.45 7.80 -12.68
CA LYS B 205 19.68 9.23 -12.51
C LYS B 205 19.80 9.60 -11.05
N LEU B 206 19.09 8.89 -10.18
CA LEU B 206 19.18 9.11 -8.75
C LEU B 206 20.45 8.54 -8.16
N HIS B 207 20.95 7.43 -8.71
CA HIS B 207 22.19 6.82 -8.25
C HIS B 207 23.15 6.68 -9.42
N LYS B 208 24.44 6.71 -9.11
CA LYS B 208 25.48 6.52 -10.13
C LYS B 208 25.42 5.09 -10.65
N PRO B 209 25.07 4.86 -11.91
CA PRO B 209 24.96 3.48 -12.40
C PRO B 209 26.31 2.91 -12.77
N MET B 210 26.47 1.62 -12.53
CA MET B 210 27.66 0.88 -12.92
C MET B 210 27.28 -0.27 -13.83
N GLN B 211 28.13 -0.54 -14.82
CA GLN B 211 27.94 -1.65 -15.74
C GLN B 211 29.11 -2.61 -15.67
N LEU B 212 28.87 -3.87 -16.03
CA LEU B 212 29.96 -4.81 -16.22
C LEU B 212 30.58 -4.59 -17.60
N LYS B 213 31.91 -4.63 -17.64
CA LYS B 213 32.72 -4.51 -18.85
C LYS B 213 32.16 -3.54 -19.87
N PRO B 214 31.86 -2.30 -19.49
CA PRO B 214 31.40 -1.34 -20.51
C PRO B 214 32.42 -1.11 -21.60
N GLU B 215 33.71 -1.31 -21.29
CA GLU B 215 34.76 -1.11 -22.27
C GLU B 215 34.65 -2.07 -23.43
N ALA B 216 33.91 -3.18 -23.28
CA ALA B 216 33.71 -4.11 -24.38
C ALA B 216 32.84 -3.51 -25.49
N GLY B 217 32.16 -2.39 -25.23
CA GLY B 217 31.43 -1.69 -26.26
C GLY B 217 30.09 -2.27 -26.64
N THR B 218 29.50 -3.12 -25.79
CA THR B 218 28.21 -3.73 -26.13
C THR B 218 27.01 -2.91 -25.64
N GLY B 219 27.22 -1.97 -24.71
CA GLY B 219 26.12 -1.22 -24.17
C GLY B 219 25.19 -2.11 -23.37
N PRO B 220 25.71 -2.73 -22.32
CA PRO B 220 24.88 -3.61 -21.49
C PRO B 220 23.78 -2.82 -20.81
N ARG B 221 22.64 -3.50 -20.58
CA ARG B 221 21.48 -2.83 -20.01
C ARG B 221 21.08 -3.45 -18.67
N VAL B 222 22.01 -4.12 -18.00
CA VAL B 222 21.89 -4.39 -16.57
C VAL B 222 22.80 -3.39 -15.87
N PHE B 223 22.22 -2.59 -14.99
CA PHE B 223 22.94 -1.55 -14.26
C PHE B 223 22.94 -1.89 -12.78
N TYR B 224 24.08 -1.65 -12.13
CA TYR B 224 24.23 -1.87 -10.70
C TYR B 224 24.34 -0.52 -10.00
N ILE B 225 23.59 -0.37 -8.91
CA ILE B 225 23.64 0.85 -8.11
C ILE B 225 24.02 0.51 -6.68
N ARG B 226 24.63 1.50 -6.01
CA ARG B 226 24.98 1.45 -4.60
C ARG B 226 26.02 0.37 -4.33
N SER B 227 26.16 -0.04 -3.07
CA SER B 227 27.27 -0.90 -2.69
C SER B 227 26.78 -2.05 -1.82
N PHE B 228 27.38 -3.22 -2.06
CA PHE B 228 27.01 -4.40 -1.29
C PHE B 228 27.43 -4.26 0.17
N GLY B 229 28.64 -3.75 0.40
CA GLY B 229 29.15 -3.51 1.73
C GLY B 229 29.15 -2.04 2.09
N VAL B 230 29.57 -1.78 3.33
CA VAL B 230 29.68 -0.42 3.84
C VAL B 230 31.07 -0.25 4.43
N LYS B 231 31.51 1.00 4.51
CA LYS B 231 32.83 1.30 5.05
C LYS B 231 32.88 0.95 6.53
N THR B 232 34.00 0.37 6.95
CA THR B 232 34.13 -0.11 8.32
C THR B 232 34.21 1.06 9.30
N ALA B 233 33.41 0.98 10.36
CA ALA B 233 33.40 2.00 11.40
C ALA B 233 34.49 1.71 12.42
N TYR B 234 34.66 2.63 13.37
CA TYR B 234 35.62 2.44 14.44
C TYR B 234 37.04 2.29 13.89
N LEU C 8 -46.22 -7.35 -11.89
CA LEU C 8 -44.82 -7.71 -11.77
C LEU C 8 -43.89 -6.59 -12.24
N ARG C 9 -44.46 -5.50 -12.74
CA ARG C 9 -43.65 -4.41 -13.24
C ARG C 9 -43.04 -3.63 -12.09
N ARG C 10 -41.82 -3.15 -12.31
CA ARG C 10 -41.06 -2.49 -11.26
C ARG C 10 -40.78 -1.03 -11.54
N THR C 11 -41.05 -0.53 -12.74
CA THR C 11 -40.84 0.88 -13.01
C THR C 11 -41.65 1.68 -12.00
N GLY C 12 -40.98 2.55 -11.27
CA GLY C 12 -41.63 3.48 -10.37
C GLY C 12 -41.83 3.01 -8.95
N VAL C 13 -41.41 1.79 -8.59
CA VAL C 13 -41.73 1.26 -7.27
C VAL C 13 -40.66 1.52 -6.22
N GLY C 14 -39.51 2.07 -6.61
CA GLY C 14 -38.49 2.46 -5.66
C GLY C 14 -38.87 3.73 -4.89
N GLU C 15 -37.90 4.22 -4.11
CA GLU C 15 -38.08 5.38 -3.25
C GLU C 15 -37.05 6.45 -3.56
N TRP C 16 -37.45 7.72 -3.48
CA TRP C 16 -36.53 8.84 -3.62
C TRP C 16 -36.16 9.39 -2.25
N LEU C 17 -34.86 9.51 -1.98
CA LEU C 17 -34.36 10.01 -0.70
C LEU C 17 -33.47 11.24 -0.92
N ALA C 18 -33.67 12.26 -0.10
CA ALA C 18 -32.98 13.54 -0.28
C ALA C 18 -31.53 13.48 0.22
N THR C 19 -30.65 14.13 -0.54
CA THR C 19 -29.28 14.36 -0.08
C THR C 19 -28.75 15.61 -0.77
N THR C 20 -27.43 15.81 -0.74
CA THR C 20 -26.80 16.94 -1.41
C THR C 20 -25.58 16.45 -2.19
N CYS C 21 -25.47 16.91 -3.43
CA CYS C 21 -24.30 16.65 -4.26
C CYS C 21 -23.19 17.64 -3.92
N GLN C 22 -21.93 17.19 -4.05
CA GLN C 22 -20.80 18.08 -3.84
C GLN C 22 -19.77 17.95 -4.96
N GLY C 23 -20.23 17.58 -6.16
CA GLY C 23 -19.38 17.64 -7.33
C GLY C 23 -18.81 19.01 -7.60
N CYS C 24 -19.49 20.05 -7.11
CA CYS C 24 -18.90 21.39 -7.06
C CYS C 24 -19.62 22.16 -5.97
N THR C 25 -19.14 23.38 -5.71
CA THR C 25 -19.68 24.22 -4.66
C THR C 25 -21.05 24.83 -5.03
N SER C 26 -21.64 24.38 -6.14
CA SER C 26 -23.08 24.56 -6.33
C SER C 26 -23.85 23.86 -5.22
N TRP C 27 -23.36 22.71 -4.76
CA TRP C 27 -23.94 21.97 -3.64
C TRP C 27 -25.45 21.79 -3.81
N CYS C 28 -25.79 21.17 -4.93
CA CYS C 28 -27.20 21.00 -5.27
C CYS C 28 -27.91 20.02 -4.35
N ALA C 29 -29.13 20.38 -3.95
CA ALA C 29 -30.03 19.44 -3.30
C ALA C 29 -30.47 18.38 -4.29
N LYS C 30 -30.41 17.12 -3.87
CA LYS C 30 -30.67 15.99 -4.73
C LYS C 30 -31.70 15.05 -4.10
N GLN C 31 -32.24 14.18 -4.93
CA GLN C 31 -32.90 12.97 -4.47
C GLN C 31 -32.21 11.77 -5.12
N ILE C 32 -32.07 10.70 -4.34
CA ILE C 32 -31.50 9.44 -4.78
C ILE C 32 -32.63 8.43 -4.91
N TYR C 33 -32.72 7.76 -6.05
CA TYR C 33 -33.69 6.69 -6.26
C TYR C 33 -33.07 5.37 -5.84
N VAL C 34 -33.74 4.68 -4.93
CA VAL C 34 -33.23 3.46 -4.31
C VAL C 34 -34.22 2.33 -4.56
N MET C 35 -33.69 1.19 -5.01
CA MET C 35 -34.48 -0.01 -5.22
C MET C 35 -33.60 -1.20 -4.91
N ASP C 36 -34.14 -2.19 -4.22
CA ASP C 36 -33.37 -3.37 -3.83
C ASP C 36 -32.11 -2.95 -3.07
N GLY C 37 -32.19 -1.87 -2.30
CA GLY C 37 -31.08 -1.40 -1.50
C GLY C 37 -29.96 -0.72 -2.26
N ARG C 38 -30.12 -0.48 -3.56
CA ARG C 38 -29.09 0.15 -4.38
C ARG C 38 -29.56 1.50 -4.89
N ALA C 39 -28.63 2.45 -4.91
CA ALA C 39 -28.86 3.75 -5.54
C ALA C 39 -28.78 3.57 -7.05
N LEU C 40 -29.84 3.98 -7.75
CA LEU C 40 -30.01 3.76 -9.18
C LEU C 40 -30.02 5.03 -10.00
N LYS C 41 -30.44 6.15 -9.41
CA LYS C 41 -30.62 7.38 -10.17
C LYS C 41 -30.33 8.56 -9.25
N VAL C 42 -29.98 9.68 -9.85
CA VAL C 42 -29.86 10.95 -9.14
C VAL C 42 -30.64 12.00 -9.94
N ARG C 43 -31.41 12.82 -9.25
CA ARG C 43 -32.05 13.96 -9.88
C ARG C 43 -32.04 15.14 -8.92
N GLY C 44 -32.18 16.34 -9.47
CA GLY C 44 -32.33 17.51 -8.63
C GLY C 44 -33.58 17.41 -7.78
N ASN C 45 -33.48 17.89 -6.56
CA ASN C 45 -34.58 17.82 -5.61
C ASN C 45 -35.65 18.84 -6.01
N PRO C 46 -36.85 18.41 -6.41
CA PRO C 46 -37.86 19.39 -6.85
C PRO C 46 -38.28 20.37 -5.77
N ASN C 47 -38.03 20.06 -4.50
CA ASN C 47 -38.34 20.99 -3.42
C ASN C 47 -37.36 22.14 -3.33
N SER C 48 -36.27 22.08 -4.08
CA SER C 48 -35.25 23.11 -4.07
C SER C 48 -35.77 24.40 -4.71
N GLY C 49 -35.60 25.52 -3.99
CA GLY C 49 -35.96 26.82 -4.53
C GLY C 49 -34.89 27.44 -5.40
N VAL C 50 -33.65 26.99 -5.30
CA VAL C 50 -32.59 27.52 -6.16
C VAL C 50 -32.68 26.92 -7.55
N HIS C 51 -32.73 25.58 -7.65
CA HIS C 51 -32.57 24.90 -8.93
C HIS C 51 -33.67 23.91 -9.27
N GLY C 52 -34.51 23.51 -8.32
CA GLY C 52 -35.51 22.50 -8.62
C GLY C 52 -34.86 21.22 -9.11
N MET C 53 -35.56 20.54 -10.03
CA MET C 53 -35.03 19.28 -10.55
C MET C 53 -33.85 19.49 -11.48
N SER C 54 -33.60 20.71 -11.94
CA SER C 54 -32.50 20.98 -12.86
C SER C 54 -31.19 20.50 -12.27
N SER C 55 -30.36 19.89 -13.12
CA SER C 55 -29.07 19.37 -12.71
C SER C 55 -28.06 19.49 -13.85
N CYS C 56 -26.79 19.65 -13.48
CA CYS C 56 -25.69 19.46 -14.41
C CYS C 56 -25.48 17.96 -14.61
N PRO C 57 -24.66 17.56 -15.60
CA PRO C 57 -24.58 16.14 -15.95
C PRO C 57 -23.83 15.29 -14.95
N ARG C 58 -23.05 15.91 -14.07
CA ARG C 58 -22.19 15.14 -13.18
C ARG C 58 -22.98 14.43 -12.09
N GLN C 59 -24.26 14.77 -11.90
CA GLN C 59 -25.02 14.10 -10.85
C GLN C 59 -25.02 12.59 -11.08
N HIS C 60 -25.02 12.16 -12.34
CA HIS C 60 -25.09 10.73 -12.64
C HIS C 60 -23.78 10.03 -12.33
N LEU C 61 -22.65 10.74 -12.44
CA LEU C 61 -21.36 10.14 -12.14
C LEU C 61 -21.22 9.77 -10.67
N SER C 62 -22.04 10.39 -9.80
CA SER C 62 -22.04 10.06 -8.39
C SER C 62 -22.17 8.56 -8.17
N LEU C 63 -22.94 7.89 -9.03
CA LEU C 63 -23.23 6.47 -8.84
C LEU C 63 -21.99 5.61 -9.07
N GLN C 64 -21.03 6.10 -9.84
CA GLN C 64 -19.76 5.42 -10.02
C GLN C 64 -18.72 5.88 -9.00
N GLN C 65 -19.09 6.77 -8.08
CA GLN C 65 -18.23 7.11 -6.95
C GLN C 65 -18.56 6.27 -5.72
N VAL C 66 -19.84 6.20 -5.34
CA VAL C 66 -20.19 5.37 -4.19
C VAL C 66 -19.92 3.91 -4.50
N TYR C 67 -20.20 3.49 -5.74
CA TYR C 67 -19.93 2.13 -6.20
C TYR C 67 -18.62 2.07 -7.00
N ASP C 68 -17.63 2.79 -6.54
CA ASP C 68 -16.29 2.78 -7.12
C ASP C 68 -15.58 1.52 -6.61
N PRO C 69 -15.12 0.64 -7.49
CA PRO C 69 -14.53 -0.64 -7.03
C PRO C 69 -13.15 -0.50 -6.44
N ASP C 70 -12.61 0.72 -6.32
CA ASP C 70 -11.32 0.94 -5.70
C ASP C 70 -11.42 1.70 -4.40
N ARG C 71 -12.62 1.78 -3.81
CA ARG C 71 -12.76 2.38 -2.50
C ARG C 71 -12.10 1.51 -1.43
N LEU C 72 -11.56 2.17 -0.41
CA LEU C 72 -11.11 1.49 0.79
C LEU C 72 -12.28 0.94 1.59
N ARG C 73 -12.12 -0.28 2.08
CA ARG C 73 -13.12 -0.88 2.97
C ARG C 73 -12.61 -1.03 4.41
N THR C 74 -11.38 -0.63 4.70
CA THR C 74 -10.80 -0.86 6.02
C THR C 74 -9.74 0.19 6.29
N PRO C 75 -9.52 0.55 7.56
CA PRO C 75 -8.31 1.29 7.91
C PRO C 75 -7.09 0.49 7.47
N MET C 76 -6.00 1.21 7.20
CA MET C 76 -4.73 0.58 6.83
C MET C 76 -3.58 1.33 7.48
N MET C 77 -2.43 0.65 7.55
CA MET C 77 -1.18 1.27 7.95
C MET C 77 -0.15 0.98 6.87
N ARG C 78 0.74 1.93 6.62
CA ARG C 78 1.85 1.64 5.73
C ARG C 78 2.86 0.74 6.45
N THR C 79 3.53 -0.12 5.70
CA THR C 79 4.60 -0.93 6.26
C THR C 79 5.95 -0.67 5.60
N ASN C 80 6.00 0.20 4.59
CA ASN C 80 7.28 0.70 4.08
C ASN C 80 7.69 1.91 4.90
N PRO C 81 8.77 1.84 5.69
CA PRO C 81 9.14 3.01 6.50
C PRO C 81 9.54 4.21 5.68
N LYS C 82 9.87 4.03 4.41
CA LYS C 82 10.22 5.15 3.55
C LYS C 82 8.97 5.71 2.88
N LYS C 83 8.96 7.02 2.69
CA LYS C 83 7.89 7.69 1.98
C LYS C 83 8.48 8.38 0.76
N GLY C 84 7.69 8.41 -0.31
CA GLY C 84 8.11 9.07 -1.53
C GLY C 84 7.27 8.63 -2.70
N ARG C 85 7.26 9.47 -3.74
CA ARG C 85 6.61 9.11 -4.98
C ARG C 85 7.10 7.76 -5.49
N ASP C 86 8.35 7.42 -5.19
CA ASP C 86 8.96 6.18 -5.65
C ASP C 86 8.82 5.04 -4.65
N GLN C 87 8.16 5.25 -3.52
CA GLN C 87 8.09 4.25 -2.45
C GLN C 87 6.68 3.69 -2.32
N ASP C 88 6.54 2.40 -2.61
CA ASP C 88 5.26 1.72 -2.39
C ASP C 88 4.97 1.69 -0.89
N PRO C 89 3.85 2.25 -0.42
CA PRO C 89 3.60 2.27 1.03
C PRO C 89 3.40 0.89 1.62
N LYS C 90 3.09 -0.12 0.82
CA LYS C 90 2.83 -1.48 1.31
C LYS C 90 1.80 -1.46 2.44
N PHE C 91 0.65 -0.89 2.13
CA PHE C 91 -0.43 -0.79 3.10
C PHE C 91 -0.95 -2.17 3.47
N VAL C 92 -1.26 -2.35 4.75
CA VAL C 92 -1.89 -3.57 5.24
C VAL C 92 -3.06 -3.19 6.14
N PRO C 93 -4.11 -4.00 6.21
CA PRO C 93 -5.29 -3.61 6.98
C PRO C 93 -5.05 -3.66 8.48
N ILE C 94 -5.71 -2.73 9.18
CA ILE C 94 -5.76 -2.71 10.62
C ILE C 94 -7.18 -2.35 11.03
N SER C 95 -7.46 -2.44 12.33
CA SER C 95 -8.78 -2.11 12.83
C SER C 95 -8.90 -0.61 13.04
N TRP C 96 -10.15 -0.14 13.14
CA TRP C 96 -10.38 1.25 13.51
C TRP C 96 -9.74 1.55 14.86
N ASP C 97 -9.89 0.65 15.82
CA ASP C 97 -9.33 0.89 17.15
C ASP C 97 -7.82 1.07 17.09
N LYS C 98 -7.12 0.22 16.34
CA LYS C 98 -5.67 0.32 16.24
C LYS C 98 -5.26 1.58 15.48
N ALA C 99 -5.94 1.89 14.38
CA ALA C 99 -5.59 3.07 13.60
C ALA C 99 -5.71 4.34 14.44
N LEU C 100 -6.80 4.47 15.18
CA LEU C 100 -6.97 5.66 16.02
C LEU C 100 -6.06 5.63 17.23
N ASP C 101 -5.77 4.44 17.76
CA ASP C 101 -4.77 4.30 18.80
C ASP C 101 -3.44 4.90 18.35
N MET C 102 -3.01 4.57 17.13
CA MET C 102 -1.75 5.09 16.61
C MET C 102 -1.77 6.60 16.51
N LEU C 103 -2.85 7.16 15.92
CA LEU C 103 -2.96 8.61 15.80
C LEU C 103 -3.01 9.27 17.18
N ALA C 104 -3.79 8.70 18.09
CA ALA C 104 -3.93 9.31 19.40
C ALA C 104 -2.59 9.35 20.13
N ASP C 105 -1.80 8.27 20.03
CA ASP C 105 -0.50 8.27 20.72
C ASP C 105 0.39 9.39 20.20
N LYS C 106 0.39 9.60 18.87
CA LYS C 106 1.25 10.62 18.29
C LYS C 106 0.80 12.01 18.73
N ILE C 107 -0.51 12.21 18.86
CA ILE C 107 -1.05 13.51 19.30
C ILE C 107 -0.66 13.76 20.76
N ILE C 108 -0.89 12.77 21.62
CA ILE C 108 -0.59 12.95 23.03
C ILE C 108 0.89 13.20 23.24
N ALA C 109 1.74 12.54 22.45
CA ALA C 109 3.17 12.77 22.56
C ALA C 109 3.52 14.24 22.32
N LEU C 110 2.86 14.87 21.35
CA LEU C 110 3.07 16.30 21.10
C LEU C 110 2.75 17.13 22.32
N ARG C 111 1.61 16.86 22.97
CA ARG C 111 1.22 17.64 24.14
C ARG C 111 2.20 17.44 25.28
N VAL C 112 2.61 16.19 25.53
CA VAL C 112 3.56 15.91 26.59
C VAL C 112 4.86 16.67 26.37
N ALA C 113 5.25 16.85 25.11
CA ALA C 113 6.47 17.56 24.77
C ALA C 113 6.25 19.05 24.58
N ASN C 114 5.05 19.56 24.92
CA ASN C 114 4.72 20.98 24.80
C ASN C 114 4.96 21.49 23.38
N GLU C 115 4.60 20.67 22.39
CA GLU C 115 4.72 21.06 20.99
C GLU C 115 3.42 20.72 20.23
N PRO C 116 2.25 21.05 20.82
CA PRO C 116 1.00 20.74 20.13
C PRO C 116 0.85 21.48 18.82
N HIS C 117 1.53 22.63 18.65
CA HIS C 117 1.48 23.38 17.40
C HIS C 117 2.11 22.63 16.24
N LYS C 118 2.83 21.54 16.49
CA LYS C 118 3.37 20.70 15.42
C LYS C 118 2.35 19.71 14.89
N TYR C 119 1.10 19.82 15.33
CA TYR C 119 -0.02 19.13 14.72
C TYR C 119 -0.64 20.02 13.66
N ALA C 120 -1.12 19.41 12.59
CA ALA C 120 -1.82 20.14 11.53
C ALA C 120 -3.04 19.34 11.11
N LEU C 121 -4.14 20.05 10.86
CA LEU C 121 -5.37 19.49 10.30
C LEU C 121 -5.55 20.11 8.92
N LEU C 122 -5.60 19.27 7.90
CA LEU C 122 -5.80 19.70 6.52
C LEU C 122 -7.21 19.34 6.07
N ARG C 123 -7.91 20.33 5.51
CA ARG C 123 -9.28 20.17 5.06
C ARG C 123 -9.34 20.47 3.58
N GLY C 124 -9.88 19.54 2.80
CA GLY C 124 -10.18 19.79 1.40
C GLY C 124 -11.64 20.17 1.28
N ARG C 125 -12.46 19.31 0.69
CA ARG C 125 -13.89 19.51 0.74
C ARG C 125 -14.39 19.21 2.15
N TYR C 126 -15.65 19.53 2.39
CA TYR C 126 -16.17 19.64 3.75
C TYR C 126 -17.67 19.88 3.64
N SER C 127 -18.35 19.81 4.79
CA SER C 127 -19.72 20.26 4.90
C SER C 127 -19.79 21.26 6.05
N HIS C 128 -20.97 21.83 6.28
CA HIS C 128 -21.09 22.83 7.32
C HIS C 128 -21.07 22.25 8.73
N ILE C 129 -20.85 20.94 8.92
CA ILE C 129 -20.66 20.42 10.27
C ILE C 129 -19.15 20.36 10.59
N ASN C 130 -18.32 20.98 9.75
CA ASN C 130 -16.88 20.80 9.87
C ASN C 130 -16.26 21.42 11.12
N ASP C 131 -16.98 22.29 11.85
CA ASP C 131 -16.33 23.07 12.90
C ASP C 131 -15.63 22.19 13.93
N LEU C 132 -16.21 21.04 14.27
CA LEU C 132 -15.62 20.17 15.28
C LEU C 132 -14.24 19.65 14.84
N LEU C 133 -14.19 18.97 13.70
CA LEU C 133 -12.94 18.36 13.26
C LEU C 133 -11.92 19.40 12.85
N TYR C 134 -12.37 20.44 12.14
CA TYR C 134 -11.48 21.42 11.54
C TYR C 134 -10.91 22.38 12.58
N LYS C 135 -11.78 22.97 13.41
CA LYS C 135 -11.37 24.04 14.32
C LYS C 135 -11.27 23.58 15.76
N LYS C 136 -12.34 22.99 16.31
CA LYS C 136 -12.39 22.74 17.74
C LYS C 136 -11.38 21.68 18.17
N MET C 137 -11.36 20.53 17.48
CA MET C 137 -10.39 19.50 17.78
CA MET C 137 -10.40 19.50 17.80
C MET C 137 -8.97 20.02 17.67
N THR C 138 -8.69 20.80 16.62
CA THR C 138 -7.35 21.30 16.38
C THR C 138 -6.89 22.24 17.50
N ASN C 139 -7.75 23.18 17.89
CA ASN C 139 -7.37 24.15 18.91
C ASN C 139 -7.28 23.49 20.29
N LEU C 140 -8.18 22.54 20.59
CA LEU C 140 -8.14 21.87 21.89
C LEU C 140 -6.86 21.06 22.03
N ILE C 141 -6.43 20.40 20.96
CA ILE C 141 -5.11 19.77 20.94
C ILE C 141 -4.04 20.81 21.23
N GLY C 142 -4.19 22.00 20.63
CA GLY C 142 -3.31 23.11 20.90
C GLY C 142 -2.58 23.61 19.68
N SER C 143 -3.24 23.52 18.51
CA SER C 143 -2.57 23.87 17.27
C SER C 143 -3.31 24.99 16.57
N PRO C 144 -2.60 25.93 15.93
CA PRO C 144 -3.24 26.91 15.06
C PRO C 144 -3.37 26.46 13.61
N ASN C 145 -2.94 25.24 13.31
CA ASN C 145 -2.75 24.83 11.93
C ASN C 145 -3.92 23.98 11.42
N ASN C 146 -5.12 24.57 11.51
CA ASN C 146 -6.26 24.08 10.74
C ASN C 146 -6.20 24.78 9.40
N ILE C 147 -5.78 24.02 8.37
CA ILE C 147 -5.43 24.57 7.06
C ILE C 147 -6.50 24.11 6.07
N SER C 148 -7.35 25.03 5.63
CA SER C 148 -8.32 24.78 4.60
C SER C 148 -7.65 24.81 3.23
N HIS C 149 -8.43 24.57 2.17
CA HIS C 149 -7.93 24.67 0.80
C HIS C 149 -8.34 25.97 0.11
N SER C 150 -8.84 26.95 0.87
CA SER C 150 -9.52 28.08 0.24
C SER C 150 -8.61 28.84 -0.72
N SER C 151 -7.31 28.93 -0.44
CA SER C 151 -6.47 29.76 -1.29
C SER C 151 -6.06 29.06 -2.59
N VAL C 152 -6.25 27.74 -2.70
CA VAL C 152 -6.09 27.09 -4.01
C VAL C 152 -7.44 27.05 -4.69
N CYS C 153 -8.44 27.69 -4.08
CA CYS C 153 -9.77 27.73 -4.68
C CYS C 153 -10.03 29.06 -5.36
N ALA C 154 -10.45 30.09 -4.61
CA ALA C 154 -10.88 31.33 -5.26
C ALA C 154 -10.84 32.57 -4.36
N GLU C 155 -9.91 32.63 -3.41
CA GLU C 155 -9.90 33.77 -2.50
C GLU C 155 -9.62 35.09 -3.23
N ALA C 156 -8.87 35.06 -4.33
CA ALA C 156 -8.65 36.30 -5.08
C ALA C 156 -9.96 36.84 -5.66
N HIS C 157 -10.91 35.94 -5.96
CA HIS C 157 -12.22 36.32 -6.48
C HIS C 157 -13.07 37.03 -5.44
N LYS C 158 -12.70 36.95 -4.16
CA LYS C 158 -13.41 37.67 -3.11
C LYS C 158 -12.83 39.06 -2.84
N MET C 159 -11.68 39.39 -3.41
CA MET C 159 -11.03 40.66 -3.07
C MET C 159 -11.84 41.85 -3.56
N GLY C 160 -12.34 41.78 -4.79
CA GLY C 160 -13.14 42.86 -5.33
C GLY C 160 -14.39 43.07 -4.51
N PRO C 161 -15.21 42.02 -4.39
CA PRO C 161 -16.44 42.15 -3.60
C PRO C 161 -16.21 42.61 -2.17
N TYR C 162 -15.12 42.18 -1.53
CA TYR C 162 -14.90 42.62 -0.15
C TYR C 162 -14.44 44.08 -0.09
N TYR C 163 -13.42 44.43 -0.87
CA TYR C 163 -12.81 45.74 -0.72
C TYR C 163 -13.58 46.83 -1.45
N LEU C 164 -14.56 46.48 -2.26
CA LEU C 164 -15.46 47.45 -2.87
C LEU C 164 -16.80 47.51 -2.16
N ASP C 165 -17.38 46.37 -1.75
CA ASP C 165 -18.70 46.42 -1.13
C ASP C 165 -18.84 45.53 0.10
N GLY C 166 -17.73 45.07 0.68
CA GLY C 166 -17.77 44.48 2.00
C GLY C 166 -18.19 43.03 2.06
N ASN C 167 -18.20 42.35 0.92
CA ASN C 167 -18.64 40.95 0.85
C ASN C 167 -17.40 40.08 0.67
N TRP C 168 -16.93 39.47 1.76
CA TRP C 168 -15.90 38.43 1.65
C TRP C 168 -16.63 37.12 1.35
N GLY C 169 -16.96 36.93 0.08
CA GLY C 169 -17.79 35.82 -0.32
C GLY C 169 -18.17 35.94 -1.78
N TYR C 170 -19.04 35.01 -2.19
CA TYR C 170 -19.46 34.92 -3.57
C TYR C 170 -20.75 35.71 -3.77
N ASN C 171 -21.14 35.83 -5.03
CA ASN C 171 -22.42 36.43 -5.39
C ASN C 171 -23.25 35.42 -6.18
N GLN C 172 -24.56 35.65 -6.18
CA GLN C 172 -25.46 35.03 -7.14
C GLN C 172 -25.78 36.05 -8.24
N TYR C 173 -26.07 35.55 -9.43
CA TYR C 173 -26.18 36.38 -10.62
C TYR C 173 -27.62 36.29 -11.12
N ASP C 174 -28.28 37.44 -11.25
CA ASP C 174 -29.73 37.46 -11.50
C ASP C 174 -29.99 37.35 -13.00
N VAL C 175 -29.61 36.19 -13.56
CA VAL C 175 -29.65 36.00 -15.00
C VAL C 175 -31.06 36.11 -15.56
N LYS C 176 -32.07 35.70 -14.80
CA LYS C 176 -33.43 35.74 -15.34
C LYS C 176 -33.86 37.16 -15.69
N ASN C 177 -33.27 38.16 -15.05
CA ASN C 177 -33.65 39.55 -15.29
C ASN C 177 -32.53 40.38 -15.91
N ALA C 178 -31.41 39.74 -16.26
CA ALA C 178 -30.28 40.46 -16.82
C ALA C 178 -30.60 40.98 -18.21
N LYS C 179 -30.07 42.16 -18.52
CA LYS C 179 -30.05 42.67 -19.89
C LYS C 179 -28.66 42.68 -20.50
N PHE C 180 -27.61 42.65 -19.68
CA PHE C 180 -26.25 42.50 -20.18
C PHE C 180 -25.46 41.63 -19.23
N ILE C 181 -24.79 40.61 -19.77
CA ILE C 181 -23.95 39.69 -19.02
C ILE C 181 -22.55 39.77 -19.61
N LEU C 182 -21.58 40.16 -18.79
CA LEU C 182 -20.18 40.23 -19.19
C LEU C 182 -19.39 39.28 -18.31
N SER C 183 -18.79 38.24 -18.93
CA SER C 183 -18.08 37.20 -18.19
C SER C 183 -16.58 37.25 -18.46
N PHE C 184 -15.80 37.53 -17.42
CA PHE C 184 -14.35 37.45 -17.51
C PHE C 184 -13.94 36.06 -17.08
N GLY C 185 -13.97 35.12 -18.01
CA GLY C 185 -13.48 33.77 -17.78
C GLY C 185 -14.48 32.79 -17.18
N ALA C 186 -15.66 33.25 -16.78
CA ALA C 186 -16.63 32.34 -16.19
C ALA C 186 -17.39 31.62 -17.29
N ASP C 187 -17.75 30.38 -17.00
CA ASP C 187 -18.32 29.42 -17.96
C ASP C 187 -19.47 28.73 -17.24
N PRO C 188 -20.53 29.47 -16.91
CA PRO C 188 -21.48 29.01 -15.88
C PRO C 188 -22.37 27.86 -16.29
N ILE C 189 -22.39 27.46 -17.56
CA ILE C 189 -23.18 26.30 -17.95
C ILE C 189 -22.31 25.06 -17.92
N ALA C 190 -21.11 25.18 -17.34
CA ALA C 190 -20.18 24.06 -17.22
C ALA C 190 -19.49 24.04 -15.86
N SER C 191 -19.00 25.19 -15.39
CA SER C 191 -18.45 25.27 -14.05
C SER C 191 -19.03 26.50 -13.34
N ASN C 192 -18.31 27.01 -12.33
CA ASN C 192 -18.81 28.03 -11.41
C ASN C 192 -19.83 27.40 -10.45
N ARG C 193 -20.66 28.22 -9.77
CA ARG C 193 -21.22 27.82 -8.48
C ARG C 193 -22.74 27.66 -8.47
N GLN C 194 -23.37 27.57 -9.64
CA GLN C 194 -24.69 26.93 -9.69
C GLN C 194 -24.90 26.41 -11.12
N VAL C 195 -24.16 25.34 -11.47
CA VAL C 195 -24.19 24.88 -12.85
C VAL C 195 -25.60 24.43 -13.22
N SER C 196 -26.32 23.85 -12.26
CA SER C 196 -27.69 23.38 -12.50
C SER C 196 -28.59 24.55 -12.87
N PHE C 197 -28.58 25.61 -12.05
CA PHE C 197 -29.50 26.72 -12.28
C PHE C 197 -29.10 27.56 -13.47
N TYR C 198 -27.80 27.83 -13.64
CA TYR C 198 -27.40 28.65 -14.79
C TYR C 198 -27.54 27.88 -16.09
N SER C 199 -27.43 26.55 -16.07
CA SER C 199 -27.76 25.76 -17.25
C SER C 199 -29.26 25.81 -17.54
N GLN C 200 -30.07 25.80 -16.47
CA GLN C 200 -31.51 25.91 -16.63
C GLN C 200 -31.90 27.18 -17.37
N THR C 201 -31.18 28.28 -17.12
CA THR C 201 -31.64 29.61 -17.53
C THR C 201 -30.85 30.24 -18.66
N TRP C 202 -29.66 29.72 -18.98
CA TRP C 202 -28.75 30.44 -19.87
C TRP C 202 -29.38 30.67 -21.24
N GLY C 203 -29.90 29.60 -21.86
CA GLY C 203 -30.46 29.74 -23.19
C GLY C 203 -31.62 30.71 -23.23
N ASP C 204 -32.55 30.61 -22.26
CA ASP C 204 -33.65 31.57 -22.17
C ASP C 204 -33.14 32.99 -22.01
N SER C 205 -32.06 33.17 -21.25
CA SER C 205 -31.58 34.51 -20.97
C SER C 205 -31.08 35.20 -22.23
N LEU C 206 -30.63 34.41 -23.23
CA LEU C 206 -30.15 34.98 -24.47
C LEU C 206 -31.25 35.71 -25.22
N ASP C 207 -32.51 35.47 -24.88
CA ASP C 207 -33.61 36.18 -25.54
C ASP C 207 -33.81 37.59 -25.00
N HIS C 208 -33.26 37.92 -23.83
CA HIS C 208 -33.41 39.26 -23.28
C HIS C 208 -32.10 39.87 -22.79
N ALA C 209 -30.99 39.17 -22.89
CA ALA C 209 -29.69 39.67 -22.46
C ALA C 209 -28.69 39.54 -23.59
N LYS C 210 -27.85 40.55 -23.74
CA LYS C 210 -26.67 40.47 -24.60
C LYS C 210 -25.52 39.95 -23.75
N VAL C 211 -24.83 38.92 -24.25
CA VAL C 211 -23.90 38.12 -23.46
C VAL C 211 -22.54 38.13 -24.13
N VAL C 212 -21.53 38.57 -23.40
CA VAL C 212 -20.15 38.61 -23.88
C VAL C 212 -19.30 37.76 -22.94
N VAL C 213 -18.57 36.80 -23.50
CA VAL C 213 -17.74 35.89 -22.73
C VAL C 213 -16.28 36.11 -23.13
N VAL C 214 -15.47 36.48 -22.15
CA VAL C 214 -14.05 36.81 -22.33
C VAL C 214 -13.26 35.64 -21.76
N ASP C 215 -12.61 34.88 -22.63
CA ASP C 215 -11.92 33.66 -22.23
C ASP C 215 -10.90 33.29 -23.31
N PRO C 216 -9.67 32.93 -22.96
CA PRO C 216 -8.71 32.53 -23.99
C PRO C 216 -9.15 31.34 -24.84
N ARG C 217 -10.10 30.53 -24.35
CA ARG C 217 -10.62 29.41 -25.13
C ARG C 217 -12.11 29.63 -25.38
N LEU C 218 -12.60 29.00 -26.44
CA LEU C 218 -14.02 28.98 -26.75
C LEU C 218 -14.70 27.97 -25.82
N SER C 219 -15.22 28.48 -24.70
CA SER C 219 -15.93 27.69 -23.73
C SER C 219 -17.35 27.42 -24.22
N ALA C 220 -18.02 26.47 -23.56
CA ALA C 220 -19.43 26.23 -23.84
C ALA C 220 -20.22 27.53 -23.75
N SER C 221 -19.97 28.32 -22.71
CA SER C 221 -20.69 29.57 -22.56
C SER C 221 -20.40 30.54 -23.71
N ALA C 222 -19.13 30.67 -24.08
CA ALA C 222 -18.77 31.54 -25.19
C ALA C 222 -19.42 31.08 -26.50
N ALA C 223 -19.52 29.76 -26.70
CA ALA C 223 -20.21 29.25 -27.88
C ALA C 223 -21.69 29.58 -27.87
N LYS C 224 -22.27 29.82 -26.70
CA LYS C 224 -23.65 30.26 -26.58
C LYS C 224 -23.73 31.72 -26.15
N ALA C 225 -22.83 32.55 -26.69
CA ALA C 225 -22.79 33.97 -26.35
C ALA C 225 -22.85 34.79 -27.63
N HIS C 226 -23.21 36.06 -27.48
CA HIS C 226 -23.25 36.96 -28.64
C HIS C 226 -21.86 37.41 -29.05
N LYS C 227 -20.87 37.27 -28.17
CA LYS C 227 -19.50 37.62 -28.53
C LYS C 227 -18.54 36.80 -27.68
N TRP C 228 -17.60 36.15 -28.35
CA TRP C 228 -16.45 35.51 -27.70
C TRP C 228 -15.25 36.43 -27.88
N ILE C 229 -14.71 36.94 -26.78
CA ILE C 229 -13.47 37.73 -26.81
C ILE C 229 -12.35 36.83 -26.35
N PRO C 230 -11.43 36.40 -27.24
CA PRO C 230 -10.37 35.44 -26.87
C PRO C 230 -9.15 36.15 -26.27
N ILE C 231 -9.33 36.61 -25.04
CA ILE C 231 -8.33 37.46 -24.40
C ILE C 231 -7.03 36.71 -24.23
N GLU C 232 -5.91 37.43 -24.36
CA GLU C 232 -4.64 36.88 -23.94
C GLU C 232 -4.68 36.66 -22.43
N PRO C 233 -4.25 35.49 -21.93
CA PRO C 233 -4.27 35.27 -20.48
C PRO C 233 -3.63 36.41 -19.69
N GLY C 234 -4.33 36.86 -18.64
CA GLY C 234 -3.82 37.88 -17.76
C GLY C 234 -4.07 39.32 -18.17
N GLN C 235 -4.81 39.55 -19.26
CA GLN C 235 -5.05 40.91 -19.74
C GLN C 235 -6.49 41.37 -19.51
N ASP C 236 -7.29 40.62 -18.74
CA ASP C 236 -8.69 40.94 -18.56
C ASP C 236 -8.92 42.35 -18.04
N SER C 237 -8.11 42.79 -17.08
CA SER C 237 -8.35 44.10 -16.47
C SER C 237 -8.25 45.22 -17.49
N VAL C 238 -7.48 45.03 -18.56
CA VAL C 238 -7.36 46.06 -19.59
C VAL C 238 -8.73 46.36 -20.20
N LEU C 239 -9.49 45.31 -20.51
CA LEU C 239 -10.82 45.48 -21.08
C LEU C 239 -11.77 46.09 -20.07
N ALA C 240 -11.75 45.59 -18.84
CA ALA C 240 -12.64 46.12 -17.82
C ALA C 240 -12.39 47.60 -17.58
N LEU C 241 -11.12 48.00 -17.53
CA LEU C 241 -10.79 49.39 -17.25
C LEU C 241 -11.20 50.29 -18.41
N ALA C 242 -10.97 49.85 -19.65
CA ALA C 242 -11.39 50.65 -20.79
C ALA C 242 -12.90 50.77 -20.89
N ILE C 243 -13.65 49.72 -20.49
CA ILE C 243 -15.11 49.83 -20.47
C ILE C 243 -15.54 50.92 -19.50
N ALA C 244 -14.96 50.92 -18.30
CA ALA C 244 -15.27 51.95 -17.31
C ALA C 244 -14.93 53.33 -17.84
N HIS C 245 -13.76 53.47 -18.47
CA HIS C 245 -13.37 54.74 -19.07
C HIS C 245 -14.44 55.24 -20.03
N VAL C 246 -14.85 54.38 -20.98
CA VAL C 246 -15.83 54.80 -21.97
C VAL C 246 -17.15 55.15 -21.30
N ALA C 247 -17.56 54.38 -20.30
CA ALA C 247 -18.78 54.69 -19.57
C ALA C 247 -18.76 56.12 -19.01
N LEU C 248 -17.61 56.55 -18.46
CA LEU C 248 -17.55 57.91 -17.94
C LEU C 248 -17.55 58.95 -19.07
N VAL C 249 -16.76 58.71 -20.12
CA VAL C 249 -16.74 59.64 -21.25
C VAL C 249 -18.13 59.81 -21.86
N GLU C 250 -18.87 58.70 -21.97
CA GLU C 250 -20.20 58.72 -22.57
C GLU C 250 -21.29 59.14 -21.60
N GLY C 251 -20.99 59.24 -20.31
CA GLY C 251 -21.97 59.68 -19.34
C GLY C 251 -23.02 58.64 -19.00
N VAL C 252 -22.67 57.35 -19.01
CA VAL C 252 -23.67 56.31 -18.92
C VAL C 252 -23.43 55.39 -17.72
N TRP C 253 -22.70 55.85 -16.71
CA TRP C 253 -22.74 55.20 -15.41
C TRP C 253 -24.18 55.29 -14.90
N HIS C 254 -24.48 54.49 -13.88
CA HIS C 254 -25.85 54.43 -13.34
C HIS C 254 -26.01 55.49 -12.26
N LYS C 255 -26.60 56.62 -12.65
CA LYS C 255 -26.63 57.76 -11.74
C LYS C 255 -27.40 57.50 -10.46
N PRO C 256 -28.50 56.73 -10.44
CA PRO C 256 -29.19 56.49 -9.16
C PRO C 256 -28.32 55.82 -8.13
N PHE C 257 -27.28 55.09 -8.54
CA PHE C 257 -26.36 54.46 -7.60
C PHE C 257 -25.10 55.28 -7.39
N VAL C 258 -24.51 55.81 -8.46
CA VAL C 258 -23.22 56.46 -8.41
C VAL C 258 -23.32 57.93 -8.03
N GLY C 259 -24.33 58.63 -8.56
CA GLY C 259 -24.41 60.06 -8.44
C GLY C 259 -24.21 60.76 -9.78
N ASP C 260 -23.90 62.05 -9.71
CA ASP C 260 -23.79 62.84 -10.92
C ASP C 260 -23.04 64.12 -10.60
N PHE C 261 -22.62 64.81 -11.65
CA PHE C 261 -22.02 66.13 -11.48
C PHE C 261 -23.04 67.11 -10.92
N ILE C 262 -22.57 67.97 -10.02
CA ILE C 262 -23.46 68.93 -9.36
C ILE C 262 -24.18 69.80 -10.38
N GLU C 263 -23.47 70.23 -11.41
CA GLU C 263 -24.05 71.09 -12.45
C GLU C 263 -24.56 70.32 -13.66
N GLY C 264 -24.65 68.99 -13.57
CA GLY C 264 -25.28 68.21 -14.63
C GLY C 264 -24.38 67.86 -15.80
N LYS C 265 -23.57 68.81 -16.25
CA LYS C 265 -22.71 68.58 -17.41
C LYS C 265 -21.65 67.53 -17.10
N ASN C 266 -21.42 66.64 -18.05
CA ASN C 266 -20.43 65.57 -17.87
C ASN C 266 -19.03 66.14 -18.11
N LEU C 267 -18.21 66.18 -17.06
CA LEU C 267 -16.88 66.78 -17.13
C LEU C 267 -15.77 65.77 -17.42
N PHE C 268 -16.09 64.48 -17.53
CA PHE C 268 -15.08 63.45 -17.78
C PHE C 268 -14.66 63.50 -19.25
N LYS C 269 -13.51 64.10 -19.52
CA LYS C 269 -12.92 64.15 -20.84
C LYS C 269 -11.63 63.35 -20.82
N ALA C 270 -11.43 62.49 -21.81
CA ALA C 270 -10.29 61.58 -21.81
C ALA C 270 -9.00 62.32 -21.52
N GLY C 271 -8.21 61.80 -20.58
CA GLY C 271 -6.91 62.33 -20.28
C GLY C 271 -6.86 63.51 -19.33
N LYS C 272 -8.00 64.11 -19.00
CA LYS C 272 -8.02 65.37 -18.26
C LYS C 272 -8.57 65.17 -16.86
N THR C 273 -7.89 65.75 -15.87
CA THR C 273 -8.35 65.61 -14.49
C THR C 273 -9.59 66.47 -14.24
N VAL C 274 -10.33 66.08 -13.22
CA VAL C 274 -11.63 66.68 -12.87
C VAL C 274 -11.58 67.02 -11.39
N SER C 275 -12.22 68.13 -11.02
CA SER C 275 -12.29 68.49 -9.61
C SER C 275 -13.19 67.49 -8.88
N VAL C 276 -12.66 66.89 -7.81
CA VAL C 276 -13.45 65.95 -7.04
C VAL C 276 -14.73 66.61 -6.53
N GLU C 277 -14.66 67.90 -6.21
CA GLU C 277 -15.78 68.62 -5.62
C GLU C 277 -16.87 68.96 -6.62
N SER C 278 -16.64 68.76 -7.92
CA SER C 278 -17.67 69.04 -8.92
C SER C 278 -18.69 67.91 -9.05
N PHE C 279 -18.44 66.77 -8.39
CA PHE C 279 -19.27 65.58 -8.49
C PHE C 279 -19.83 65.24 -7.12
N LYS C 280 -21.09 64.80 -7.08
CA LYS C 280 -21.71 64.36 -5.84
C LYS C 280 -22.05 62.88 -5.95
N GLU C 281 -21.29 62.05 -5.25
CA GLU C 281 -21.55 60.61 -5.26
C GLU C 281 -22.69 60.25 -4.32
N THR C 282 -23.46 59.24 -4.70
CA THR C 282 -24.62 58.83 -3.92
C THR C 282 -24.26 57.65 -3.02
N HIS C 283 -24.09 56.47 -3.59
CA HIS C 283 -23.77 55.28 -2.80
C HIS C 283 -22.35 54.77 -3.03
N THR C 284 -21.55 55.45 -3.85
CA THR C 284 -20.18 55.07 -4.13
C THR C 284 -19.23 56.08 -3.51
N TYR C 285 -17.94 55.71 -3.48
CA TYR C 285 -16.89 56.61 -3.04
C TYR C 285 -15.66 56.46 -3.93
N GLY C 286 -15.15 57.58 -4.42
CA GLY C 286 -13.87 57.60 -5.08
C GLY C 286 -13.90 57.64 -6.59
N LEU C 287 -15.05 57.89 -7.20
CA LEU C 287 -15.12 57.85 -8.66
C LEU C 287 -14.14 58.85 -9.30
N VAL C 288 -14.17 60.10 -8.86
CA VAL C 288 -13.36 61.12 -9.53
C VAL C 288 -11.87 60.88 -9.24
N GLU C 289 -11.53 60.53 -8.00
CA GLU C 289 -10.14 60.20 -7.68
C GLU C 289 -9.63 59.06 -8.56
N TRP C 290 -10.46 58.02 -8.76
CA TRP C 290 -10.09 56.93 -9.65
C TRP C 290 -9.81 57.46 -11.06
N TRP C 291 -10.70 58.31 -11.57
CA TRP C 291 -10.49 58.93 -12.87
C TRP C 291 -9.17 59.70 -12.90
N ASN C 292 -8.95 60.56 -11.91
CA ASN C 292 -7.79 61.46 -11.92
C ASN C 292 -6.49 60.69 -11.83
N GLN C 293 -6.46 59.60 -11.07
CA GLN C 293 -5.22 58.86 -10.84
C GLN C 293 -4.93 57.80 -11.87
N ALA C 294 -5.92 57.34 -12.63
CA ALA C 294 -5.66 56.27 -13.60
C ALA C 294 -6.69 56.16 -14.71
N LEU C 295 -7.98 56.19 -14.36
CA LEU C 295 -8.99 55.79 -15.34
C LEU C 295 -9.07 56.76 -16.51
N LYS C 296 -8.69 58.03 -16.30
CA LYS C 296 -8.78 59.03 -17.37
C LYS C 296 -7.92 58.66 -18.57
N ASP C 297 -6.90 57.83 -18.40
CA ASP C 297 -6.00 57.47 -19.48
C ASP C 297 -6.19 56.04 -19.98
N TYR C 298 -7.14 55.29 -19.41
CA TYR C 298 -7.40 53.92 -19.86
C TYR C 298 -8.39 53.95 -21.03
N THR C 299 -7.92 54.51 -22.14
CA THR C 299 -8.75 54.71 -23.31
C THR C 299 -8.94 53.40 -24.09
N PRO C 300 -9.95 53.33 -24.95
CA PRO C 300 -10.06 52.14 -25.82
C PRO C 300 -8.86 51.95 -26.70
N GLU C 301 -8.19 53.04 -27.10
CA GLU C 301 -6.98 52.90 -27.90
C GLU C 301 -5.84 52.30 -27.08
N TRP C 302 -5.69 52.75 -25.83
CA TRP C 302 -4.73 52.13 -24.92
C TRP C 302 -5.00 50.65 -24.77
N ALA C 303 -6.28 50.27 -24.62
CA ALA C 303 -6.63 48.88 -24.41
C ALA C 303 -6.41 48.06 -25.68
N SER C 304 -6.76 48.62 -26.84
CA SER C 304 -6.61 47.88 -28.09
C SER C 304 -5.14 47.60 -28.38
N LYS C 305 -4.25 48.52 -28.03
CA LYS C 305 -2.83 48.28 -28.30
C LYS C 305 -2.32 47.09 -27.50
N ILE C 306 -2.80 46.94 -26.27
CA ILE C 306 -2.37 45.83 -25.41
C ILE C 306 -3.06 44.53 -25.82
N THR C 307 -4.37 44.58 -26.08
CA THR C 307 -5.16 43.37 -26.21
C THR C 307 -5.44 42.94 -27.64
N GLY C 308 -5.37 43.86 -28.60
CA GLY C 308 -5.82 43.57 -29.95
C GLY C 308 -7.31 43.65 -30.14
N ILE C 309 -8.06 43.99 -29.09
CA ILE C 309 -9.50 44.16 -29.22
C ILE C 309 -9.80 45.43 -30.00
N ASP C 310 -10.77 45.33 -30.92
CA ASP C 310 -11.22 46.49 -31.68
C ASP C 310 -11.71 47.57 -30.74
N PRO C 311 -11.16 48.80 -30.80
CA PRO C 311 -11.66 49.82 -29.87
C PRO C 311 -13.14 50.10 -30.06
N LYS C 312 -13.66 49.95 -31.28
CA LYS C 312 -15.10 50.12 -31.50
C LYS C 312 -15.91 49.09 -30.73
N THR C 313 -15.37 47.88 -30.56
CA THR C 313 -16.05 46.86 -29.77
C THR C 313 -16.10 47.24 -28.30
N ILE C 314 -14.98 47.74 -27.76
CA ILE C 314 -14.97 48.20 -26.37
C ILE C 314 -16.01 49.28 -26.17
N ILE C 315 -16.03 50.28 -27.06
CA ILE C 315 -16.97 51.39 -26.95
C ILE C 315 -18.40 50.88 -27.01
N ALA C 316 -18.68 49.98 -27.94
CA ALA C 316 -20.04 49.46 -28.09
C ALA C 316 -20.47 48.68 -26.85
N ILE C 317 -19.56 47.90 -26.27
CA ILE C 317 -19.89 47.16 -25.06
C ILE C 317 -20.25 48.12 -23.93
N ALA C 318 -19.43 49.15 -23.73
CA ALA C 318 -19.68 50.09 -22.66
C ALA C 318 -21.03 50.77 -22.83
N LYS C 319 -21.36 51.16 -24.07
CA LYS C 319 -22.65 51.79 -24.32
C LYS C 319 -23.80 50.80 -24.10
N ASP C 320 -23.66 49.56 -24.55
CA ASP C 320 -24.69 48.56 -24.31
C ASP C 320 -24.92 48.36 -22.82
N MET C 321 -23.84 48.26 -22.05
CA MET C 321 -23.97 48.13 -20.60
C MET C 321 -24.62 49.36 -20.00
N GLY C 322 -24.25 50.56 -20.47
CA GLY C 322 -24.91 51.76 -19.99
C GLY C 322 -26.41 51.74 -20.22
N ALA C 323 -26.84 51.27 -21.40
CA ALA C 323 -28.27 51.25 -21.71
C ALA C 323 -29.00 50.17 -20.94
N ALA C 324 -28.29 49.09 -20.57
CA ALA C 324 -28.87 47.99 -19.80
C ALA C 324 -28.94 48.28 -18.31
N ALA C 325 -28.14 49.21 -17.82
CA ALA C 325 -28.04 49.47 -16.39
C ALA C 325 -29.42 49.72 -15.79
N PRO C 326 -29.69 49.21 -14.58
CA PRO C 326 -28.79 48.47 -13.69
C PRO C 326 -28.84 46.95 -13.87
N ALA C 327 -29.49 46.46 -14.92
CA ALA C 327 -29.61 45.01 -15.16
C ALA C 327 -28.36 44.51 -15.87
N VAL C 328 -27.23 44.71 -15.20
CA VAL C 328 -25.90 44.46 -15.73
C VAL C 328 -25.13 43.64 -14.70
N GLN C 329 -24.49 42.57 -15.15
CA GLN C 329 -23.75 41.70 -14.23
C GLN C 329 -22.43 41.32 -14.86
N VAL C 330 -21.35 41.47 -14.09
CA VAL C 330 -20.00 41.13 -14.53
C VAL C 330 -19.51 39.97 -13.68
N TRP C 331 -19.18 38.86 -14.35
CA TRP C 331 -18.65 37.67 -13.68
C TRP C 331 -17.12 37.65 -13.77
N THR C 332 -16.48 37.19 -12.70
CA THR C 332 -15.07 36.84 -12.77
C THR C 332 -14.90 35.37 -12.38
N SER C 333 -14.07 34.67 -13.14
CA SER C 333 -13.69 33.31 -12.82
C SER C 333 -12.29 33.28 -12.21
N ARG C 334 -11.96 32.12 -11.63
CA ARG C 334 -10.60 31.83 -11.22
C ARG C 334 -9.60 32.20 -12.31
N GLY C 335 -9.96 31.94 -13.58
CA GLY C 335 -9.01 32.16 -14.65
C GLY C 335 -8.52 33.59 -14.72
N ALA C 336 -9.43 34.54 -14.52
CA ALA C 336 -9.06 35.95 -14.61
C ALA C 336 -8.28 36.41 -13.39
N VAL C 337 -8.56 35.87 -12.20
CA VAL C 337 -8.11 36.49 -10.97
C VAL C 337 -7.12 35.64 -10.17
N MET C 338 -7.03 34.33 -10.39
CA MET C 338 -6.08 33.51 -9.65
C MET C 338 -4.71 33.59 -10.35
N GLN C 339 -4.13 34.79 -10.26
CA GLN C 339 -2.84 35.13 -10.85
C GLN C 339 -2.09 35.98 -9.82
N ALA C 340 -0.77 36.05 -9.98
CA ALA C 340 0.07 36.65 -8.93
C ALA C 340 -0.29 38.11 -8.64
N ARG C 341 -0.83 38.82 -9.62
CA ARG C 341 -1.27 40.20 -9.42
C ARG C 341 -2.78 40.33 -9.53
N GLY C 342 -3.51 39.22 -9.32
CA GLY C 342 -4.91 39.12 -9.70
C GLY C 342 -5.88 39.83 -8.80
N THR C 343 -5.47 40.20 -7.59
CA THR C 343 -6.34 41.02 -6.75
C THR C 343 -6.90 42.21 -7.53
N TYR C 344 -6.07 42.84 -8.35
CA TYR C 344 -6.52 44.04 -9.05
C TYR C 344 -7.32 43.74 -10.31
N THR C 345 -7.36 42.48 -10.75
CA THR C 345 -8.30 42.07 -11.78
C THR C 345 -9.68 41.85 -11.16
N SER C 346 -9.76 41.21 -10.01
CA SER C 346 -11.03 41.13 -9.29
C SER C 346 -11.58 42.53 -9.05
N ILE C 347 -10.74 43.45 -8.58
CA ILE C 347 -11.18 44.82 -8.28
C ILE C 347 -11.63 45.53 -9.55
N SER C 348 -10.83 45.43 -10.62
CA SER C 348 -11.16 46.16 -11.84
C SER C 348 -12.42 45.63 -12.49
N CYS C 349 -12.60 44.31 -12.52
CA CYS C 349 -13.82 43.75 -13.11
C CYS C 349 -15.03 44.01 -12.22
N HIS C 350 -14.89 43.81 -10.92
CA HIS C 350 -16.04 43.98 -10.04
C HIS C 350 -16.46 45.44 -9.95
N ALA C 351 -15.52 46.37 -10.15
CA ALA C 351 -15.87 47.79 -10.15
C ALA C 351 -16.99 48.09 -11.14
N LEU C 352 -17.03 47.38 -12.27
CA LEU C 352 -18.10 47.59 -13.25
C LEU C 352 -19.46 47.25 -12.68
N ASN C 353 -19.53 46.32 -11.73
CA ASN C 353 -20.81 46.00 -11.10
C ASN C 353 -21.33 47.18 -10.28
N GLY C 354 -20.42 48.02 -9.76
CA GLY C 354 -20.85 49.24 -9.10
C GLY C 354 -21.11 50.36 -10.08
N LEU C 355 -20.27 50.46 -11.11
CA LEU C 355 -20.38 51.59 -12.05
C LEU C 355 -21.71 51.54 -12.79
N PHE C 356 -22.19 50.34 -13.12
CA PHE C 356 -23.46 50.21 -13.82
C PHE C 356 -24.62 49.88 -12.90
N GLY C 357 -24.41 49.93 -11.58
CA GLY C 357 -25.49 49.79 -10.64
C GLY C 357 -26.04 48.39 -10.48
N GLY C 358 -25.37 47.38 -11.01
CA GLY C 358 -25.88 46.03 -10.92
C GLY C 358 -25.82 45.44 -9.52
N ILE C 359 -24.90 45.93 -8.70
CA ILE C 359 -24.75 45.38 -7.36
C ILE C 359 -26.05 45.59 -6.59
N ASP C 360 -26.64 44.48 -6.11
CA ASP C 360 -27.90 44.45 -5.38
C ASP C 360 -29.09 44.94 -6.19
N SER C 361 -29.01 44.88 -7.53
CA SER C 361 -30.11 45.33 -8.37
C SER C 361 -30.70 44.17 -9.18
N LYS C 362 -31.94 44.40 -9.63
CA LYS C 362 -32.63 43.46 -10.51
C LYS C 362 -31.85 43.27 -11.80
N GLY C 363 -31.52 42.01 -12.09
CA GLY C 363 -30.68 41.65 -13.22
C GLY C 363 -29.20 41.73 -12.97
N GLY C 364 -28.78 42.17 -11.78
CA GLY C 364 -27.37 42.31 -11.45
C GLY C 364 -26.85 41.14 -10.65
N LEU C 365 -26.15 41.40 -9.54
CA LEU C 365 -25.62 40.33 -8.71
C LEU C 365 -25.62 40.80 -7.26
N PHE C 366 -25.67 39.84 -6.34
CA PHE C 366 -25.71 40.19 -4.93
C PHE C 366 -25.36 38.96 -4.11
N PRO C 367 -25.12 39.14 -2.81
CA PRO C 367 -24.70 38.00 -1.98
C PRO C 367 -25.83 37.01 -1.75
N GLY C 368 -25.46 35.90 -1.12
CA GLY C 368 -26.46 34.94 -0.70
C GLY C 368 -27.37 35.52 0.36
N ASN C 369 -28.63 35.09 0.33
CA ASN C 369 -29.61 35.52 1.30
C ASN C 369 -29.23 35.05 2.70
N LYS C 370 -29.74 35.77 3.71
CA LYS C 370 -29.53 35.38 5.09
C LYS C 370 -30.32 34.10 5.39
N THR C 371 -29.70 33.19 6.15
CA THR C 371 -30.40 32.03 6.67
C THR C 371 -30.04 31.87 8.14
N PRO C 372 -30.87 31.17 8.91
CA PRO C 372 -30.54 30.94 10.32
C PRO C 372 -29.72 29.69 10.59
N LEU C 373 -29.12 29.09 9.57
CA LEU C 373 -28.25 27.94 9.80
C LEU C 373 -27.09 28.34 10.70
N LEU C 374 -26.84 27.53 11.72
CA LEU C 374 -25.67 27.71 12.56
C LEU C 374 -24.47 27.08 11.87
N LYS C 375 -23.29 27.69 12.08
CA LYS C 375 -22.08 27.23 11.42
C LYS C 375 -20.99 26.77 12.39
N GLU C 376 -21.20 26.92 13.69
CA GLU C 376 -20.22 26.53 14.70
C GLU C 376 -20.91 25.84 15.87
N TYR C 377 -20.19 24.92 16.49
CA TYR C 377 -20.59 24.35 17.76
C TYR C 377 -20.17 25.31 18.87
N PRO C 378 -20.57 25.04 20.11
CA PRO C 378 -20.33 26.02 21.18
C PRO C 378 -18.85 26.33 21.38
N GLU C 379 -18.61 27.50 21.98
CA GLU C 379 -17.24 27.91 22.28
C GLU C 379 -16.56 26.87 23.17
N ALA C 380 -15.25 26.74 22.99
CA ALA C 380 -14.46 25.72 23.66
C ALA C 380 -13.49 26.31 24.68
N LYS C 381 -13.70 27.57 25.06
CA LYS C 381 -12.75 28.27 25.92
C LYS C 381 -12.51 27.53 27.24
N ALA C 382 -13.57 26.98 27.83
CA ALA C 382 -13.42 26.29 29.11
C ALA C 382 -12.65 25.00 29.00
N TYR C 383 -12.43 24.48 27.79
CA TYR C 383 -11.78 23.20 27.59
C TYR C 383 -10.33 23.33 27.14
N MET C 384 -9.83 24.56 27.00
CA MET C 384 -8.42 24.79 26.67
C MET C 384 -7.58 24.73 27.93
N ASP C 385 -6.61 23.81 27.97
CA ASP C 385 -5.65 23.80 29.06
C ASP C 385 -4.48 24.74 28.70
N GLU C 386 -3.50 24.85 29.58
CA GLU C 386 -2.41 25.78 29.33
C GLU C 386 -1.57 25.37 28.12
N ILE C 387 -1.39 24.06 27.90
CA ILE C 387 -0.67 23.61 26.71
C ILE C 387 -1.34 24.12 25.45
N ALA C 388 -2.67 23.98 25.39
CA ALA C 388 -3.40 24.39 24.20
C ALA C 388 -3.40 25.92 24.05
N ALA C 389 -3.55 26.64 25.16
CA ALA C 389 -3.58 28.10 25.08
C ALA C 389 -2.29 28.66 24.50
N LYS C 390 -1.16 28.05 24.83
CA LYS C 390 0.12 28.51 24.30
C LYS C 390 0.30 28.12 22.85
N GLY C 391 -0.12 26.91 22.47
CA GLY C 391 0.11 26.43 21.12
C GLY C 391 -0.65 27.20 20.07
N VAL C 392 -1.90 27.57 20.36
CA VAL C 392 -2.72 28.23 19.34
C VAL C 392 -2.25 29.63 19.00
N LYS C 393 -1.32 30.19 19.78
CA LYS C 393 -0.77 31.50 19.49
C LYS C 393 0.45 31.46 18.59
N LYS C 394 0.94 30.27 18.24
CA LYS C 394 2.11 30.17 17.39
C LYS C 394 1.77 30.63 15.97
N GLU C 395 2.79 31.09 15.25
CA GLU C 395 2.64 31.40 13.83
C GLU C 395 2.14 30.17 13.09
N LYS C 396 1.24 30.39 12.14
CA LYS C 396 0.72 29.29 11.34
C LYS C 396 1.79 28.77 10.39
N ILE C 397 1.71 27.47 10.09
CA ILE C 397 2.69 26.79 9.26
C ILE C 397 2.73 27.33 7.84
N ASP C 398 1.66 27.99 7.38
CA ASP C 398 1.63 28.55 6.03
C ASP C 398 2.18 29.98 5.98
N GLN C 399 2.71 30.48 7.09
CA GLN C 399 3.45 31.75 7.14
C GLN C 399 2.58 32.96 6.85
N ARG C 400 1.25 32.81 6.93
CA ARG C 400 0.37 33.93 6.66
C ARG C 400 0.72 35.09 7.60
N GLY C 401 0.67 36.30 7.07
CA GLY C 401 0.94 37.49 7.86
C GLY C 401 2.35 38.02 7.77
N ARG C 402 3.29 37.24 7.25
CA ARG C 402 4.62 37.77 7.01
C ARG C 402 4.52 38.89 5.97
N LEU C 403 5.59 39.68 5.89
CA LEU C 403 5.59 40.85 5.00
C LEU C 403 5.12 40.49 3.60
N GLU C 404 5.68 39.42 3.04
CA GLU C 404 5.38 39.02 1.68
C GLU C 404 4.15 38.12 1.56
N PHE C 405 3.45 37.86 2.67
CA PHE C 405 2.22 37.06 2.64
C PHE C 405 1.12 37.76 3.45
N PRO C 406 0.72 38.96 3.02
CA PRO C 406 -0.36 39.66 3.74
C PRO C 406 -1.64 38.86 3.88
N ALA C 407 -2.11 38.23 2.80
CA ALA C 407 -3.30 37.39 2.83
C ALA C 407 -4.44 38.09 3.56
N LEU C 408 -4.86 39.20 2.98
CA LEU C 408 -5.74 40.14 3.69
C LEU C 408 -7.20 39.77 3.63
N ALA C 409 -7.53 38.53 4.03
CA ALA C 409 -8.93 38.13 4.10
C ALA C 409 -9.65 38.98 5.14
N LYS C 410 -10.79 39.56 4.76
CA LYS C 410 -11.60 40.36 5.67
C LYS C 410 -10.80 41.49 6.30
N GLY C 411 -9.78 41.98 5.61
CA GLY C 411 -9.06 43.17 6.04
C GLY C 411 -7.97 42.95 7.04
N LYS C 412 -7.62 41.71 7.34
CA LYS C 412 -6.69 41.37 8.42
C LYS C 412 -5.37 40.87 7.84
N SER C 413 -4.27 41.44 8.30
CA SER C 413 -2.96 40.89 7.99
C SER C 413 -2.86 39.47 8.55
N GLY C 414 -2.50 38.52 7.68
CA GLY C 414 -2.50 37.14 8.08
C GLY C 414 -3.87 36.56 8.34
N GLY C 415 -4.90 37.14 7.72
CA GLY C 415 -6.26 36.68 7.95
C GLY C 415 -6.66 35.47 7.13
N GLY C 416 -5.97 35.22 6.02
CA GLY C 416 -6.34 34.18 5.08
C GLY C 416 -5.38 33.02 5.12
N VAL C 417 -5.91 31.83 4.81
CA VAL C 417 -5.07 30.66 4.66
C VAL C 417 -4.18 30.83 3.43
N ILE C 418 -3.05 30.17 3.43
CA ILE C 418 -2.20 30.08 2.24
C ILE C 418 -1.89 28.61 2.03
N THR C 419 -2.88 27.88 1.54
CA THR C 419 -2.84 26.41 1.46
C THR C 419 -1.55 25.90 0.85
N ALA C 420 -1.23 26.36 -0.36
CA ALA C 420 -0.10 25.82 -1.09
C ALA C 420 1.21 26.10 -0.38
N ASN C 421 1.27 27.19 0.39
CA ASN C 421 2.50 27.53 1.08
C ASN C 421 2.72 26.68 2.34
N ALA C 422 1.67 26.03 2.85
CA ALA C 422 1.88 25.10 3.96
C ALA C 422 2.89 24.03 3.59
N ALA C 423 2.90 23.59 2.33
CA ALA C 423 3.89 22.62 1.89
C ALA C 423 5.29 23.17 2.06
N ASN C 424 5.47 24.47 1.80
CA ASN C 424 6.78 25.09 1.91
C ASN C 424 7.19 25.25 3.37
N GLY C 425 6.24 25.67 4.23
CA GLY C 425 6.54 25.71 5.64
C GLY C 425 6.95 24.36 6.18
N ILE C 426 6.22 23.31 5.79
CA ILE C 426 6.56 21.96 6.22
C ILE C 426 7.91 21.55 5.64
N ARG C 427 8.06 21.68 4.31
CA ARG C 427 9.30 21.43 3.60
C ARG C 427 10.51 21.98 4.33
N ASN C 428 10.40 23.23 4.76
CA ASN C 428 11.52 23.98 5.32
C ASN C 428 11.48 24.08 6.83
N GLN C 429 10.52 23.44 7.47
CA GLN C 429 10.35 23.53 8.93
C GLN C 429 10.42 24.98 9.37
N ASP C 430 9.73 25.83 8.64
CA ASP C 430 9.69 27.26 8.90
C ASP C 430 8.23 27.66 8.88
N PRO C 431 7.62 28.06 10.01
CA PRO C 431 8.21 28.39 11.31
C PRO C 431 8.72 27.23 12.16
N TYR C 432 8.27 26.02 11.89
CA TYR C 432 8.67 24.85 12.68
C TYR C 432 8.25 23.60 11.92
N GLU C 433 8.65 22.45 12.47
CA GLU C 433 8.31 21.17 11.89
C GLU C 433 6.87 20.78 12.20
N ILE C 434 6.22 20.14 11.24
CA ILE C 434 4.96 19.43 11.46
C ILE C 434 5.27 17.96 11.66
N LYS C 435 4.89 17.42 12.83
CA LYS C 435 5.18 16.05 13.21
C LYS C 435 3.96 15.14 13.14
N VAL C 436 2.76 15.68 13.24
CA VAL C 436 1.53 14.89 13.22
C VAL C 436 0.53 15.62 12.35
N MET C 437 -0.03 14.93 11.37
CA MET C 437 -0.98 15.53 10.45
C MET C 437 -2.20 14.64 10.29
N LEU C 438 -3.37 15.25 10.39
CA LEU C 438 -4.63 14.61 10.02
C LEU C 438 -5.22 15.40 8.86
N ALA C 439 -5.62 14.72 7.80
CA ALA C 439 -6.12 15.38 6.60
C ALA C 439 -7.37 14.65 6.13
N TYR C 440 -8.35 15.39 5.60
CA TYR C 440 -9.54 14.74 5.09
C TYR C 440 -10.05 15.41 3.82
N PHE C 441 -10.51 14.57 2.89
CA PHE C 441 -11.30 15.01 1.75
C PHE C 441 -10.46 15.90 0.82
N ASN C 442 -9.16 15.62 0.76
CA ASN C 442 -8.20 16.52 0.13
C ASN C 442 -7.15 15.71 -0.64
N ASN C 443 -6.54 16.36 -1.64
CA ASN C 443 -5.51 15.67 -2.43
C ASN C 443 -4.51 16.68 -2.95
N PHE C 444 -3.81 17.36 -2.04
CA PHE C 444 -3.06 18.56 -2.39
C PHE C 444 -1.84 18.28 -3.28
N ASN C 445 -1.30 17.06 -3.26
CA ASN C 445 -0.22 16.73 -4.20
C ASN C 445 -0.69 16.87 -5.64
N PHE C 446 -1.99 16.69 -5.88
CA PHE C 446 -2.59 16.70 -7.20
C PHE C 446 -3.28 18.02 -7.51
N SER C 447 -3.86 18.67 -6.50
CA SER C 447 -4.69 19.84 -6.71
C SER C 447 -3.97 21.17 -6.48
N ASN C 448 -2.81 21.16 -5.81
CA ASN C 448 -2.04 22.36 -5.61
C ASN C 448 -1.00 22.52 -6.72
N PRO C 449 -0.70 23.76 -7.13
CA PRO C 449 0.38 23.97 -8.10
C PRO C 449 1.69 23.39 -7.59
N GLU C 450 2.47 22.84 -8.51
CA GLU C 450 3.77 22.27 -8.18
C GLU C 450 3.61 21.33 -6.97
N GLY C 451 2.67 20.40 -7.08
CA GLY C 451 2.34 19.50 -6.01
C GLY C 451 3.47 18.57 -5.60
N GLN C 452 4.53 18.49 -6.40
CA GLN C 452 5.72 17.78 -5.98
C GLN C 452 6.23 18.31 -4.64
N ARG C 453 5.95 19.59 -4.35
CA ARG C 453 6.33 20.15 -3.06
C ARG C 453 5.60 19.48 -1.91
N TRP C 454 4.39 18.97 -2.16
CA TRP C 454 3.69 18.20 -1.13
C TRP C 454 4.25 16.78 -1.02
N ASP C 455 4.70 16.18 -2.12
CA ASP C 455 5.43 14.93 -2.03
C ASP C 455 6.57 15.08 -1.02
N GLU C 456 7.38 16.14 -1.20
CA GLU C 456 8.53 16.36 -0.34
C GLU C 456 8.10 16.66 1.09
N ALA C 457 7.12 17.56 1.26
CA ALA C 457 6.69 17.94 2.59
C ALA C 457 6.14 16.74 3.36
N LEU C 458 5.25 15.97 2.74
CA LEU C 458 4.65 14.85 3.44
C LEU C 458 5.68 13.78 3.75
N SER C 459 6.67 13.60 2.89
CA SER C 459 7.72 12.62 3.17
C SER C 459 8.53 12.99 4.40
N LYS C 460 8.44 14.25 4.85
CA LYS C 460 9.18 14.72 6.01
C LYS C 460 8.32 14.82 7.25
N VAL C 461 7.06 14.39 7.20
CA VAL C 461 6.16 14.44 8.33
C VAL C 461 6.18 13.08 9.02
N ASP C 462 6.42 13.09 10.33
CA ASP C 462 6.63 11.85 11.06
CA ASP C 462 6.63 11.84 11.06
C ASP C 462 5.40 10.95 11.03
N PHE C 463 4.20 11.53 11.21
CA PHE C 463 2.99 10.72 11.23
C PHE C 463 1.84 11.47 10.58
N MET C 464 1.26 10.87 9.56
CA MET C 464 0.11 11.45 8.88
C MET C 464 -0.95 10.39 8.69
N ALA C 465 -2.20 10.81 8.87
CA ALA C 465 -3.38 9.99 8.62
C ALA C 465 -4.27 10.74 7.65
N HIS C 466 -4.80 10.01 6.66
CA HIS C 466 -5.62 10.57 5.59
C HIS C 466 -7.01 9.96 5.68
N ILE C 467 -8.02 10.80 5.79
CA ILE C 467 -9.43 10.39 5.79
C ILE C 467 -9.92 10.56 4.35
N THR C 468 -10.22 9.44 3.70
CA THR C 468 -10.42 9.41 2.26
C THR C 468 -11.23 8.17 1.91
N THR C 469 -11.89 8.23 0.76
CA THR C 469 -12.59 7.08 0.18
C THR C 469 -11.66 6.21 -0.66
N ASN C 470 -10.80 6.85 -1.44
CA ASN C 470 -9.89 6.18 -2.36
C ASN C 470 -8.46 6.45 -1.91
N VAL C 471 -7.55 5.57 -2.32
CA VAL C 471 -6.13 5.82 -2.12
C VAL C 471 -5.67 6.77 -3.22
N SER C 472 -5.68 8.06 -2.93
CA SER C 472 -5.28 9.07 -3.89
C SER C 472 -3.79 9.37 -3.74
N GLU C 473 -3.30 10.33 -4.53
CA GLU C 473 -1.89 10.68 -4.49
C GLU C 473 -1.44 11.13 -3.10
N PHE C 474 -2.25 11.95 -2.44
CA PHE C 474 -1.94 12.37 -1.07
C PHE C 474 -1.87 11.17 -0.13
N SER C 475 -2.75 10.19 -0.31
CA SER C 475 -2.78 9.01 0.56
C SER C 475 -1.47 8.23 0.50
N TRP C 476 -0.78 8.30 -0.64
CA TRP C 476 0.47 7.55 -0.83
C TRP C 476 1.49 7.82 0.27
N PHE C 477 1.42 8.99 0.89
CA PHE C 477 2.41 9.42 1.88
C PHE C 477 1.92 9.25 3.30
N ALA C 478 0.78 8.60 3.48
CA ALA C 478 0.19 8.44 4.80
C ALA C 478 0.77 7.25 5.54
N ASP C 479 0.83 7.39 6.86
CA ASP C 479 1.09 6.26 7.74
C ASP C 479 -0.16 5.45 7.99
N VAL C 480 -1.31 6.12 8.06
CA VAL C 480 -2.58 5.47 8.37
C VAL C 480 -3.64 6.00 7.43
N LEU C 481 -4.45 5.08 6.90
CA LEU C 481 -5.61 5.42 6.09
C LEU C 481 -6.85 5.17 6.92
N LEU C 482 -7.76 6.14 6.93
CA LEU C 482 -9.01 6.06 7.67
C LEU C 482 -10.12 6.17 6.63
N PRO C 483 -10.76 5.07 6.25
CA PRO C 483 -11.66 5.13 5.10
C PRO C 483 -12.95 5.86 5.46
N SER C 484 -13.31 6.82 4.61
CA SER C 484 -14.48 7.62 4.84
C SER C 484 -15.72 7.01 4.20
N SER C 485 -16.83 7.07 4.91
CA SER C 485 -18.14 6.86 4.30
C SER C 485 -18.36 7.95 3.27
N HIS C 486 -18.98 7.58 2.13
CA HIS C 486 -19.08 8.51 1.02
C HIS C 486 -20.02 9.66 1.35
N HIS C 487 -19.58 10.89 1.08
CA HIS C 487 -20.28 12.06 1.57
C HIS C 487 -21.72 12.14 1.05
N MET C 488 -21.96 11.63 -0.15
CA MET C 488 -23.24 11.87 -0.81
C MET C 488 -24.27 10.78 -0.55
N PHE C 489 -23.83 9.59 -0.16
CA PHE C 489 -24.71 8.44 -0.01
C PHE C 489 -24.69 7.79 1.36
N GLU C 490 -23.64 8.01 2.18
CA GLU C 490 -23.49 7.31 3.45
C GLU C 490 -23.23 8.26 4.61
N LYS C 491 -23.62 9.53 4.48
CA LYS C 491 -23.22 10.54 5.45
C LYS C 491 -24.38 11.45 5.82
N TRP C 492 -24.41 11.85 7.09
CA TRP C 492 -25.23 12.97 7.55
C TRP C 492 -24.42 14.26 7.45
N GLY C 493 -24.97 15.25 6.75
CA GLY C 493 -24.32 16.53 6.59
C GLY C 493 -25.34 17.61 6.28
N VAL C 494 -24.84 18.83 6.10
CA VAL C 494 -25.70 19.94 5.69
C VAL C 494 -24.87 20.92 4.87
N LEU C 495 -25.47 21.43 3.80
CA LEU C 495 -24.82 22.35 2.87
C LEU C 495 -25.80 23.46 2.53
N ASP C 496 -25.35 24.43 1.73
CA ASP C 496 -26.20 25.51 1.25
C ASP C 496 -25.88 25.77 -0.21
N SER C 497 -26.77 26.53 -0.85
CA SER C 497 -26.61 26.94 -2.24
C SER C 497 -27.33 28.27 -2.43
N ILE C 498 -26.88 29.05 -3.40
CA ILE C 498 -27.53 30.33 -3.70
C ILE C 498 -27.74 30.46 -5.20
N GLY C 499 -28.80 31.15 -5.55
CA GLY C 499 -29.17 31.37 -6.92
C GLY C 499 -30.67 31.54 -7.03
N ASN C 500 -31.10 32.08 -8.16
CA ASN C 500 -32.53 32.27 -8.41
C ASN C 500 -33.14 33.23 -7.38
N GLY C 501 -32.30 34.11 -6.81
CA GLY C 501 -32.74 35.08 -5.83
C GLY C 501 -32.92 34.55 -4.42
N VAL C 502 -32.52 33.31 -4.15
CA VAL C 502 -32.72 32.72 -2.83
C VAL C 502 -31.46 31.99 -2.40
N ALA C 503 -31.44 31.67 -1.10
CA ALA C 503 -30.49 30.74 -0.52
C ALA C 503 -31.26 29.56 0.02
N GLN C 504 -30.67 28.37 -0.12
CA GLN C 504 -31.28 27.16 0.40
C GLN C 504 -30.29 26.42 1.29
N ILE C 505 -30.82 25.69 2.25
CA ILE C 505 -30.05 24.81 3.14
C ILE C 505 -30.54 23.40 2.89
N SER C 506 -29.63 22.48 2.56
CA SER C 506 -30.05 21.14 2.18
C SER C 506 -29.35 20.10 3.04
N ILE C 507 -30.04 18.97 3.22
CA ILE C 507 -29.58 17.86 4.04
C ILE C 507 -28.72 16.93 3.20
N GLN C 508 -27.77 16.30 3.86
CA GLN C 508 -27.10 15.09 3.42
C GLN C 508 -27.51 14.00 4.39
N GLN C 509 -27.95 12.85 3.87
CA GLN C 509 -28.35 11.75 4.73
C GLN C 509 -28.00 10.45 4.01
N PRO C 510 -27.76 9.37 4.75
CA PRO C 510 -27.51 8.08 4.09
C PRO C 510 -28.73 7.63 3.32
N SER C 511 -28.53 7.19 2.08
CA SER C 511 -29.60 6.64 1.27
C SER C 511 -29.45 5.13 1.03
N ILE C 512 -28.32 4.56 1.44
CA ILE C 512 -28.08 3.12 1.32
C ILE C 512 -27.49 2.64 2.64
N LYS C 513 -27.59 1.33 2.85
CA LYS C 513 -26.86 0.72 3.94
C LYS C 513 -25.37 0.85 3.69
N ARG C 514 -24.61 1.20 4.73
CA ARG C 514 -23.20 1.44 4.56
C ARG C 514 -22.53 0.23 3.91
N LEU C 515 -21.76 0.48 2.85
CA LEU C 515 -21.19 -0.62 2.08
C LEU C 515 -20.09 -1.33 2.85
N TRP C 516 -19.15 -0.57 3.39
CA TRP C 516 -17.91 -1.11 3.92
C TRP C 516 -17.70 -0.60 5.35
N ASP C 517 -16.55 -0.97 5.92
CA ASP C 517 -16.22 -0.62 7.30
C ASP C 517 -15.61 0.78 7.36
N THR C 518 -16.43 1.76 7.00
CA THR C 518 -16.01 3.15 6.91
C THR C 518 -16.69 3.97 7.99
N ARG C 519 -16.23 5.21 8.15
CA ARG C 519 -16.84 6.14 9.10
C ARG C 519 -16.94 7.51 8.47
N ILE C 520 -17.87 8.31 8.99
CA ILE C 520 -18.11 9.65 8.47
C ILE C 520 -16.98 10.58 8.95
N ASP C 521 -16.32 11.22 7.99
CA ASP C 521 -15.14 12.04 8.26
C ASP C 521 -15.37 13.07 9.37
N GLU C 522 -16.43 13.86 9.26
CA GLU C 522 -16.58 15.04 10.11
C GLU C 522 -17.31 14.80 11.42
N SER C 523 -17.80 13.58 11.67
CA SER C 523 -18.57 13.35 12.88
C SER C 523 -18.08 12.11 13.60
N GLU C 524 -18.30 10.94 13.00
CA GLU C 524 -17.96 9.69 13.66
C GLU C 524 -16.47 9.63 13.98
N ILE C 525 -15.61 10.08 13.05
CA ILE C 525 -14.17 9.93 13.27
C ILE C 525 -13.68 10.83 14.41
N PRO C 526 -13.99 12.12 14.43
CA PRO C 526 -13.56 12.94 15.59
C PRO C 526 -14.14 12.46 16.91
N TYR C 527 -15.37 11.96 16.88
CA TYR C 527 -15.97 11.35 18.07
C TYR C 527 -15.15 10.15 18.55
N MET C 528 -14.83 9.24 17.63
CA MET C 528 -14.06 8.06 18.00
C MET C 528 -12.65 8.42 18.45
N LEU C 529 -12.03 9.41 17.79
CA LEU C 529 -10.70 9.86 18.19
C LEU C 529 -10.74 10.53 19.56
N ALA C 530 -11.78 11.32 19.83
CA ALA C 530 -11.89 11.94 21.15
C ALA C 530 -11.99 10.89 22.25
N LYS C 531 -12.78 9.83 22.01
CA LYS C 531 -12.85 8.73 22.97
C LYS C 531 -11.48 8.11 23.18
N LYS C 532 -10.75 7.86 22.09
CA LYS C 532 -9.43 7.24 22.21
C LYS C 532 -8.47 8.14 22.97
N LEU C 533 -8.51 9.45 22.69
CA LEU C 533 -7.65 10.40 23.40
C LEU C 533 -7.98 10.43 24.87
N ALA C 534 -9.27 10.35 25.22
CA ALA C 534 -9.65 10.34 26.62
C ALA C 534 -9.17 9.08 27.31
N ASP C 535 -9.26 7.93 26.64
CA ASP C 535 -8.71 6.69 27.18
C ASP C 535 -7.22 6.83 27.50
N LYS C 536 -6.50 7.65 26.74
CA LYS C 536 -5.07 7.78 26.89
C LYS C 536 -4.67 9.01 27.71
N GLY C 537 -5.64 9.66 28.35
CA GLY C 537 -5.34 10.68 29.35
C GLY C 537 -5.59 12.11 28.94
N PHE C 538 -6.14 12.35 27.74
CA PHE C 538 -6.43 13.70 27.26
C PHE C 538 -7.90 13.74 26.88
N ASP C 539 -8.77 14.14 27.81
CA ASP C 539 -10.20 14.01 27.61
C ASP C 539 -10.90 15.33 27.30
N ALA C 540 -10.15 16.41 27.08
CA ALA C 540 -10.81 17.68 26.78
C ALA C 540 -11.68 17.59 25.53
N PRO C 541 -11.21 17.02 24.41
CA PRO C 541 -12.12 16.87 23.26
C PRO C 541 -13.37 16.06 23.58
N TRP C 542 -13.22 14.94 24.29
CA TRP C 542 -14.39 14.14 24.63
C TRP C 542 -15.35 14.90 25.53
N ARG C 543 -14.84 15.58 26.56
CA ARG C 543 -15.72 16.36 27.42
C ARG C 543 -16.41 17.47 26.63
N TYR C 544 -15.67 18.17 25.77
CA TYR C 544 -16.29 19.21 24.95
C TYR C 544 -17.45 18.64 24.15
N ILE C 545 -17.22 17.51 23.48
CA ILE C 545 -18.26 16.91 22.64
C ILE C 545 -19.47 16.52 23.48
N ASN C 546 -19.24 15.82 24.59
CA ASN C 546 -20.35 15.25 25.35
C ASN C 546 -21.12 16.30 26.13
N GLU C 547 -20.48 17.42 26.48
CA GLU C 547 -21.14 18.46 27.25
C GLU C 547 -21.69 19.59 26.37
N GLN C 548 -21.08 19.85 25.21
CA GLN C 548 -21.49 20.96 24.36
C GLN C 548 -22.27 20.57 23.12
N ILE C 549 -22.01 19.41 22.54
CA ILE C 549 -22.74 18.99 21.34
C ILE C 549 -23.79 17.99 21.82
N VAL C 550 -24.94 18.53 22.24
CA VAL C 550 -26.05 17.75 22.76
C VAL C 550 -27.29 18.06 21.92
N ASP C 551 -28.27 17.18 22.03
CA ASP C 551 -29.41 17.24 21.13
C ASP C 551 -30.22 18.50 21.36
N PRO C 552 -30.63 19.21 20.31
CA PRO C 552 -31.39 20.45 20.53
C PRO C 552 -32.76 20.22 21.13
N GLU C 553 -33.33 19.02 21.04
CA GLU C 553 -34.63 18.73 21.64
C GLU C 553 -34.52 18.05 23.00
N THR C 554 -33.69 17.02 23.12
CA THR C 554 -33.63 16.26 24.37
C THR C 554 -32.56 16.77 25.33
N GLY C 555 -31.63 17.59 24.87
CA GLY C 555 -30.51 18.01 25.69
C GLY C 555 -29.48 16.94 25.98
N LYS C 556 -29.64 15.73 25.42
CA LYS C 556 -28.75 14.63 25.75
C LYS C 556 -27.62 14.51 24.73
N PRO C 557 -26.43 14.10 25.16
CA PRO C 557 -25.38 13.77 24.19
C PRO C 557 -25.72 12.51 23.43
N ALA C 558 -25.01 12.29 22.32
CA ALA C 558 -25.22 11.09 21.53
C ALA C 558 -24.87 9.83 22.32
N ALA C 559 -25.64 8.77 22.09
CA ALA C 559 -25.38 7.48 22.72
C ALA C 559 -24.33 6.66 21.99
N ASP C 560 -24.10 6.91 20.71
CA ASP C 560 -23.14 6.13 19.93
C ASP C 560 -22.77 6.92 18.68
N GLU C 561 -21.86 6.34 17.89
CA GLU C 561 -21.37 6.98 16.68
C GLU C 561 -22.50 7.37 15.74
N ALA C 562 -23.37 6.41 15.44
CA ALA C 562 -24.42 6.66 14.44
C ALA C 562 -25.32 7.79 14.90
N GLU C 563 -25.68 7.82 16.18
CA GLU C 563 -26.51 8.92 16.66
C GLU C 563 -25.76 10.24 16.59
N PHE C 564 -24.46 10.23 16.93
CA PHE C 564 -23.69 11.47 16.89
C PHE C 564 -23.60 12.03 15.47
N ALA C 565 -23.50 11.16 14.48
CA ALA C 565 -23.46 11.60 13.09
C ALA C 565 -24.69 12.45 12.75
N LYS C 566 -25.87 11.97 13.15
CA LYS C 566 -27.10 12.71 12.89
C LYS C 566 -27.22 13.92 13.82
N LEU C 567 -26.78 13.78 15.07
CA LEU C 567 -26.87 14.87 16.03
C LEU C 567 -26.12 16.10 15.55
N MET C 568 -24.95 15.92 14.95
CA MET C 568 -24.17 17.06 14.46
CA MET C 568 -24.19 17.08 14.50
C MET C 568 -24.99 17.91 13.50
N VAL C 569 -25.82 17.27 12.67
CA VAL C 569 -26.65 18.02 11.75
C VAL C 569 -27.87 18.61 12.46
N ARG C 570 -28.52 17.81 13.31
CA ARG C 570 -29.67 18.32 14.07
C ARG C 570 -29.30 19.58 14.83
N TYR C 571 -28.12 19.59 15.45
CA TYR C 571 -27.72 20.72 16.30
C TYR C 571 -27.68 22.02 15.48
N LEU C 572 -26.99 22.02 14.35
CA LEU C 572 -26.82 23.24 13.57
C LEU C 572 -28.07 23.65 12.81
N THR C 573 -28.94 22.70 12.45
CA THR C 573 -30.13 23.05 11.67
C THR C 573 -31.37 23.30 12.51
N ALA C 574 -31.29 23.13 13.83
CA ALA C 574 -32.48 23.33 14.67
C ALA C 574 -33.20 24.65 14.43
N PRO C 575 -32.53 25.77 14.17
CA PRO C 575 -33.26 27.02 13.89
C PRO C 575 -34.19 26.93 12.69
N LEU C 576 -34.00 25.96 11.80
CA LEU C 576 -34.81 25.81 10.61
C LEU C 576 -36.07 24.98 10.86
N TRP C 577 -35.99 23.98 11.74
CA TRP C 577 -37.08 23.03 11.93
C TRP C 577 -37.61 22.99 13.35
N LYS C 578 -36.82 23.37 14.34
CA LYS C 578 -37.31 23.41 15.72
C LYS C 578 -38.00 24.72 16.03
N GLU C 579 -37.52 25.81 15.45
CA GLU C 579 -38.13 27.13 15.58
C GLU C 579 -38.88 27.47 14.31
N ASP C 580 -39.57 28.60 14.37
CA ASP C 580 -40.29 29.15 13.23
C ASP C 580 -39.33 30.06 12.48
N ALA C 581 -38.87 29.62 11.31
CA ALA C 581 -37.92 30.37 10.49
C ALA C 581 -38.62 31.28 9.49
N SER C 582 -39.92 31.53 9.67
CA SER C 582 -40.72 32.29 8.71
C SER C 582 -40.12 33.65 8.36
N LYS C 583 -39.43 34.29 9.31
CA LYS C 583 -38.86 35.60 9.05
C LYS C 583 -37.85 35.55 7.91
N TYR C 584 -37.19 34.41 7.73
CA TYR C 584 -36.13 34.25 6.75
C TYR C 584 -36.55 33.47 5.51
N GLY C 585 -37.63 32.70 5.59
CA GLY C 585 -38.04 31.82 4.51
C GLY C 585 -39.05 30.78 4.95
N ASP C 586 -38.82 29.51 4.59
CA ASP C 586 -39.79 28.46 4.87
C ASP C 586 -40.04 28.30 6.36
N LYS C 587 -41.27 27.95 6.70
CA LYS C 587 -41.63 27.48 8.03
C LYS C 587 -41.70 25.96 7.97
N LEU C 588 -40.84 25.29 8.73
CA LEU C 588 -40.82 23.83 8.81
C LEU C 588 -41.36 23.39 10.16
N SER C 589 -42.13 22.30 10.15
CA SER C 589 -42.81 21.85 11.35
C SER C 589 -41.99 20.90 12.21
N SER C 590 -40.98 20.23 11.66
CA SER C 590 -40.28 19.21 12.42
C SER C 590 -38.98 18.82 11.71
N TRP C 591 -38.11 18.15 12.45
CA TRP C 591 -36.92 17.56 11.85
C TRP C 591 -37.30 16.60 10.73
N ASP C 592 -38.33 15.77 10.95
CA ASP C 592 -38.72 14.81 9.93
C ASP C 592 -39.14 15.49 8.63
N GLU C 593 -39.86 16.62 8.72
CA GLU C 593 -40.24 17.31 7.50
C GLU C 593 -39.01 17.85 6.78
N PHE C 594 -38.05 18.39 7.54
CA PHE C 594 -36.79 18.84 6.95
C PHE C 594 -36.11 17.70 6.21
N VAL C 595 -36.04 16.52 6.85
CA VAL C 595 -35.37 15.38 6.26
C VAL C 595 -36.12 14.90 5.02
N GLN C 596 -37.46 14.88 5.09
CA GLN C 596 -38.25 14.37 3.98
C GLN C 596 -38.18 15.31 2.78
N LYS C 597 -38.43 16.61 3.01
CA LYS C 597 -38.29 17.57 1.92
C LYS C 597 -36.83 17.69 1.50
N GLY C 598 -35.92 17.63 2.47
CA GLY C 598 -34.50 17.67 2.20
C GLY C 598 -33.89 19.04 2.02
N VAL C 599 -34.68 20.11 2.08
CA VAL C 599 -34.16 21.44 1.78
C VAL C 599 -35.05 22.48 2.43
N TRP C 600 -34.44 23.58 2.87
CA TRP C 600 -35.12 24.76 3.38
C TRP C 600 -34.78 25.92 2.46
N ASN C 601 -35.81 26.69 2.05
CA ASN C 601 -35.63 27.79 1.11
C ASN C 601 -35.84 29.13 1.80
N SER C 602 -34.98 30.09 1.49
CA SER C 602 -35.13 31.43 2.01
C SER C 602 -36.20 32.19 1.22
N SER C 603 -36.54 33.37 1.73
CA SER C 603 -37.35 34.33 1.00
C SER C 603 -36.53 34.92 -0.13
N PRO C 604 -37.18 35.64 -1.06
CA PRO C 604 -36.43 36.30 -2.13
C PRO C 604 -35.53 37.41 -1.61
N TYR C 605 -34.44 37.66 -2.34
CA TYR C 605 -33.52 38.74 -1.98
C TYR C 605 -34.23 40.07 -2.14
N LYS C 606 -34.08 40.95 -1.14
CA LYS C 606 -34.65 42.29 -1.18
C LYS C 606 -33.68 43.21 -1.92
N LEU C 607 -34.05 43.62 -3.12
CA LEU C 607 -33.16 44.41 -3.96
C LEU C 607 -32.80 45.73 -3.27
N GLU C 608 -31.56 46.17 -3.52
CA GLU C 608 -30.98 47.38 -2.94
C GLU C 608 -30.83 47.29 -1.42
N ALA C 609 -30.90 46.07 -0.87
CA ALA C 609 -30.81 45.91 0.58
C ALA C 609 -29.53 46.51 1.14
N ARG C 610 -28.40 46.35 0.45
CA ARG C 610 -27.13 46.82 0.99
C ARG C 610 -26.79 48.23 0.59
N TRP C 611 -27.54 48.83 -0.32
CA TRP C 611 -27.29 50.21 -0.72
C TRP C 611 -27.28 51.13 0.49
N GLY C 612 -26.22 51.94 0.60
CA GLY C 612 -26.10 52.86 1.72
C GLY C 612 -25.61 52.23 2.99
N LYS C 613 -25.29 50.94 3.00
CA LYS C 613 -24.89 50.26 4.23
C LYS C 613 -23.94 49.12 3.93
N PHE C 614 -23.03 49.33 2.97
CA PHE C 614 -22.01 48.32 2.73
C PHE C 614 -21.05 48.27 3.92
N LYS C 615 -20.50 47.09 4.17
CA LYS C 615 -19.60 46.89 5.31
C LYS C 615 -18.17 47.26 4.93
N THR C 616 -18.04 48.43 4.33
CA THR C 616 -16.77 49.03 3.96
C THR C 616 -16.44 50.15 4.93
N GLU C 617 -15.19 50.65 4.86
CA GLU C 617 -14.78 51.73 5.73
C GLU C 617 -15.69 52.94 5.58
N THR C 618 -16.10 53.26 4.34
CA THR C 618 -16.93 54.42 4.08
C THR C 618 -18.42 54.13 4.13
N THR C 619 -18.81 52.86 4.15
CA THR C 619 -20.18 52.36 3.94
C THR C 619 -20.62 52.52 2.49
N LYS C 620 -19.75 52.99 1.61
CA LYS C 620 -20.04 53.14 0.19
C LYS C 620 -19.44 51.98 -0.61
N PHE C 621 -19.87 51.88 -1.87
CA PHE C 621 -19.19 51.04 -2.85
C PHE C 621 -17.93 51.77 -3.27
N GLU C 622 -16.77 51.22 -2.94
CA GLU C 622 -15.53 51.99 -2.96
C GLU C 622 -14.75 51.76 -4.25
N PHE C 623 -14.86 52.72 -5.19
CA PHE C 623 -13.91 52.75 -6.30
C PHE C 623 -12.52 53.13 -5.82
N TYR C 624 -12.44 53.96 -4.78
CA TYR C 624 -11.20 54.23 -4.06
C TYR C 624 -11.34 53.50 -2.73
N SER C 625 -10.67 52.36 -2.60
CA SER C 625 -10.92 51.47 -1.47
C SER C 625 -10.15 51.91 -0.25
N LYS C 626 -10.75 52.81 0.53
CA LYS C 626 -10.27 53.08 1.88
C LYS C 626 -10.21 51.81 2.72
N THR C 627 -11.09 50.85 2.42
CA THR C 627 -11.07 49.57 3.12
C THR C 627 -9.75 48.84 2.88
N LEU C 628 -9.31 48.81 1.63
CA LEU C 628 -8.04 48.15 1.31
C LEU C 628 -6.86 48.96 1.84
N GLU C 629 -6.94 50.29 1.80
CA GLU C 629 -5.88 51.11 2.38
C GLU C 629 -5.69 50.80 3.85
N LYS C 630 -6.80 50.70 4.60
CA LYS C 630 -6.71 50.41 6.03
C LYS C 630 -6.04 49.06 6.28
N ALA C 631 -6.42 48.05 5.50
CA ALA C 631 -5.82 46.73 5.65
C ALA C 631 -4.34 46.75 5.32
N LEU C 632 -3.98 47.41 4.21
CA LEU C 632 -2.59 47.54 3.84
C LEU C 632 -1.81 48.36 4.87
N GLN C 633 -2.42 49.45 5.38
CA GLN C 633 -1.77 50.23 6.43
C GLN C 633 -1.50 49.38 7.65
N SER C 634 -2.45 48.52 8.02
CA SER C 634 -2.25 47.63 9.17
C SER C 634 -1.07 46.71 8.94
N HIS C 635 -0.99 46.10 7.76
CA HIS C 635 0.11 45.20 7.45
C HIS C 635 1.44 45.95 7.43
N ALA C 636 1.45 47.13 6.83
CA ALA C 636 2.66 47.95 6.77
C ALA C 636 3.13 48.33 8.17
N ASP C 637 2.21 48.81 9.02
CA ASP C 637 2.58 49.19 10.38
C ASP C 637 3.12 48.00 11.15
N LYS C 638 2.50 46.83 10.97
CA LYS C 638 2.95 45.62 11.66
C LYS C 638 4.42 45.31 11.32
N HIS C 639 4.82 45.53 10.07
CA HIS C 639 6.17 45.22 9.64
C HIS C 639 7.05 46.45 9.54
N LYS C 640 6.58 47.58 10.06
CA LYS C 640 7.38 48.81 10.16
C LYS C 640 7.90 49.24 8.79
N VAL C 641 7.03 49.19 7.78
CA VAL C 641 7.36 49.64 6.43
C VAL C 641 6.20 50.49 5.90
N SER C 642 6.42 51.07 4.73
CA SER C 642 5.38 51.82 4.04
C SER C 642 4.53 50.87 3.21
N ILE C 643 3.36 51.37 2.79
CA ILE C 643 2.50 50.57 1.92
C ILE C 643 3.20 50.33 0.58
N ASP C 644 3.86 51.36 0.04
CA ASP C 644 4.63 51.17 -1.19
C ASP C 644 5.65 50.03 -1.04
N GLU C 645 6.31 49.97 0.13
CA GLU C 645 7.27 48.88 0.34
C GLU C 645 6.57 47.53 0.43
N VAL C 646 5.35 47.49 0.96
CA VAL C 646 4.58 46.25 0.95
C VAL C 646 4.29 45.81 -0.49
N MET C 647 3.86 46.75 -1.32
CA MET C 647 3.57 46.42 -2.72
C MET C 647 4.80 45.85 -3.41
N LYS C 648 5.96 46.48 -3.20
CA LYS C 648 7.19 45.99 -3.79
C LYS C 648 7.55 44.61 -3.25
N ALA C 649 7.44 44.41 -1.94
CA ALA C 649 7.76 43.12 -1.35
C ALA C 649 6.85 42.02 -1.87
N CYS C 650 5.65 42.38 -2.31
CA CYS C 650 4.66 41.43 -2.82
C CYS C 650 4.60 41.40 -4.34
N ASP C 651 5.48 42.14 -5.01
CA ASP C 651 5.68 42.11 -6.46
C ASP C 651 4.46 42.58 -7.23
N TYR C 652 3.77 43.59 -6.70
CA TYR C 652 2.78 44.34 -7.44
C TYR C 652 3.44 45.59 -8.02
N GLN C 653 2.90 46.05 -9.13
CA GLN C 653 3.39 47.28 -9.75
C GLN C 653 2.81 48.53 -9.07
N ALA C 654 1.67 48.41 -8.41
CA ALA C 654 1.01 49.58 -7.83
C ALA C 654 1.90 50.31 -6.84
N ARG C 655 1.90 51.64 -6.95
CA ARG C 655 2.50 52.52 -5.95
C ARG C 655 1.55 53.68 -5.70
N GLY C 656 1.63 54.24 -4.49
CA GLY C 656 0.80 55.39 -4.18
C GLY C 656 -0.69 55.07 -4.28
N HIS C 657 -1.44 55.99 -4.88
CA HIS C 657 -2.89 55.84 -4.95
C HIS C 657 -3.31 54.56 -5.67
N LEU C 658 -2.49 54.09 -6.62
CA LEU C 658 -2.86 52.93 -7.42
C LEU C 658 -3.07 51.68 -6.57
N ALA C 659 -2.49 51.62 -5.37
CA ALA C 659 -2.71 50.45 -4.52
C ALA C 659 -4.16 50.30 -4.08
N PHE C 660 -4.98 51.36 -4.18
CA PHE C 660 -6.33 51.35 -3.65
C PHE C 660 -7.42 51.52 -4.70
N ILE C 661 -7.08 51.57 -5.99
CA ILE C 661 -8.07 51.79 -7.04
C ILE C 661 -7.91 50.73 -8.11
N PRO C 662 -8.95 50.51 -8.91
CA PRO C 662 -8.81 49.67 -10.10
C PRO C 662 -7.76 50.24 -11.03
N HIS C 663 -6.80 49.40 -11.41
CA HIS C 663 -5.72 49.83 -12.29
C HIS C 663 -5.13 48.59 -12.96
N TYR C 664 -4.31 48.85 -13.97
CA TYR C 664 -3.74 47.78 -14.77
C TYR C 664 -2.44 47.29 -14.15
N GLU C 665 -2.40 46.01 -13.79
CA GLU C 665 -1.17 45.32 -13.43
C GLU C 665 -0.78 44.46 -14.64
N GLU C 666 0.41 44.68 -15.17
CA GLU C 666 0.91 43.79 -16.21
C GLU C 666 0.94 42.38 -15.65
N PRO C 667 0.41 41.37 -16.35
CA PRO C 667 0.36 40.03 -15.77
C PRO C 667 1.76 39.48 -15.52
N TYR C 668 1.94 38.88 -14.35
CA TYR C 668 3.17 38.18 -14.05
C TYR C 668 3.33 36.98 -14.99
N ARG C 669 4.55 36.77 -15.47
CA ARG C 669 4.89 35.65 -16.34
C ARG C 669 6.17 35.01 -15.80
N PHE C 670 6.27 33.69 -15.89
CA PHE C 670 7.46 32.99 -15.43
C PHE C 670 8.06 32.15 -16.54
N GLY C 671 9.35 32.36 -16.80
CA GLY C 671 10.06 31.59 -17.78
C GLY C 671 10.38 32.39 -19.04
N ASP C 672 11.38 31.90 -19.77
CA ASP C 672 11.82 32.52 -21.01
C ASP C 672 10.81 32.20 -22.12
N GLU C 673 10.23 33.25 -22.71
CA GLU C 673 9.23 33.03 -23.75
C GLU C 673 9.84 32.42 -25.01
N SER C 674 11.13 32.64 -25.24
CA SER C 674 11.77 32.03 -26.40
C SER C 674 11.89 30.53 -26.23
N GLU C 675 12.12 30.07 -24.99
CA GLU C 675 12.19 28.63 -24.74
C GLU C 675 10.80 28.04 -24.50
N PHE C 676 9.87 28.81 -23.92
CA PHE C 676 8.55 28.32 -23.55
C PHE C 676 7.51 29.22 -24.21
N PRO C 677 7.19 28.98 -25.47
CA PRO C 677 6.43 29.97 -26.25
C PRO C 677 4.91 29.95 -26.06
N LEU C 678 4.35 29.02 -25.29
CA LEU C 678 2.91 28.88 -25.16
C LEU C 678 2.46 29.19 -23.74
N LEU C 679 1.34 29.88 -23.62
CA LEU C 679 0.73 30.15 -22.32
C LEU C 679 -0.31 29.08 -22.02
N LEU C 680 -0.17 28.42 -20.87
CA LEU C 680 -1.14 27.42 -20.48
C LEU C 680 -2.48 28.07 -20.14
N VAL C 681 -3.54 27.50 -20.67
CA VAL C 681 -4.90 27.88 -20.34
C VAL C 681 -5.52 26.68 -19.65
N ASP C 682 -5.37 26.63 -18.33
CA ASP C 682 -5.95 25.59 -17.52
C ASP C 682 -7.45 25.78 -17.48
N GLN C 683 -8.19 24.68 -17.54
CA GLN C 683 -9.64 24.68 -17.47
C GLN C 683 -10.11 23.46 -16.69
N LYS C 684 -11.34 23.50 -16.20
CA LYS C 684 -11.95 22.35 -15.58
C LYS C 684 -12.74 21.57 -16.63
N SER C 685 -12.83 20.26 -16.44
CA SER C 685 -13.77 19.48 -17.24
C SER C 685 -15.18 19.68 -16.68
N ARG C 686 -16.16 19.80 -17.57
CA ARG C 686 -17.52 19.88 -17.09
C ARG C 686 -18.02 18.57 -16.51
N LEU C 687 -17.21 17.51 -16.59
CA LEU C 687 -17.51 16.26 -15.92
C LEU C 687 -16.61 16.02 -14.72
N ASN C 688 -15.72 16.95 -14.37
CA ASN C 688 -15.00 16.87 -13.12
C ASN C 688 -15.93 17.13 -11.96
N LYS C 689 -16.10 16.17 -11.07
CA LYS C 689 -16.57 16.44 -9.73
C LYS C 689 -15.33 16.75 -8.90
N GLU C 690 -14.89 18.02 -9.00
CA GLU C 690 -13.58 18.44 -8.53
C GLU C 690 -12.56 17.40 -8.97
N GLY C 691 -11.71 16.93 -8.08
CA GLY C 691 -10.73 15.92 -8.48
C GLY C 691 -11.16 14.49 -8.26
N ARG C 692 -12.47 14.21 -8.38
CA ARG C 692 -13.02 12.97 -7.88
C ARG C 692 -13.85 12.15 -8.86
N THR C 693 -13.82 12.44 -10.17
CA THR C 693 -14.49 11.55 -11.13
C THR C 693 -13.52 10.94 -12.14
N ALA C 694 -12.20 11.04 -11.94
CA ALA C 694 -11.26 10.45 -12.87
C ALA C 694 -11.22 8.92 -12.79
N ASN C 695 -11.85 8.32 -11.77
CA ASN C 695 -11.97 6.87 -11.69
C ASN C 695 -13.35 6.38 -12.08
N SER C 696 -14.11 7.21 -12.80
CA SER C 696 -15.45 6.85 -13.28
C SER C 696 -15.39 6.55 -14.76
N PRO C 697 -15.68 5.33 -15.20
CA PRO C 697 -15.61 5.07 -16.66
C PRO C 697 -16.56 5.95 -17.48
N TRP C 698 -17.72 6.34 -16.94
CA TRP C 698 -18.63 7.19 -17.70
C TRP C 698 -18.03 8.56 -18.00
N TYR C 699 -17.15 9.05 -17.11
CA TYR C 699 -16.44 10.30 -17.37
C TYR C 699 -15.70 10.23 -18.70
N TYR C 700 -14.95 9.15 -18.92
CA TYR C 700 -14.20 9.00 -20.15
C TYR C 700 -15.13 8.78 -21.34
N GLU C 701 -16.20 8.00 -21.15
CA GLU C 701 -17.09 7.70 -22.26
C GLU C 701 -17.65 8.98 -22.88
N PHE C 702 -17.86 10.02 -22.09
CA PHE C 702 -18.47 11.26 -22.56
C PHE C 702 -17.55 12.47 -22.42
N LYS C 703 -16.23 12.25 -22.37
CA LYS C 703 -15.33 13.35 -22.07
C LYS C 703 -15.39 14.46 -23.13
N ASP C 704 -15.83 14.16 -24.35
CA ASP C 704 -15.85 15.17 -25.40
C ASP C 704 -17.04 16.14 -25.26
N VAL C 705 -17.86 16.07 -24.20
CA VAL C 705 -18.81 17.14 -23.96
C VAL C 705 -18.09 18.43 -23.58
N ASP C 706 -16.82 18.33 -23.19
CA ASP C 706 -15.96 19.51 -23.08
C ASP C 706 -15.60 19.96 -24.49
N PRO C 707 -16.02 21.15 -24.93
CA PRO C 707 -15.83 21.52 -26.34
C PRO C 707 -14.36 21.43 -26.75
N GLY C 708 -14.11 20.69 -27.84
CA GLY C 708 -12.79 20.51 -28.38
C GLY C 708 -12.07 19.26 -27.88
N ASP C 709 -12.53 18.66 -26.80
CA ASP C 709 -11.84 17.52 -26.20
C ASP C 709 -12.30 16.21 -26.84
N VAL C 710 -11.74 15.11 -26.35
CA VAL C 710 -11.80 13.82 -27.04
C VAL C 710 -12.17 12.74 -26.04
N ALA C 711 -13.17 11.94 -26.40
CA ALA C 711 -13.61 10.85 -25.53
C ALA C 711 -12.46 9.89 -25.24
N ASN C 712 -12.41 9.42 -23.99
CA ASN C 712 -11.48 8.39 -23.54
C ASN C 712 -10.03 8.83 -23.61
N GLU C 713 -9.77 10.13 -23.70
CA GLU C 713 -8.41 10.65 -23.81
C GLU C 713 -8.24 11.87 -22.93
N ASP C 714 -6.97 12.21 -22.71
CA ASP C 714 -6.55 13.50 -22.16
C ASP C 714 -5.82 14.24 -23.27
N VAL C 715 -6.38 15.36 -23.73
CA VAL C 715 -5.77 16.12 -24.80
C VAL C 715 -5.43 17.53 -24.33
N ALA C 716 -4.35 18.05 -24.87
CA ALA C 716 -4.04 19.47 -24.80
C ALA C 716 -4.41 20.06 -26.15
N LYS C 717 -5.14 21.17 -26.13
CA LYS C 717 -5.69 21.76 -27.35
C LYS C 717 -4.82 22.91 -27.82
N PHE C 718 -4.40 22.84 -29.08
CA PHE C 718 -3.59 23.85 -29.73
C PHE C 718 -4.35 24.45 -30.90
N ASN C 719 -4.20 25.75 -31.11
CA ASN C 719 -4.68 26.32 -32.36
C ASN C 719 -3.91 25.67 -33.51
N PRO C 720 -4.55 25.39 -34.64
CA PRO C 720 -3.81 24.78 -35.77
C PRO C 720 -2.59 25.56 -36.20
N ILE C 721 -2.55 26.87 -35.98
CA ILE C 721 -1.34 27.65 -36.31
C ILE C 721 -0.16 27.11 -35.54
N ASP C 722 -0.32 26.91 -34.23
CA ASP C 722 0.75 26.40 -33.40
C ASP C 722 0.95 24.90 -33.60
N GLY C 723 -0.11 24.16 -33.90
CA GLY C 723 0.08 22.75 -34.24
C GLY C 723 1.00 22.56 -35.43
N LYS C 724 0.75 23.34 -36.49
CA LYS C 724 1.62 23.30 -37.67
C LYS C 724 3.02 23.77 -37.33
N LYS C 725 3.13 24.80 -36.49
CA LYS C 725 4.45 25.31 -36.10
C LYS C 725 5.27 24.24 -35.40
N PHE C 726 4.63 23.42 -34.57
CA PHE C 726 5.34 22.42 -33.78
C PHE C 726 5.20 21.01 -34.33
N GLY C 727 4.67 20.87 -35.54
CA GLY C 727 4.61 19.56 -36.19
C GLY C 727 3.69 18.57 -35.50
N LEU C 728 2.58 19.04 -34.96
CA LEU C 728 1.66 18.20 -34.20
C LEU C 728 0.46 17.82 -35.04
N LYS C 729 -0.03 16.60 -34.82
CA LYS C 729 -1.28 16.14 -35.42
C LYS C 729 -2.15 15.53 -34.35
N ASP C 730 -3.46 15.56 -34.61
CA ASP C 730 -4.42 14.97 -33.69
C ASP C 730 -3.99 13.56 -33.32
N GLY C 731 -4.02 13.26 -32.02
CA GLY C 731 -3.68 11.93 -31.54
C GLY C 731 -2.21 11.72 -31.24
N ASP C 732 -1.34 12.65 -31.61
CA ASP C 732 0.08 12.51 -31.30
C ASP C 732 0.29 12.48 -29.79
N GLU C 733 1.15 11.57 -29.33
CA GLU C 733 1.60 11.58 -27.95
CA GLU C 733 1.59 11.59 -27.95
C GLU C 733 2.59 12.72 -27.77
N ILE C 734 2.32 13.61 -26.81
CA ILE C 734 3.16 14.79 -26.64
C ILE C 734 3.64 14.92 -25.21
N ARG C 735 4.75 15.61 -25.07
CA ARG C 735 5.30 16.03 -23.78
CA ARG C 735 5.27 16.03 -23.78
C ARG C 735 5.24 17.55 -23.72
N ILE C 736 4.60 18.07 -22.68
CA ILE C 736 4.52 19.51 -22.44
C ILE C 736 5.40 19.81 -21.23
N THR C 737 6.29 20.79 -21.38
CA THR C 737 7.28 21.09 -20.38
C THR C 737 7.23 22.57 -20.01
N SER C 738 7.27 22.85 -18.71
CA SER C 738 7.41 24.21 -18.20
C SER C 738 8.72 24.30 -17.44
N PRO C 739 9.07 25.48 -16.91
CA PRO C 739 10.29 25.58 -16.08
C PRO C 739 10.29 24.70 -14.85
N VAL C 740 9.15 24.24 -14.36
CA VAL C 740 9.10 23.49 -13.10
C VAL C 740 8.72 22.03 -13.27
N GLY C 741 8.30 21.59 -14.45
CA GLY C 741 7.89 20.21 -14.59
C GLY C 741 7.39 19.91 -16.00
N MET C 742 6.85 18.70 -16.14
CA MET C 742 6.39 18.23 -17.43
C MET C 742 5.22 17.28 -17.23
N LEU C 743 4.49 17.03 -18.32
CA LEU C 743 3.47 15.99 -18.36
C LEU C 743 3.43 15.46 -19.78
N THR C 744 2.81 14.29 -19.95
CA THR C 744 2.56 13.73 -21.26
C THR C 744 1.06 13.53 -21.43
N CYS C 745 0.59 13.76 -22.65
CA CYS C 745 -0.81 13.57 -23.01
C CYS C 745 -0.87 13.45 -24.52
N LYS C 746 -2.05 13.70 -25.10
CA LYS C 746 -2.20 13.67 -26.54
C LYS C 746 -2.53 15.06 -27.06
N ALA C 747 -2.24 15.27 -28.33
CA ALA C 747 -2.45 16.56 -28.98
C ALA C 747 -3.81 16.60 -29.66
N LYS C 748 -4.45 17.77 -29.61
CA LYS C 748 -5.67 18.04 -30.36
C LYS C 748 -5.55 19.45 -30.93
N LEU C 749 -5.77 19.58 -32.24
CA LEU C 749 -5.80 20.88 -32.90
C LEU C 749 -7.22 21.40 -32.95
N TRP C 750 -7.42 22.65 -32.52
CA TRP C 750 -8.76 23.20 -32.36
C TRP C 750 -8.73 24.70 -32.53
N GLU C 751 -9.59 25.22 -33.41
CA GLU C 751 -9.60 26.66 -33.69
C GLU C 751 -10.13 27.47 -32.52
N GLY C 752 -10.79 26.84 -31.55
CA GLY C 752 -11.25 27.54 -30.36
C GLY C 752 -10.18 27.85 -29.35
N VAL C 753 -8.92 27.66 -29.71
CA VAL C 753 -7.78 28.00 -28.86
C VAL C 753 -7.14 29.27 -29.38
N ARG C 754 -6.95 30.25 -28.52
CA ARG C 754 -6.23 31.46 -28.93
C ARG C 754 -4.82 31.06 -29.34
N PRO C 755 -4.35 31.47 -30.52
CA PRO C 755 -2.95 31.18 -30.87
C PRO C 755 -1.99 31.71 -29.83
N GLY C 756 -0.92 30.96 -29.58
CA GLY C 756 0.02 31.26 -28.52
C GLY C 756 -0.36 30.72 -27.16
N THR C 757 -1.48 29.99 -27.08
CA THR C 757 -1.90 29.36 -25.84
C THR C 757 -2.16 27.89 -26.11
N VAL C 758 -2.29 27.12 -25.03
CA VAL C 758 -2.66 25.71 -25.10
C VAL C 758 -3.68 25.48 -23.99
N ALA C 759 -4.86 25.01 -24.37
CA ALA C 759 -5.98 24.83 -23.45
C ALA C 759 -6.10 23.35 -23.09
N LYS C 760 -5.94 23.04 -21.81
CA LYS C 760 -5.98 21.65 -21.35
C LYS C 760 -6.75 21.55 -20.04
N CYS C 761 -7.68 20.59 -19.98
CA CYS C 761 -8.42 20.35 -18.76
C CYS C 761 -7.51 19.81 -17.66
N PHE C 762 -7.61 20.41 -16.48
CA PHE C 762 -7.23 19.76 -15.23
C PHE C 762 -8.15 18.58 -14.96
N GLY C 763 -7.60 17.53 -14.35
CA GLY C 763 -8.44 16.46 -13.83
C GLY C 763 -7.92 15.07 -14.06
N GLN C 764 -7.18 14.89 -15.16
CA GLN C 764 -6.51 13.63 -15.43
C GLN C 764 -5.07 13.74 -14.94
N GLY C 765 -4.26 12.73 -15.22
CA GLY C 765 -2.90 12.68 -14.73
C GLY C 765 -2.74 12.05 -13.37
N HIS C 766 -3.78 11.43 -12.83
CA HIS C 766 -3.65 10.67 -11.59
C HIS C 766 -2.71 9.49 -11.81
N TRP C 767 -1.84 9.25 -10.82
CA TRP C 767 -1.06 8.03 -10.78
C TRP C 767 -1.52 7.07 -9.68
N ALA C 768 -2.51 7.50 -8.88
CA ALA C 768 -3.16 6.61 -7.91
C ALA C 768 -4.67 6.72 -8.11
N TYR C 769 -5.42 6.80 -7.00
CA TYR C 769 -6.87 6.92 -6.97
C TYR C 769 -7.60 5.64 -7.35
N GLY C 770 -7.29 5.05 -8.51
CA GLY C 770 -7.97 3.82 -8.88
C GLY C 770 -7.48 3.27 -10.20
N ARG C 771 -8.10 2.16 -10.61
CA ARG C 771 -7.63 1.44 -11.79
C ARG C 771 -8.02 2.14 -13.09
N TYR C 772 -9.09 2.95 -13.10
CA TYR C 772 -9.46 3.70 -14.30
C TYR C 772 -8.75 5.04 -14.40
N ALA C 773 -8.44 5.65 -13.25
CA ALA C 773 -7.81 6.95 -13.20
C ALA C 773 -6.31 6.90 -13.44
N SER C 774 -5.67 5.75 -13.26
CA SER C 774 -4.24 5.63 -13.46
C SER C 774 -3.99 4.59 -14.53
N ALA C 775 -2.83 4.69 -15.18
CA ALA C 775 -2.42 3.68 -16.14
C ALA C 775 -1.87 2.45 -15.43
N LYS C 776 -0.94 2.66 -14.51
CA LYS C 776 -0.48 1.59 -13.62
C LYS C 776 -0.51 2.15 -12.20
N PHE C 777 -1.42 1.64 -11.39
CA PHE C 777 -1.67 2.21 -10.06
C PHE C 777 -0.39 2.35 -9.25
N GLY C 778 -0.14 3.57 -8.77
CA GLY C 778 1.04 3.86 -7.98
C GLY C 778 2.29 4.13 -8.78
N VAL C 779 2.25 3.99 -10.10
CA VAL C 779 3.45 4.05 -10.92
C VAL C 779 3.29 5.02 -12.08
N THR C 780 2.28 4.82 -12.92
CA THR C 780 2.18 5.51 -14.20
C THR C 780 0.84 6.23 -14.30
N PRO C 781 0.83 7.53 -14.58
CA PRO C 781 -0.44 8.24 -14.66
C PRO C 781 -1.15 7.97 -15.97
N ARG C 782 -2.47 8.11 -15.93
CA ARG C 782 -3.27 8.18 -17.14
C ARG C 782 -3.45 9.65 -17.47
N GLY C 783 -3.07 10.05 -18.68
CA GLY C 783 -3.11 11.45 -19.02
C GLY C 783 -1.99 12.20 -18.31
N GLY C 784 -2.17 13.50 -18.19
CA GLY C 784 -1.13 14.37 -17.65
C GLY C 784 -1.65 15.32 -16.60
N SER C 785 -0.84 15.53 -15.55
CA SER C 785 -1.23 16.27 -14.36
C SER C 785 -0.89 17.73 -14.53
N ASN C 786 -1.91 18.57 -14.75
CA ASN C 786 -1.69 19.97 -15.06
C ASN C 786 -0.83 20.67 -14.02
N ASN C 787 -1.05 20.40 -12.73
CA ASN C 787 -0.37 21.21 -11.72
C ASN C 787 1.12 20.94 -11.65
N ASP C 788 1.62 19.86 -12.25
CA ASP C 788 3.06 19.69 -12.35
C ASP C 788 3.70 20.74 -13.27
N LEU C 789 2.90 21.43 -14.10
CA LEU C 789 3.42 22.47 -14.97
C LEU C 789 3.42 23.85 -14.33
N ILE C 790 2.66 24.04 -13.25
CA ILE C 790 2.29 25.37 -12.77
C ILE C 790 3.20 25.73 -11.60
N ALA C 791 4.07 26.71 -11.83
CA ALA C 791 4.99 27.15 -10.79
C ALA C 791 4.21 27.68 -9.58
N ASP C 792 4.75 27.38 -8.40
CA ASP C 792 4.20 27.74 -7.09
C ASP C 792 4.27 29.25 -6.90
N ARG C 793 3.16 29.95 -7.14
CA ARG C 793 3.14 31.41 -7.12
C ARG C 793 1.84 31.89 -6.49
N TYR C 794 1.85 33.14 -6.00
CA TYR C 794 0.78 33.65 -5.14
C TYR C 794 0.35 35.06 -5.52
N ASP C 795 -0.98 35.28 -5.44
CA ASP C 795 -1.56 36.62 -5.29
C ASP C 795 -1.42 36.95 -3.81
N ARG C 796 -0.30 37.59 -3.45
CA ARG C 796 0.08 37.69 -2.05
C ARG C 796 -0.87 38.57 -1.23
N LEU C 797 -1.58 39.51 -1.87
CA LEU C 797 -2.55 40.29 -1.13
C LEU C 797 -3.72 39.43 -0.63
N SER C 798 -4.07 38.37 -1.35
CA SER C 798 -5.17 37.51 -0.92
C SER C 798 -4.71 36.19 -0.31
N GLY C 799 -3.46 35.78 -0.58
CA GLY C 799 -3.01 34.46 -0.24
C GLY C 799 -3.28 33.42 -1.31
N ALA C 800 -4.00 33.78 -2.37
CA ALA C 800 -4.41 32.80 -3.37
C ALA C 800 -3.22 32.24 -4.15
N SER C 801 -3.29 30.96 -4.49
CA SER C 801 -2.36 30.40 -5.45
C SER C 801 -2.72 30.85 -6.87
N ALA C 802 -1.71 31.05 -7.69
CA ALA C 802 -1.90 31.40 -9.09
C ALA C 802 -1.92 30.12 -9.94
N PHE C 803 -2.98 29.94 -10.72
CA PHE C 803 -3.07 28.82 -11.66
C PHE C 803 -3.09 29.28 -13.11
N TYR C 804 -3.04 30.58 -13.39
CA TYR C 804 -3.29 31.10 -14.71
C TYR C 804 -2.36 32.25 -15.03
N GLY C 805 -2.17 32.50 -16.33
CA GLY C 805 -1.44 33.67 -16.76
C GLY C 805 0.07 33.57 -16.76
N HIS C 806 0.67 33.01 -15.71
CA HIS C 806 2.12 33.03 -15.61
C HIS C 806 2.80 31.78 -16.17
N ILE C 807 2.02 30.80 -16.61
CA ILE C 807 2.56 29.49 -16.99
C ILE C 807 2.91 29.51 -18.46
N ARG C 808 4.21 29.52 -18.76
CA ARG C 808 4.74 29.35 -20.09
C ARG C 808 5.18 27.88 -20.25
N VAL C 809 4.85 27.28 -21.40
CA VAL C 809 5.22 25.90 -21.67
C VAL C 809 5.74 25.76 -23.09
N ARG C 810 6.44 24.65 -23.34
CA ARG C 810 6.81 24.20 -24.67
C ARG C 810 6.25 22.80 -24.88
N VAL C 811 6.20 22.37 -26.14
CA VAL C 811 5.63 21.07 -26.48
C VAL C 811 6.53 20.35 -27.48
N GLU C 812 6.54 19.02 -27.39
CA GLU C 812 7.26 18.19 -28.34
C GLU C 812 6.58 16.84 -28.41
N LYS C 813 6.83 16.12 -29.51
CA LYS C 813 6.27 14.80 -29.68
C LYS C 813 7.01 13.77 -28.83
N VAL C 814 6.31 12.69 -28.51
CA VAL C 814 6.84 11.53 -27.79
C VAL C 814 7.08 11.89 -26.34
N MET D 1 -51.33 7.37 -33.79
CA MET D 1 -50.30 7.90 -32.86
C MET D 1 -48.88 7.75 -33.41
N ARG D 2 -48.13 8.84 -33.34
CA ARG D 2 -46.74 8.90 -33.79
C ARG D 2 -45.97 9.72 -32.75
N LEU D 3 -45.47 9.06 -31.71
CA LEU D 3 -44.72 9.75 -30.69
C LEU D 3 -43.41 10.29 -31.26
N GLY D 4 -42.99 11.44 -30.74
CA GLY D 4 -41.75 12.04 -31.17
C GLY D 4 -41.28 13.02 -30.12
N MET D 5 -40.13 13.64 -30.42
CA MET D 5 -39.46 14.52 -29.48
C MET D 5 -39.07 15.80 -30.19
N VAL D 6 -39.21 16.91 -29.49
CA VAL D 6 -38.72 18.21 -29.95
C VAL D 6 -37.62 18.65 -28.99
N ILE D 7 -36.48 19.04 -29.55
CA ILE D 7 -35.32 19.45 -28.76
C ILE D 7 -35.00 20.90 -29.12
N ASP D 8 -34.97 21.75 -28.09
CA ASP D 8 -34.72 23.18 -28.26
C ASP D 8 -33.21 23.41 -28.13
N LEU D 9 -32.54 23.65 -29.26
CA LEU D 9 -31.09 23.77 -29.25
C LEU D 9 -30.60 25.06 -28.61
N GLN D 10 -31.44 26.10 -28.54
CA GLN D 10 -30.99 27.27 -27.81
C GLN D 10 -30.94 26.98 -26.32
N LYS D 11 -31.91 26.20 -25.81
CA LYS D 11 -31.89 25.82 -24.40
C LYS D 11 -30.78 24.82 -24.09
N CYS D 12 -30.44 23.98 -25.07
CA CYS D 12 -29.43 22.94 -24.85
C CYS D 12 -28.07 23.56 -24.56
N VAL D 13 -27.40 23.07 -23.52
CA VAL D 13 -26.07 23.55 -23.19
C VAL D 13 -24.99 22.53 -23.53
N GLY D 14 -25.38 21.43 -24.16
CA GLY D 14 -24.42 20.46 -24.68
C GLY D 14 -23.66 19.74 -23.60
N CYS D 15 -24.32 19.42 -22.48
CA CYS D 15 -23.65 18.88 -21.31
C CYS D 15 -23.59 17.36 -21.26
N GLY D 16 -24.41 16.66 -22.03
CA GLY D 16 -24.44 15.21 -22.00
C GLY D 16 -25.24 14.60 -20.86
N GLY D 17 -25.96 15.42 -20.09
CA GLY D 17 -26.73 14.89 -18.98
C GLY D 17 -27.79 13.90 -19.42
N CYS D 18 -28.41 14.16 -20.57
CA CYS D 18 -29.37 13.23 -21.14
C CYS D 18 -28.73 11.88 -21.42
N SER D 19 -27.52 11.89 -21.99
CA SER D 19 -26.87 10.64 -22.35
C SER D 19 -26.47 9.86 -21.10
N LEU D 20 -25.99 10.56 -20.06
CA LEU D 20 -25.62 9.89 -18.81
C LEU D 20 -26.85 9.35 -18.10
N ALA D 21 -27.95 10.11 -18.12
CA ALA D 21 -29.20 9.59 -17.57
C ALA D 21 -29.61 8.31 -18.30
N CYS D 22 -29.42 8.27 -19.62
CA CYS D 22 -29.76 7.08 -20.39
C CYS D 22 -28.94 5.87 -19.93
N LYS D 23 -27.65 6.08 -19.62
CA LYS D 23 -26.81 5.02 -19.09
C LYS D 23 -27.41 4.43 -17.81
N THR D 24 -27.81 5.30 -16.88
CA THR D 24 -28.35 4.82 -15.61
C THR D 24 -29.70 4.16 -15.80
N GLU D 25 -30.49 4.62 -16.77
CA GLU D 25 -31.83 4.09 -16.94
C GLU D 25 -31.80 2.70 -17.56
N ASN D 26 -30.93 2.49 -18.54
CA ASN D 26 -31.06 1.38 -19.46
C ASN D 26 -29.94 0.35 -19.40
N ASN D 27 -28.93 0.56 -18.55
CA ASN D 27 -27.94 -0.46 -18.23
CA ASN D 27 -27.97 -0.49 -18.25
C ASN D 27 -27.10 -0.82 -19.44
N THR D 28 -26.86 0.14 -20.32
CA THR D 28 -26.06 -0.09 -21.50
C THR D 28 -24.61 -0.38 -21.10
N ASN D 29 -23.98 -1.29 -21.85
CA ASN D 29 -22.60 -1.65 -21.57
C ASN D 29 -21.70 -0.44 -21.69
N ASP D 30 -20.52 -0.54 -21.08
CA ASP D 30 -19.52 0.50 -21.28
C ASP D 30 -19.26 0.68 -22.76
N GLY D 31 -19.29 1.93 -23.21
CA GLY D 31 -19.08 2.24 -24.61
C GLY D 31 -20.33 2.25 -25.46
N ILE D 32 -21.45 1.74 -24.95
CA ILE D 32 -22.71 1.74 -25.70
C ILE D 32 -23.59 2.85 -25.12
N HIS D 33 -23.94 3.81 -25.97
CA HIS D 33 -24.73 4.96 -25.54
C HIS D 33 -25.86 5.17 -26.52
N TRP D 34 -27.09 4.83 -26.08
CA TRP D 34 -28.25 5.02 -26.93
C TRP D 34 -28.48 6.50 -27.23
N SER D 35 -28.42 7.33 -26.18
CA SER D 35 -28.36 8.77 -26.31
C SER D 35 -26.91 9.18 -26.49
N HIS D 36 -26.65 10.02 -27.49
CA HIS D 36 -25.30 10.52 -27.71
C HIS D 36 -25.41 11.93 -28.30
N HIS D 37 -24.46 12.31 -29.14
CA HIS D 37 -24.44 13.67 -29.65
C HIS D 37 -23.63 13.72 -30.93
N ILE D 38 -23.81 14.80 -31.68
CA ILE D 38 -22.99 15.16 -32.81
C ILE D 38 -22.55 16.60 -32.57
N ALA D 39 -21.26 16.80 -32.35
CA ALA D 39 -20.70 18.12 -32.14
C ALA D 39 -19.84 18.51 -33.34
N THR D 40 -19.85 19.80 -33.63
CA THR D 40 -19.15 20.34 -34.80
CA THR D 40 -19.06 20.30 -34.76
C THR D 40 -18.46 21.64 -34.40
N THR D 41 -17.24 21.84 -34.88
CA THR D 41 -16.54 23.11 -34.77
C THR D 41 -16.28 23.60 -36.20
N GLU D 42 -16.70 24.83 -36.49
CA GLU D 42 -16.56 25.40 -37.81
C GLU D 42 -15.92 26.78 -37.71
N GLY D 43 -15.09 27.12 -38.69
CA GLY D 43 -14.51 28.43 -38.77
C GLY D 43 -13.07 28.46 -38.32
N THR D 44 -12.39 29.55 -38.68
CA THR D 44 -11.01 29.79 -38.31
C THR D 44 -10.95 30.90 -37.27
N PHE D 45 -10.08 30.72 -36.28
CA PHE D 45 -9.95 31.68 -35.21
C PHE D 45 -9.85 33.09 -35.81
N PRO D 46 -10.54 34.09 -35.23
CA PRO D 46 -11.37 34.03 -34.02
C PRO D 46 -12.85 33.75 -34.27
N ASP D 47 -13.22 33.47 -35.52
CA ASP D 47 -14.63 33.34 -35.90
C ASP D 47 -15.03 31.86 -35.89
N VAL D 48 -15.15 31.32 -34.68
CA VAL D 48 -15.30 29.88 -34.47
C VAL D 48 -16.70 29.60 -33.94
N LYS D 49 -17.38 28.65 -34.56
CA LYS D 49 -18.70 28.23 -34.12
C LYS D 49 -18.63 26.80 -33.65
N TYR D 50 -19.04 26.56 -32.41
CA TYR D 50 -19.15 25.22 -31.86
C TYR D 50 -20.63 24.94 -31.62
N THR D 51 -21.09 23.81 -32.15
CA THR D 51 -22.48 23.39 -32.05
CA THR D 51 -22.48 23.41 -31.98
C THR D 51 -22.55 21.97 -31.53
N TYR D 52 -23.58 21.68 -30.75
CA TYR D 52 -23.85 20.37 -30.16
C TYR D 52 -25.28 19.99 -30.50
N ILE D 53 -25.45 18.80 -31.06
CA ILE D 53 -26.76 18.25 -31.37
C ILE D 53 -26.94 16.95 -30.59
N PRO D 54 -27.85 16.88 -29.62
CA PRO D 54 -28.12 15.58 -28.97
C PRO D 54 -28.84 14.65 -29.92
N THR D 55 -28.49 13.36 -29.85
CA THR D 55 -29.05 12.37 -30.74
C THR D 55 -29.61 11.19 -29.97
N LEU D 56 -30.58 10.54 -30.59
CA LEU D 56 -31.21 9.33 -30.08
C LEU D 56 -31.84 8.64 -31.28
N CYS D 57 -32.61 7.59 -31.04
CA CYS D 57 -33.37 6.97 -32.11
C CYS D 57 -34.49 7.91 -32.53
N ASN D 58 -34.68 8.05 -33.84
CA ASN D 58 -35.70 8.94 -34.37
C ASN D 58 -37.05 8.26 -34.56
N HIS D 59 -37.15 6.99 -34.21
CA HIS D 59 -38.41 6.24 -34.25
C HIS D 59 -39.19 6.58 -35.53
N CYS D 60 -38.51 6.29 -36.64
CA CYS D 60 -38.85 6.81 -37.94
C CYS D 60 -40.19 6.32 -38.45
N ASP D 61 -40.82 7.15 -39.28
CA ASP D 61 -42.07 6.75 -39.95
C ASP D 61 -41.83 5.57 -40.89
N ASP D 62 -40.74 5.60 -41.65
CA ASP D 62 -40.39 4.56 -42.61
CA ASP D 62 -40.40 4.54 -42.59
C ASP D 62 -38.99 4.07 -42.22
N ALA D 63 -38.93 3.12 -41.29
CA ALA D 63 -37.68 2.77 -40.62
C ALA D 63 -36.93 1.67 -41.36
N PRO D 64 -35.75 1.94 -41.90
CA PRO D 64 -35.00 0.86 -42.57
C PRO D 64 -34.62 -0.26 -41.63
N CYS D 65 -34.37 0.03 -40.35
CA CYS D 65 -34.02 -1.02 -39.40
C CYS D 65 -35.11 -2.07 -39.29
N VAL D 66 -36.38 -1.64 -39.38
CA VAL D 66 -37.49 -2.58 -39.37
C VAL D 66 -37.56 -3.33 -40.69
N LYS D 67 -37.41 -2.62 -41.80
CA LYS D 67 -37.61 -3.26 -43.10
C LYS D 67 -36.55 -4.30 -43.41
N VAL D 68 -35.31 -4.11 -42.92
CA VAL D 68 -34.26 -5.06 -43.21
C VAL D 68 -34.22 -6.23 -42.23
N CYS D 69 -34.96 -6.17 -41.14
CA CYS D 69 -34.82 -7.20 -40.10
C CYS D 69 -35.38 -8.52 -40.59
N PRO D 70 -34.57 -9.57 -40.72
CA PRO D 70 -35.07 -10.81 -41.34
C PRO D 70 -36.03 -11.60 -40.47
N THR D 71 -36.01 -11.40 -39.15
CA THR D 71 -36.85 -12.15 -38.25
C THR D 71 -38.08 -11.39 -37.77
N GLY D 72 -38.18 -10.10 -38.08
CA GLY D 72 -39.23 -9.28 -37.51
C GLY D 72 -39.00 -8.85 -36.07
N ALA D 73 -37.81 -9.12 -35.51
CA ALA D 73 -37.53 -8.70 -34.14
C ALA D 73 -37.67 -7.19 -33.99
N MET D 74 -37.11 -6.44 -34.94
CA MET D 74 -37.28 -4.98 -34.96
C MET D 74 -38.60 -4.65 -35.62
N HIS D 75 -39.45 -3.88 -34.93
CA HIS D 75 -40.82 -3.68 -35.36
C HIS D 75 -41.33 -2.35 -34.84
N LYS D 76 -42.44 -1.89 -35.44
CA LYS D 76 -43.13 -0.70 -34.96
C LYS D 76 -44.25 -1.13 -34.01
N ASP D 77 -44.48 -0.34 -32.96
CA ASP D 77 -45.61 -0.60 -32.08
C ASP D 77 -46.73 0.40 -32.36
N LYS D 78 -47.80 0.31 -31.57
CA LYS D 78 -49.00 1.10 -31.82
C LYS D 78 -48.81 2.57 -31.50
N ARG D 79 -47.73 2.94 -30.83
CA ARG D 79 -47.39 4.33 -30.54
C ARG D 79 -46.49 4.95 -31.59
N GLY D 80 -46.13 4.20 -32.63
CA GLY D 80 -45.16 4.66 -33.59
C GLY D 80 -43.72 4.43 -33.19
N LEU D 81 -43.48 3.79 -32.06
CA LEU D 81 -42.11 3.54 -31.62
C LEU D 81 -41.49 2.40 -32.41
N THR D 82 -40.19 2.49 -32.64
CA THR D 82 -39.42 1.37 -33.16
C THR D 82 -38.86 0.62 -31.95
N LEU D 83 -39.36 -0.59 -31.73
CA LEU D 83 -38.93 -1.41 -30.62
C LEU D 83 -38.36 -2.71 -31.14
N GLN D 84 -37.78 -3.48 -30.23
CA GLN D 84 -37.11 -4.71 -30.59
C GLN D 84 -37.52 -5.80 -29.62
N ASN D 85 -37.98 -6.92 -30.15
CA ASN D 85 -38.08 -8.16 -29.39
C ASN D 85 -36.68 -8.76 -29.37
N ASN D 86 -35.94 -8.46 -28.31
CA ASN D 86 -34.52 -8.84 -28.24
C ASN D 86 -34.36 -10.36 -28.32
N ASP D 87 -35.31 -11.12 -27.80
CA ASP D 87 -35.22 -12.57 -27.88
C ASP D 87 -35.21 -13.07 -29.32
N GLU D 88 -35.84 -12.36 -30.24
CA GLU D 88 -35.88 -12.83 -31.63
C GLU D 88 -34.74 -12.26 -32.48
N CYS D 89 -33.82 -11.54 -31.87
CA CYS D 89 -32.66 -11.01 -32.59
C CYS D 89 -31.63 -12.10 -32.80
N ILE D 90 -31.25 -12.33 -34.06
CA ILE D 90 -30.26 -13.35 -34.41
C ILE D 90 -28.89 -12.75 -34.67
N GLY D 91 -28.70 -11.47 -34.37
CA GLY D 91 -27.38 -10.87 -34.48
C GLY D 91 -26.85 -10.73 -35.88
N CYS D 92 -27.74 -10.52 -36.86
CA CYS D 92 -27.31 -10.40 -38.26
C CYS D 92 -26.73 -9.03 -38.57
N LYS D 93 -26.97 -8.07 -37.69
CA LYS D 93 -26.46 -6.70 -37.74
C LYS D 93 -27.05 -5.85 -38.85
N LYS D 94 -28.04 -6.35 -39.60
CA LYS D 94 -28.50 -5.57 -40.74
C LYS D 94 -29.14 -4.25 -40.29
N CYS D 95 -29.85 -4.26 -39.17
CA CYS D 95 -30.48 -3.03 -38.70
C CYS D 95 -29.44 -1.95 -38.44
N MET D 96 -28.31 -2.32 -37.80
CA MET D 96 -27.29 -1.34 -37.48
C MET D 96 -26.76 -0.68 -38.73
N ASN D 97 -26.51 -1.47 -39.77
CA ASN D 97 -25.99 -0.94 -41.02
C ASN D 97 -27.03 -0.21 -41.83
N ALA D 98 -28.30 -0.64 -41.75
CA ALA D 98 -29.35 0.01 -42.53
C ALA D 98 -29.78 1.35 -41.93
N CYS D 99 -29.60 1.52 -40.63
CA CYS D 99 -30.01 2.76 -39.98
C CYS D 99 -29.14 3.90 -40.51
N PRO D 100 -29.71 4.93 -41.14
CA PRO D 100 -28.87 6.04 -41.64
C PRO D 100 -28.24 6.87 -40.54
N TYR D 101 -28.71 6.76 -39.30
CA TYR D 101 -28.27 7.64 -38.23
C TYR D 101 -27.20 7.01 -37.35
N GLY D 102 -26.92 5.72 -37.52
CA GLY D 102 -25.89 5.06 -36.74
C GLY D 102 -26.12 5.03 -35.25
N VAL D 103 -27.38 4.89 -34.81
CA VAL D 103 -27.70 4.92 -33.40
C VAL D 103 -27.89 3.54 -32.79
N ILE D 104 -27.72 2.47 -33.57
CA ILE D 104 -27.83 1.10 -33.08
C ILE D 104 -26.43 0.60 -32.71
N SER D 105 -26.32 -0.13 -31.60
CA SER D 105 -25.09 -0.74 -31.15
C SER D 105 -25.22 -2.26 -31.11
N PHE D 106 -24.08 -2.93 -31.18
CA PHE D 106 -23.99 -4.39 -31.17
C PHE D 106 -23.27 -4.84 -29.91
N ASN D 107 -23.85 -5.79 -29.19
CA ASN D 107 -23.21 -6.36 -28.01
C ASN D 107 -22.21 -7.42 -28.47
N ALA D 108 -21.05 -6.95 -28.91
CA ALA D 108 -19.98 -7.88 -29.26
C ALA D 108 -19.50 -8.64 -28.03
N ALA D 109 -19.45 -7.97 -26.88
CA ALA D 109 -19.10 -8.58 -25.61
C ALA D 109 -20.34 -8.77 -24.74
N THR D 110 -20.27 -9.76 -23.87
CA THR D 110 -21.25 -9.88 -22.79
C THR D 110 -21.18 -8.60 -21.96
N PRO D 111 -22.27 -7.85 -21.82
CA PRO D 111 -22.19 -6.57 -21.11
C PRO D 111 -21.68 -6.72 -19.68
N HIS D 112 -20.91 -5.73 -19.24
CA HIS D 112 -20.54 -5.57 -17.84
C HIS D 112 -19.55 -6.63 -17.38
N ARG D 113 -18.74 -7.12 -18.32
CA ARG D 113 -17.72 -8.12 -17.99
C ARG D 113 -16.69 -7.57 -17.02
N ARG D 114 -16.45 -6.25 -17.04
CA ARG D 114 -15.44 -5.68 -16.15
C ARG D 114 -15.82 -5.88 -14.68
N TRP D 115 -17.08 -6.16 -14.38
CA TRP D 115 -17.50 -6.35 -12.99
C TRP D 115 -17.19 -7.75 -12.46
N GLN D 116 -16.70 -8.66 -13.30
CA GLN D 116 -16.30 -9.98 -12.85
C GLN D 116 -14.86 -10.02 -12.33
N ASP D 117 -14.13 -8.93 -12.46
CA ASP D 117 -12.74 -8.85 -12.02
C ASP D 117 -12.65 -8.73 -10.49
N ASP D 118 -11.83 -9.58 -9.86
CA ASP D 118 -11.69 -9.54 -8.40
C ASP D 118 -10.35 -8.98 -7.95
N SER D 119 -9.57 -8.39 -8.84
CA SER D 119 -8.31 -7.78 -8.45
C SER D 119 -8.53 -6.48 -7.68
N GLU D 120 -7.58 -6.17 -6.80
CA GLU D 120 -7.64 -5.05 -5.86
C GLU D 120 -6.40 -4.18 -6.04
N VAL D 121 -6.57 -2.86 -6.12
CA VAL D 121 -5.40 -2.00 -6.31
C VAL D 121 -4.56 -1.95 -5.04
N VAL D 122 -5.19 -2.15 -3.87
CA VAL D 122 -4.47 -2.31 -2.61
C VAL D 122 -5.00 -3.60 -1.98
N ALA D 123 -4.17 -4.62 -1.97
CA ALA D 123 -4.61 -5.95 -1.54
C ALA D 123 -5.20 -5.88 -0.13
N ASN D 124 -6.35 -6.53 0.04
CA ASN D 124 -7.00 -6.62 1.34
C ASN D 124 -7.26 -5.25 1.95
N GLY D 125 -7.34 -4.22 1.10
CA GLY D 125 -7.53 -2.86 1.55
C GLY D 125 -8.63 -2.15 0.77
N THR D 126 -8.42 -1.98 -0.53
CA THR D 126 -9.49 -1.53 -1.41
C THR D 126 -10.27 -2.75 -1.88
N VAL D 127 -11.44 -2.52 -2.48
CA VAL D 127 -12.32 -3.60 -2.88
C VAL D 127 -12.04 -3.99 -4.33
N SER D 128 -13.02 -4.56 -5.00
CA SER D 128 -12.85 -4.98 -6.39
C SER D 128 -14.22 -4.94 -7.05
N PRO D 129 -14.27 -4.94 -8.38
CA PRO D 129 -15.59 -4.98 -9.04
C PRO D 129 -16.43 -6.16 -8.61
N LEU D 130 -15.84 -7.37 -8.54
CA LEU D 130 -16.61 -8.53 -8.14
C LEU D 130 -17.09 -8.42 -6.71
N MET D 131 -16.23 -7.92 -5.81
CA MET D 131 -16.60 -7.83 -4.40
C MET D 131 -17.72 -6.83 -4.21
N LEU D 132 -17.67 -5.71 -4.93
CA LEU D 132 -18.75 -4.72 -4.88
C LEU D 132 -20.04 -5.30 -5.46
N LEU D 133 -19.93 -6.04 -6.55
CA LEU D 133 -21.10 -6.71 -7.11
C LEU D 133 -21.76 -7.60 -6.08
N LYS D 134 -20.97 -8.43 -5.40
CA LYS D 134 -21.53 -9.34 -4.40
C LYS D 134 -22.12 -8.55 -3.23
N ARG D 135 -21.42 -7.51 -2.79
CA ARG D 135 -21.89 -6.75 -1.64
C ARG D 135 -23.25 -6.12 -1.90
N THR D 136 -23.46 -5.59 -3.11
CA THR D 136 -24.71 -4.87 -3.38
C THR D 136 -25.86 -5.81 -3.76
N GLY D 137 -25.56 -7.06 -4.09
CA GLY D 137 -26.59 -7.99 -4.52
C GLY D 137 -27.02 -7.87 -5.97
N ALA D 138 -26.33 -7.05 -6.77
CA ALA D 138 -26.69 -6.93 -8.17
C ALA D 138 -26.20 -8.14 -8.96
N THR D 139 -26.79 -8.34 -10.12
CA THR D 139 -26.46 -9.49 -10.95
C THR D 139 -25.28 -9.24 -11.88
N ALA D 140 -25.23 -8.07 -12.54
CA ALA D 140 -24.18 -7.76 -13.51
C ALA D 140 -23.39 -6.51 -13.17
N THR D 141 -24.03 -5.46 -12.67
CA THR D 141 -23.33 -4.25 -12.30
C THR D 141 -24.08 -3.63 -11.13
N PRO D 142 -23.38 -3.05 -10.16
CA PRO D 142 -24.08 -2.41 -9.05
C PRO D 142 -24.98 -1.29 -9.50
N ASN D 143 -24.79 -0.78 -10.72
CA ASN D 143 -25.58 0.33 -11.26
C ASN D 143 -26.77 -0.13 -12.09
N GLU D 144 -27.11 -1.42 -12.08
CA GLU D 144 -28.15 -1.92 -12.95
C GLU D 144 -29.54 -1.51 -12.47
N ASN D 145 -30.35 -0.99 -13.40
CA ASN D 145 -31.71 -0.56 -13.10
C ASN D 145 -32.69 -1.70 -13.39
N PRO D 146 -33.30 -2.31 -12.36
CA PRO D 146 -34.25 -3.41 -12.63
C PRO D 146 -35.51 -2.97 -13.38
N GLU D 147 -35.85 -1.68 -13.34
CA GLU D 147 -37.03 -1.21 -14.06
C GLU D 147 -36.96 -1.54 -15.55
N ARG D 148 -35.75 -1.50 -16.10
CA ARG D 148 -35.56 -1.76 -17.52
C ARG D 148 -36.15 -3.08 -17.94
N GLY D 149 -36.13 -4.07 -17.04
CA GLY D 149 -36.60 -5.41 -17.35
C GLY D 149 -38.10 -5.52 -17.56
N ASP D 150 -38.85 -4.44 -17.33
CA ASP D 150 -40.30 -4.49 -17.50
C ASP D 150 -40.70 -4.88 -18.92
N THR D 151 -39.94 -4.43 -19.92
CA THR D 151 -40.32 -4.57 -21.32
C THR D 151 -39.17 -5.02 -22.21
N TYR D 152 -37.99 -5.27 -21.66
CA TYR D 152 -36.78 -5.44 -22.45
C TYR D 152 -35.77 -6.07 -21.51
N PRO D 153 -34.79 -6.83 -21.99
CA PRO D 153 -33.83 -7.43 -21.07
C PRO D 153 -33.12 -6.33 -20.27
N MET D 154 -33.10 -6.50 -18.94
CA MET D 154 -32.33 -5.58 -18.11
C MET D 154 -30.88 -5.53 -18.56
N ILE D 155 -30.30 -6.68 -18.88
CA ILE D 155 -28.96 -6.82 -19.43
C ILE D 155 -29.13 -7.57 -20.74
N ARG D 156 -28.67 -6.99 -21.84
CA ARG D 156 -28.87 -7.68 -23.10
C ARG D 156 -27.80 -8.75 -23.30
N PRO D 157 -28.12 -9.82 -24.02
CA PRO D 157 -27.10 -10.82 -24.33
C PRO D 157 -26.13 -10.37 -25.40
N LYS D 158 -24.93 -10.94 -25.35
CA LYS D 158 -23.99 -10.84 -26.46
C LYS D 158 -24.66 -11.30 -27.75
N ARG D 159 -24.21 -10.71 -28.87
CA ARG D 159 -24.70 -11.01 -30.21
C ARG D 159 -26.11 -10.49 -30.47
N THR D 160 -26.57 -9.48 -29.74
CA THR D 160 -27.79 -8.77 -30.09
C THR D 160 -27.48 -7.28 -30.26
N THR D 161 -28.32 -6.62 -31.04
CA THR D 161 -28.28 -5.17 -31.20
C THR D 161 -29.23 -4.50 -30.21
N GLU D 162 -29.05 -3.19 -30.05
CA GLU D 162 -29.89 -2.42 -29.15
C GLU D 162 -29.76 -0.94 -29.47
N LYS D 163 -30.76 -0.18 -29.03
CA LYS D 163 -30.86 1.24 -29.29
C LYS D 163 -31.90 1.84 -28.35
N CYS D 164 -32.01 3.17 -28.41
CA CYS D 164 -33.02 3.91 -27.68
C CYS D 164 -34.41 3.31 -27.91
N THR D 165 -35.12 3.05 -26.81
CA THR D 165 -36.48 2.54 -26.84
C THR D 165 -37.50 3.61 -26.50
N PHE D 166 -37.09 4.87 -26.49
CA PHE D 166 -37.94 5.98 -26.08
C PHE D 166 -38.42 5.81 -24.63
N CYS D 167 -37.64 5.08 -23.82
CA CYS D 167 -38.03 4.76 -22.45
C CYS D 167 -39.47 4.24 -22.41
N ASP D 168 -39.76 3.34 -23.34
CA ASP D 168 -41.10 2.77 -23.44
C ASP D 168 -41.61 2.24 -22.11
N HIS D 169 -40.71 1.66 -21.29
CA HIS D 169 -41.12 1.13 -20.00
C HIS D 169 -41.57 2.24 -19.05
N ARG D 170 -40.98 3.43 -19.18
CA ARG D 170 -41.43 4.56 -18.38
C ARG D 170 -42.75 5.10 -18.93
N LEU D 171 -42.87 5.21 -20.25
CA LEU D 171 -44.14 5.64 -20.84
C LEU D 171 -45.28 4.73 -20.40
N ASP D 172 -45.02 3.42 -20.31
CA ASP D 172 -46.07 2.49 -19.88
C ASP D 172 -46.66 2.85 -18.52
N LYS D 173 -45.85 3.48 -17.66
CA LYS D 173 -46.30 3.87 -16.32
C LYS D 173 -46.72 5.33 -16.25
N GLY D 174 -46.78 6.02 -17.39
CA GLY D 174 -47.13 7.43 -17.37
C GLY D 174 -46.01 8.34 -16.97
N LEU D 175 -44.78 7.86 -16.98
CA LEU D 175 -43.63 8.63 -16.55
C LEU D 175 -42.86 9.14 -17.77
N ASN D 176 -41.89 10.01 -17.51
CA ASN D 176 -41.16 10.62 -18.60
C ASN D 176 -39.91 9.82 -18.92
N PRO D 177 -39.41 9.93 -20.15
CA PRO D 177 -38.08 9.40 -20.46
C PRO D 177 -37.04 9.99 -19.53
N ALA D 178 -36.03 9.18 -19.22
CA ALA D 178 -34.99 9.61 -18.30
C ALA D 178 -34.29 10.87 -18.80
N CYS D 179 -34.00 10.93 -20.11
CA CYS D 179 -33.29 12.08 -20.67
C CYS D 179 -34.12 13.35 -20.57
N VAL D 180 -35.44 13.23 -20.64
CA VAL D 180 -36.32 14.38 -20.52
C VAL D 180 -36.26 14.96 -19.11
N ASP D 181 -36.40 14.11 -18.09
CA ASP D 181 -36.28 14.57 -16.71
C ASP D 181 -34.88 15.07 -16.40
N ALA D 182 -33.86 14.58 -17.11
CA ALA D 182 -32.48 14.89 -16.78
C ALA D 182 -32.02 16.24 -17.33
N CYS D 183 -32.78 16.84 -18.22
CA CYS D 183 -32.32 18.03 -18.92
C CYS D 183 -32.55 19.27 -18.07
N PRO D 184 -31.51 20.04 -17.72
CA PRO D 184 -31.71 21.12 -16.76
C PRO D 184 -32.59 22.24 -17.29
N SER D 185 -32.64 22.42 -18.60
CA SER D 185 -33.40 23.51 -19.21
C SER D 185 -34.72 23.04 -19.84
N GLU D 186 -35.11 21.79 -19.61
CA GLU D 186 -36.32 21.25 -20.22
C GLU D 186 -36.28 21.44 -21.73
N ALA D 187 -35.11 21.23 -22.32
CA ALA D 187 -34.95 21.41 -23.75
C ALA D 187 -35.66 20.33 -24.54
N ARG D 188 -35.94 19.18 -23.91
CA ARG D 188 -36.50 18.02 -24.59
C ARG D 188 -37.96 17.85 -24.18
N VAL D 189 -38.84 17.76 -25.18
CA VAL D 189 -40.27 17.55 -24.97
C VAL D 189 -40.73 16.44 -25.91
N ILE D 190 -41.56 15.53 -25.39
CA ILE D 190 -42.10 14.44 -26.20
C ILE D 190 -43.62 14.56 -26.25
N GLY D 191 -44.20 13.91 -27.25
CA GLY D 191 -45.64 13.90 -27.39
C GLY D 191 -46.04 13.22 -28.69
N ASP D 192 -47.36 13.23 -28.92
CA ASP D 192 -47.95 12.60 -30.09
C ASP D 192 -48.02 13.62 -31.22
N LEU D 193 -47.23 13.39 -32.28
CA LEU D 193 -47.21 14.29 -33.42
C LEU D 193 -48.49 14.21 -34.26
N ASP D 194 -49.27 13.14 -34.10
CA ASP D 194 -50.57 13.05 -34.75
C ASP D 194 -51.66 13.80 -34.00
N ASP D 195 -51.36 14.32 -32.80
CA ASP D 195 -52.31 15.15 -32.05
C ASP D 195 -52.02 16.62 -32.31
N PRO D 196 -52.88 17.34 -33.04
CA PRO D 196 -52.57 18.75 -33.34
C PRO D 196 -52.43 19.64 -32.11
N GLN D 197 -52.94 19.21 -30.95
CA GLN D 197 -52.87 20.01 -29.73
C GLN D 197 -51.70 19.63 -28.83
N SER D 198 -50.93 18.59 -29.16
CA SER D 198 -49.79 18.26 -28.33
C SER D 198 -48.77 19.39 -28.37
N LYS D 199 -48.01 19.53 -27.27
CA LYS D 199 -46.97 20.54 -27.24
C LYS D 199 -45.98 20.36 -28.40
N VAL D 200 -45.59 19.10 -28.69
CA VAL D 200 -44.63 18.88 -29.76
C VAL D 200 -45.21 19.32 -31.11
N SER D 201 -46.49 19.02 -31.35
CA SER D 201 -47.10 19.45 -32.61
C SER D 201 -47.12 20.96 -32.72
N GLN D 202 -47.37 21.66 -31.62
CA GLN D 202 -47.39 23.12 -31.65
C GLN D 202 -45.98 23.67 -31.81
N LEU D 203 -44.99 23.06 -31.16
CA LEU D 203 -43.63 23.60 -31.22
C LEU D 203 -43.11 23.63 -32.65
N ILE D 204 -43.39 22.59 -33.44
CA ILE D 204 -42.83 22.54 -34.79
C ILE D 204 -43.64 23.39 -35.75
N LYS D 205 -44.78 23.94 -35.31
CA LYS D 205 -45.48 24.96 -36.07
C LYS D 205 -45.05 26.37 -35.65
N LEU D 206 -44.68 26.54 -34.38
CA LEU D 206 -44.18 27.83 -33.91
C LEU D 206 -42.78 28.12 -34.41
N HIS D 207 -41.98 27.08 -34.64
CA HIS D 207 -40.61 27.20 -35.12
C HIS D 207 -40.42 26.36 -36.38
N LYS D 208 -39.49 26.78 -37.23
CA LYS D 208 -39.08 25.99 -38.39
C LYS D 208 -38.19 24.86 -37.88
N PRO D 209 -38.66 23.63 -37.87
CA PRO D 209 -37.86 22.55 -37.28
C PRO D 209 -36.80 22.04 -38.24
N MET D 210 -35.73 21.51 -37.66
CA MET D 210 -34.68 20.84 -38.41
C MET D 210 -34.74 19.37 -38.06
N GLN D 211 -34.48 18.52 -39.05
CA GLN D 211 -34.38 17.09 -38.84
C GLN D 211 -33.01 16.63 -39.31
N LEU D 212 -32.55 15.52 -38.75
CA LEU D 212 -31.31 14.91 -39.21
C LEU D 212 -31.57 14.08 -40.47
N LYS D 213 -30.64 14.17 -41.43
CA LYS D 213 -30.67 13.41 -42.67
C LYS D 213 -32.07 13.23 -43.24
N PRO D 214 -32.81 14.31 -43.42
CA PRO D 214 -34.15 14.18 -44.00
C PRO D 214 -34.12 13.57 -45.39
N GLU D 215 -33.02 13.76 -46.12
CA GLU D 215 -32.89 13.21 -47.46
C GLU D 215 -32.91 11.68 -47.48
N ALA D 216 -32.65 11.04 -46.34
CA ALA D 216 -32.70 9.58 -46.31
C ALA D 216 -34.12 9.07 -46.46
N GLY D 217 -35.12 9.91 -46.27
CA GLY D 217 -36.49 9.52 -46.50
C GLY D 217 -37.13 8.67 -45.43
N THR D 218 -36.58 8.65 -44.22
CA THR D 218 -37.11 7.80 -43.16
C THR D 218 -38.23 8.45 -42.35
N GLY D 219 -38.41 9.76 -42.47
CA GLY D 219 -39.41 10.45 -41.69
C GLY D 219 -39.09 10.40 -40.21
N PRO D 220 -37.92 10.92 -39.84
CA PRO D 220 -37.52 10.92 -38.43
C PRO D 220 -38.49 11.77 -37.63
N ARG D 221 -38.64 11.41 -36.35
CA ARG D 221 -39.59 12.10 -35.48
C ARG D 221 -38.94 12.75 -34.27
N VAL D 222 -37.64 13.03 -34.37
CA VAL D 222 -36.97 13.98 -33.49
C VAL D 222 -36.79 15.27 -34.27
N PHE D 223 -37.30 16.37 -33.73
CA PHE D 223 -37.24 17.67 -34.36
C PHE D 223 -36.41 18.62 -33.52
N TYR D 224 -35.56 19.41 -34.16
CA TYR D 224 -34.72 20.40 -33.49
C TYR D 224 -35.21 21.80 -33.84
N ILE D 225 -35.39 22.64 -32.81
CA ILE D 225 -35.84 24.00 -33.03
C ILE D 225 -34.80 24.97 -32.51
N ARG D 226 -34.76 26.15 -33.15
CA ARG D 226 -33.81 27.20 -32.83
CA ARG D 226 -33.82 27.20 -32.84
C ARG D 226 -32.39 26.72 -33.08
N SER D 227 -31.41 27.41 -32.51
CA SER D 227 -30.00 27.16 -32.81
C SER D 227 -29.19 27.14 -31.53
N PHE D 228 -28.13 26.32 -31.52
CA PHE D 228 -27.28 26.20 -30.35
C PHE D 228 -26.58 27.52 -30.06
N GLY D 229 -26.12 28.21 -31.10
CA GLY D 229 -25.49 29.50 -30.94
C GLY D 229 -26.44 30.64 -31.30
N VAL D 230 -25.96 31.86 -31.09
CA VAL D 230 -26.75 33.06 -31.35
C VAL D 230 -25.94 34.02 -32.22
N LYS D 231 -26.65 35.00 -32.81
CA LYS D 231 -26.00 35.89 -33.75
C LYS D 231 -24.90 36.70 -33.09
N THR D 232 -23.76 36.76 -33.75
CA THR D 232 -22.58 37.42 -33.21
C THR D 232 -22.78 38.93 -33.23
N ALA D 233 -22.52 39.57 -32.10
CA ALA D 233 -22.64 41.02 -32.02
C ALA D 233 -21.30 41.68 -32.40
N TYR D 234 -21.34 43.01 -32.48
CA TYR D 234 -20.12 43.79 -32.70
C TYR D 234 -19.42 43.37 -33.99
#